data_5VPJ
#
_entry.id   5VPJ
#
_cell.length_a   105.680
_cell.length_b   96.358
_cell.length_c   114.160
_cell.angle_alpha   90.00
_cell.angle_beta   99.16
_cell.angle_gamma   90.00
#
_symmetry.space_group_name_H-M   'P 1 21 1'
#
loop_
_entity.id
_entity.type
_entity.pdbx_description
1 polymer Thioesterase
2 non-polymer 'CHLORIDE ION'
3 non-polymer 'TETRAETHYLENE GLYCOL'
4 water water
#
_entity_poly.entity_id   1
_entity_poly.type   'polypeptide(L)'
_entity_poly.pdbx_seq_one_letter_code
;SNA(MSE)RAYFEYRHLVTFADTNLVGNVYFTNYLSWQGACRERFLAEKAPKTVAR(MSE)HDDLALVTSSCSCEFFSEL
YALDTVSVR(MSE)SLVGIDFHQIT(MSE)GFEYYRVTDGPARLVARGEQTVACTLRAEDGLTPVEVPDELRTALDAYAP
DPHGALRPRSETPPR
;
_entity_poly.pdbx_strand_id   A,B,C,D,E,F,G,H,I,J,K,L
#
# COMPACT_ATOMS: atom_id res chain seq x y z
N ARG A 5 -4.09 -15.32 -0.60
CA ARG A 5 -3.86 -15.88 -1.93
C ARG A 5 -3.07 -17.18 -1.86
N ALA A 6 -2.36 -17.48 -2.93
CA ALA A 6 -1.56 -18.71 -3.02
C ALA A 6 -0.11 -18.45 -2.64
N TYR A 7 0.19 -17.22 -2.21
CA TYR A 7 1.53 -16.86 -1.81
C TYR A 7 1.55 -15.73 -0.78
N PHE A 8 2.58 -15.70 0.05
CA PHE A 8 2.82 -14.58 0.95
C PHE A 8 3.74 -13.59 0.26
N GLU A 9 3.35 -12.32 0.24
CA GLU A 9 4.09 -11.32 -0.51
C GLU A 9 4.97 -10.42 0.35
N TYR A 10 6.18 -10.16 -0.15
CA TYR A 10 7.07 -9.17 0.44
C TYR A 10 7.46 -8.15 -0.62
N ARG A 11 7.03 -6.91 -0.44
CA ARG A 11 7.29 -5.86 -1.41
C ARG A 11 8.47 -5.01 -0.97
N HIS A 12 9.39 -4.76 -1.91
CA HIS A 12 10.61 -4.03 -1.60
C HIS A 12 10.97 -3.03 -2.69
N LEU A 13 11.25 -1.79 -2.28
CA LEU A 13 11.74 -0.79 -3.19
C LEU A 13 13.26 -0.89 -3.30
N VAL A 14 13.75 -1.17 -4.49
CA VAL A 14 15.18 -1.27 -4.71
C VAL A 14 15.85 0.10 -4.61
N THR A 15 16.72 0.26 -3.62
CA THR A 15 17.45 1.50 -3.45
C THR A 15 18.89 1.33 -3.89
N PHE A 16 19.68 2.40 -3.78
CA PHE A 16 21.04 2.41 -4.32
C PHE A 16 21.96 1.38 -3.68
N ALA A 17 21.72 1.07 -2.41
CA ALA A 17 22.56 0.12 -1.69
C ALA A 17 22.40 -1.30 -2.24
N ASP A 18 21.26 -1.56 -2.89
CA ASP A 18 20.98 -2.86 -3.47
C ASP A 18 21.76 -3.06 -4.77
N THR A 19 22.15 -1.96 -5.40
CA THR A 19 22.82 -2.02 -6.70
C THR A 19 24.35 -2.05 -6.54
N ASN A 20 25.03 -2.49 -7.59
CA ASN A 20 26.49 -2.40 -7.65
C ASN A 20 26.92 -1.51 -8.80
N LEU A 21 28.22 -1.48 -9.08
CA LEU A 21 28.78 -0.57 -10.08
C LEU A 21 28.21 -0.76 -11.48
N VAL A 22 27.70 -1.96 -11.75
CA VAL A 22 27.12 -2.26 -13.05
C VAL A 22 25.81 -1.52 -13.26
N GLY A 23 24.97 -1.50 -12.22
CA GLY A 23 23.71 -0.80 -12.28
C GLY A 23 22.55 -1.67 -11.85
N ASN A 24 22.78 -2.98 -11.82
CA ASN A 24 21.76 -3.93 -11.41
C ASN A 24 21.87 -4.31 -9.93
N VAL A 25 20.87 -5.02 -9.43
CA VAL A 25 20.90 -5.49 -8.05
C VAL A 25 21.92 -6.60 -7.86
N TYR A 26 22.79 -6.44 -6.87
CA TYR A 26 23.76 -7.48 -6.55
C TYR A 26 23.03 -8.75 -6.12
N PHE A 27 23.53 -9.90 -6.57
CA PHE A 27 22.79 -11.16 -6.49
C PHE A 27 22.45 -11.59 -5.06
N THR A 28 23.30 -11.22 -4.10
CA THR A 28 23.09 -11.62 -2.71
C THR A 28 21.81 -11.03 -2.12
N ASN A 29 21.38 -9.89 -2.66
CA ASN A 29 20.17 -9.22 -2.18
C ASN A 29 18.91 -10.05 -2.40
N TYR A 30 18.93 -10.87 -3.44
CA TYR A 30 17.80 -11.77 -3.73
C TYR A 30 17.61 -12.77 -2.60
N LEU A 31 18.72 -13.16 -1.98
CA LEU A 31 18.70 -14.09 -0.85
C LEU A 31 18.30 -13.35 0.43
N SER A 32 18.73 -12.11 0.55
CA SER A 32 18.37 -11.26 1.69
C SER A 32 16.86 -11.08 1.77
N TRP A 33 16.24 -11.01 0.60
CA TRP A 33 14.79 -10.82 0.49
C TRP A 33 14.04 -12.08 0.92
N GLN A 34 14.65 -13.24 0.71
CA GLN A 34 14.07 -14.50 1.18
C GLN A 34 13.97 -14.48 2.69
N GLY A 35 15.03 -14.01 3.34
CA GLY A 35 15.07 -13.92 4.79
C GLY A 35 14.07 -12.91 5.33
N ALA A 36 14.01 -11.76 4.69
CA ALA A 36 13.07 -10.71 5.10
C ALA A 36 11.63 -11.19 4.94
N CYS A 37 11.37 -11.94 3.88
CA CYS A 37 10.03 -12.43 3.58
C CYS A 37 9.58 -13.51 4.56
N ARG A 38 10.46 -14.48 4.82
CA ARG A 38 10.14 -15.59 5.71
C ARG A 38 9.93 -15.11 7.15
N GLU A 39 10.67 -14.07 7.54
CA GLU A 39 10.63 -13.58 8.91
C GLU A 39 9.48 -12.60 9.10
N ARG A 40 9.08 -11.94 8.03
CA ARG A 40 7.88 -11.11 8.04
C ARG A 40 6.66 -12.01 8.15
N PHE A 41 6.71 -13.14 7.44
CA PHE A 41 5.66 -14.16 7.49
C PHE A 41 5.50 -14.70 8.91
N LEU A 42 6.62 -15.02 9.55
CA LEU A 42 6.61 -15.54 10.90
C LEU A 42 5.99 -14.54 11.88
N ALA A 43 6.32 -13.26 11.71
CA ALA A 43 5.84 -12.21 12.59
C ALA A 43 4.33 -12.03 12.49
N GLU A 44 3.78 -12.27 11.31
CA GLU A 44 2.37 -12.01 11.05
C GLU A 44 1.49 -13.25 11.16
N LYS A 45 2.04 -14.42 10.83
CA LYS A 45 1.25 -15.63 10.73
C LYS A 45 1.55 -16.65 11.83
N ALA A 46 2.71 -16.54 12.46
CA ALA A 46 3.08 -17.45 13.54
C ALA A 46 3.80 -16.76 14.69
N PRO A 47 3.07 -15.89 15.43
CA PRO A 47 3.68 -15.14 16.53
C PRO A 47 4.10 -16.03 17.71
N LYS A 48 3.34 -17.10 17.97
CA LYS A 48 3.64 -18.00 19.08
C LYS A 48 4.88 -18.84 18.77
N THR A 49 5.09 -19.16 17.50
CA THR A 49 6.27 -19.88 17.06
C THR A 49 7.51 -19.01 17.25
N VAL A 50 7.38 -17.74 16.92
CA VAL A 50 8.45 -16.76 17.13
C VAL A 50 8.82 -16.70 18.61
N ALA A 51 7.81 -16.76 19.47
CA ALA A 51 8.01 -16.71 20.90
C ALA A 51 8.80 -17.93 21.39
N ARG A 52 8.62 -19.06 20.73
CA ARG A 52 9.32 -20.29 21.09
C ARG A 52 10.80 -20.21 20.76
N HIS A 54 12.83 -17.80 21.27
CA HIS A 54 13.58 -17.15 22.34
C HIS A 54 13.77 -18.11 23.51
N ASP A 55 13.27 -19.33 23.36
CA ASP A 55 13.37 -20.34 24.41
C ASP A 55 14.17 -21.56 23.96
N ASP A 56 13.48 -22.53 23.37
CA ASP A 56 14.11 -23.79 23.01
C ASP A 56 14.06 -24.09 21.52
N LEU A 57 13.10 -23.50 20.82
CA LEU A 57 12.94 -23.77 19.39
C LEU A 57 13.99 -23.06 18.56
N ALA A 58 14.49 -23.74 17.53
CA ALA A 58 15.49 -23.17 16.65
C ALA A 58 15.24 -23.54 15.19
N LEU A 59 15.03 -22.54 14.36
CA LEU A 59 14.86 -22.75 12.92
C LEU A 59 16.18 -22.53 12.19
N VAL A 60 16.78 -23.62 11.75
CA VAL A 60 18.09 -23.57 11.10
C VAL A 60 17.96 -23.71 9.58
N THR A 61 18.57 -22.79 8.84
CA THR A 61 18.60 -22.88 7.39
C THR A 61 19.56 -23.98 6.96
N SER A 62 19.02 -24.99 6.27
CA SER A 62 19.84 -26.12 5.84
C SER A 62 20.39 -25.92 4.43
N SER A 63 19.64 -25.17 3.61
CA SER A 63 20.07 -24.87 2.25
C SER A 63 19.25 -23.72 1.66
N CYS A 64 19.81 -23.06 0.65
CA CYS A 64 19.10 -22.01 -0.07
C CYS A 64 19.63 -21.92 -1.50
N SER A 65 18.84 -21.34 -2.38
CA SER A 65 19.25 -21.19 -3.77
C SER A 65 18.40 -20.12 -4.48
N CYS A 66 18.90 -19.64 -5.61
CA CYS A 66 18.17 -18.67 -6.41
C CYS A 66 18.60 -18.75 -7.88
N GLU A 67 17.64 -18.57 -8.77
CA GLU A 67 17.90 -18.59 -10.20
C GLU A 67 17.52 -17.25 -10.82
N PHE A 68 18.44 -16.65 -11.55
CA PHE A 68 18.23 -15.30 -12.06
C PHE A 68 17.95 -15.27 -13.56
N PHE A 69 16.80 -14.72 -13.93
CA PHE A 69 16.35 -14.70 -15.32
C PHE A 69 16.66 -13.36 -15.99
N SER A 70 16.23 -12.28 -15.34
CA SER A 70 16.51 -10.94 -15.82
C SER A 70 16.84 -10.02 -14.65
N GLU A 71 17.49 -8.90 -14.95
CA GLU A 71 18.04 -8.02 -13.93
C GLU A 71 17.03 -7.05 -13.32
N LEU A 72 17.25 -6.70 -12.06
CA LEU A 72 16.51 -5.64 -11.40
C LEU A 72 17.39 -4.40 -11.30
N TYR A 73 16.78 -3.23 -11.26
CA TYR A 73 17.55 -1.98 -11.24
C TYR A 73 17.10 -1.06 -10.11
N ALA A 74 17.81 0.04 -9.93
CA ALA A 74 17.50 0.99 -8.88
C ALA A 74 16.10 1.57 -9.06
N LEU A 75 15.41 1.79 -7.95
CA LEU A 75 14.07 2.36 -7.89
C LEU A 75 13.02 1.45 -8.55
N ASP A 76 13.39 0.21 -8.80
CA ASP A 76 12.42 -0.82 -9.17
C ASP A 76 11.65 -1.23 -7.92
N THR A 77 10.43 -1.71 -8.10
CA THR A 77 9.69 -2.32 -7.00
C THR A 77 9.59 -3.81 -7.27
N VAL A 78 10.12 -4.62 -6.35
CA VAL A 78 10.12 -6.06 -6.53
C VAL A 78 9.10 -6.71 -5.61
N SER A 79 8.35 -7.66 -6.16
CA SER A 79 7.37 -8.42 -5.38
C SER A 79 7.91 -9.83 -5.12
N VAL A 80 8.34 -10.08 -3.89
CA VAL A 80 8.84 -11.39 -3.52
C VAL A 80 7.69 -12.27 -3.02
N ARG A 81 7.41 -13.33 -3.78
CA ARG A 81 6.23 -14.15 -3.50
C ARG A 81 6.62 -15.53 -3.01
N SER A 83 5.78 -19.25 -1.46
CA SER A 83 4.79 -20.32 -1.39
C SER A 83 5.39 -21.56 -0.74
N LEU A 84 4.53 -22.44 -0.22
CA LEU A 84 4.99 -23.68 0.39
C LEU A 84 5.27 -24.73 -0.67
N VAL A 85 6.48 -25.28 -0.65
CA VAL A 85 6.85 -26.34 -1.59
C VAL A 85 6.59 -27.70 -0.95
N GLY A 86 6.95 -27.86 0.31
CA GLY A 86 6.72 -29.10 1.02
C GLY A 86 7.18 -29.10 2.46
N ILE A 87 6.64 -30.02 3.25
CA ILE A 87 7.05 -30.21 4.64
C ILE A 87 7.41 -31.67 4.90
N ASP A 88 8.63 -31.90 5.37
CA ASP A 88 9.08 -33.26 5.66
C ASP A 88 9.40 -33.39 7.15
N PHE A 89 8.38 -33.77 7.92
CA PHE A 89 8.46 -33.88 9.38
C PHE A 89 8.92 -32.56 10.02
N HIS A 90 10.22 -32.33 10.03
CA HIS A 90 10.77 -31.15 10.70
C HIS A 90 11.34 -30.14 9.71
N GLN A 91 11.40 -30.51 8.45
CA GLN A 91 11.98 -29.64 7.43
C GLN A 91 10.92 -28.95 6.57
N ILE A 92 11.08 -27.64 6.40
CA ILE A 92 10.16 -26.85 5.61
C ILE A 92 10.87 -26.28 4.38
N THR A 93 10.30 -26.55 3.20
CA THR A 93 10.86 -26.02 1.96
C THR A 93 9.97 -24.93 1.38
N GLY A 95 9.32 -21.85 -1.58
CA GLY A 95 9.63 -21.41 -2.93
C GLY A 95 9.42 -19.92 -3.06
N PHE A 96 10.31 -19.26 -3.79
CA PHE A 96 10.23 -17.81 -3.97
C PHE A 96 10.18 -17.42 -5.44
N GLU A 97 9.23 -16.56 -5.79
CA GLU A 97 9.18 -15.99 -7.13
C GLU A 97 9.34 -14.48 -7.07
N TYR A 98 10.27 -13.97 -7.87
CA TYR A 98 10.60 -12.54 -7.86
C TYR A 98 9.97 -11.84 -9.06
N TYR A 99 9.15 -10.82 -8.78
CA TYR A 99 8.47 -10.08 -9.85
C TYR A 99 8.81 -8.60 -9.83
N ARG A 100 9.14 -8.06 -10.99
CA ARG A 100 9.16 -6.62 -11.17
C ARG A 100 7.73 -6.12 -11.36
N VAL A 101 7.29 -5.26 -10.44
CA VAL A 101 5.95 -4.70 -10.50
C VAL A 101 6.00 -3.18 -10.54
N THR A 102 7.12 -2.66 -11.02
CA THR A 102 7.40 -1.22 -11.01
C THR A 102 6.31 -0.38 -11.64
N ASP A 103 6.12 -0.53 -12.96
CA ASP A 103 5.16 0.28 -13.69
C ASP A 103 3.73 -0.24 -13.50
N GLY A 104 3.59 -1.35 -12.80
CA GLY A 104 2.29 -1.98 -12.65
C GLY A 104 2.31 -3.43 -13.07
N PRO A 105 2.52 -3.70 -14.38
CA PRO A 105 2.62 -5.06 -14.89
C PRO A 105 3.70 -5.88 -14.18
N ALA A 106 3.37 -7.13 -13.87
CA ALA A 106 4.27 -8.01 -13.15
C ALA A 106 5.03 -8.93 -14.12
N ARG A 107 6.35 -8.96 -13.97
CA ARG A 107 7.18 -9.82 -14.79
C ARG A 107 8.17 -10.62 -13.93
N LEU A 108 8.18 -11.93 -14.13
CA LEU A 108 9.07 -12.80 -13.39
C LEU A 108 10.53 -12.55 -13.78
N VAL A 109 11.37 -12.26 -12.79
CA VAL A 109 12.78 -11.96 -13.05
C VAL A 109 13.71 -12.97 -12.38
N ALA A 110 13.19 -13.68 -11.39
CA ALA A 110 13.99 -14.66 -10.67
C ALA A 110 13.13 -15.67 -9.91
N ARG A 111 13.73 -16.81 -9.57
CA ARG A 111 13.05 -17.84 -8.79
C ARG A 111 14.03 -18.49 -7.82
N GLY A 112 13.63 -18.58 -6.55
CA GLY A 112 14.51 -19.14 -5.53
C GLY A 112 13.85 -20.21 -4.69
N GLU A 113 14.60 -20.73 -3.74
CA GLU A 113 14.12 -21.78 -2.85
C GLU A 113 15.08 -21.96 -1.67
N GLN A 114 14.53 -22.23 -0.48
CA GLN A 114 15.36 -22.53 0.68
C GLN A 114 14.65 -23.50 1.62
N THR A 115 15.42 -24.18 2.45
CA THR A 115 14.88 -25.17 3.38
C THR A 115 15.30 -24.86 4.82
N VAL A 116 14.34 -24.83 5.73
CA VAL A 116 14.63 -24.62 7.14
C VAL A 116 14.25 -25.84 7.96
N ALA A 117 15.03 -26.12 9.00
CA ALA A 117 14.79 -27.26 9.86
C ALA A 117 14.40 -26.83 11.27
N CYS A 118 13.32 -27.40 11.78
CA CYS A 118 12.88 -27.13 13.15
C CYS A 118 13.60 -28.06 14.11
N THR A 119 14.47 -27.48 14.94
CA THR A 119 15.23 -28.27 15.90
C THR A 119 15.11 -27.69 17.32
N LEU A 120 15.52 -28.47 18.30
CA LEU A 120 15.50 -28.01 19.69
C LEU A 120 16.90 -27.72 20.20
N ARG A 121 17.01 -26.67 21.01
CA ARG A 121 18.29 -26.28 21.58
C ARG A 121 18.39 -26.68 23.05
N ASP A 124 23.30 -30.69 25.45
CA ASP A 124 23.68 -30.00 24.22
C ASP A 124 23.41 -30.86 22.99
N GLY A 125 23.31 -30.21 21.83
CA GLY A 125 23.04 -30.91 20.58
C GLY A 125 21.74 -30.47 19.95
N LEU A 126 21.58 -30.77 18.67
CA LEU A 126 20.36 -30.41 17.95
C LEU A 126 19.47 -31.63 17.71
N THR A 127 18.21 -31.52 18.10
CA THR A 127 17.25 -32.60 17.94
C THR A 127 16.07 -32.18 17.09
N PRO A 128 15.78 -32.95 16.03
CA PRO A 128 14.64 -32.66 15.15
C PRO A 128 13.31 -32.68 15.90
N VAL A 129 12.49 -31.66 15.67
CA VAL A 129 11.16 -31.62 16.26
C VAL A 129 10.13 -31.31 15.16
N GLU A 130 8.99 -32.00 15.21
CA GLU A 130 7.94 -31.83 14.22
C GLU A 130 7.52 -30.36 14.12
N VAL A 131 7.27 -29.91 12.90
CA VAL A 131 6.85 -28.53 12.65
C VAL A 131 5.61 -28.19 13.49
N PRO A 132 5.71 -27.16 14.33
CA PRO A 132 4.62 -26.71 15.20
C PRO A 132 3.30 -26.53 14.45
N ASP A 133 2.20 -26.86 15.10
CA ASP A 133 0.88 -26.81 14.46
C ASP A 133 0.52 -25.40 14.02
N GLU A 134 0.89 -24.42 14.82
CA GLU A 134 0.65 -23.02 14.48
C GLU A 134 1.35 -22.65 13.18
N LEU A 135 2.61 -23.05 13.07
CA LEU A 135 3.39 -22.78 11.86
C LEU A 135 2.88 -23.60 10.68
N ARG A 136 2.46 -24.82 10.95
CA ARG A 136 1.98 -25.73 9.91
C ARG A 136 0.70 -25.24 9.25
N THR A 137 -0.31 -24.96 10.06
CA THR A 137 -1.60 -24.50 9.55
C THR A 137 -1.49 -23.14 8.87
N ALA A 138 -0.54 -22.33 9.31
CA ALA A 138 -0.28 -21.04 8.70
C ALA A 138 0.35 -21.22 7.33
N LEU A 139 1.19 -22.24 7.20
CA LEU A 139 1.87 -22.53 5.93
C LEU A 139 0.94 -23.17 4.91
N ASP A 140 -0.10 -23.84 5.40
CA ASP A 140 -1.02 -24.56 4.52
C ASP A 140 -1.82 -23.63 3.62
N ALA A 141 -1.91 -22.36 4.01
CA ALA A 141 -2.66 -21.38 3.23
C ALA A 141 -1.98 -21.07 1.91
N TYR A 142 -0.70 -21.43 1.80
CA TYR A 142 0.08 -21.15 0.60
C TYR A 142 0.62 -22.43 -0.03
N ALA A 143 -0.11 -23.52 0.19
CA ALA A 143 0.25 -24.82 -0.37
C ALA A 143 0.12 -24.80 -1.89
N PRO A 144 0.83 -25.70 -2.59
CA PRO A 144 0.73 -25.75 -4.06
C PRO A 144 -0.67 -26.11 -4.54
N ALA B 6 43.67 -27.94 -4.97
CA ALA B 6 43.54 -27.00 -6.08
C ALA B 6 42.36 -26.07 -5.87
N TYR B 7 42.57 -25.00 -5.11
CA TYR B 7 41.50 -24.05 -4.82
C TYR B 7 42.03 -22.63 -4.59
N PHE B 8 41.21 -21.64 -4.93
CA PHE B 8 41.51 -20.25 -4.61
C PHE B 8 40.85 -19.89 -3.28
N GLU B 9 41.66 -19.46 -2.32
CA GLU B 9 41.16 -19.23 -0.97
C GLU B 9 40.81 -17.77 -0.68
N TYR B 10 39.64 -17.57 -0.06
CA TYR B 10 39.27 -16.28 0.50
C TYR B 10 39.07 -16.43 2.00
N ARG B 11 39.94 -15.81 2.80
CA ARG B 11 39.83 -15.91 4.24
C ARG B 11 39.04 -14.73 4.83
N HIS B 12 38.19 -15.02 5.80
CA HIS B 12 37.33 -14.01 6.38
C HIS B 12 37.16 -14.21 7.89
N LEU B 13 37.40 -13.15 8.65
CA LEU B 13 37.13 -13.17 10.08
C LEU B 13 35.67 -12.78 10.33
N VAL B 14 34.90 -13.70 10.87
CA VAL B 14 33.49 -13.45 11.16
C VAL B 14 33.35 -12.42 12.27
N THR B 15 32.71 -11.29 11.96
CA THR B 15 32.50 -10.25 12.95
C THR B 15 31.02 -10.19 13.34
N PHE B 16 30.68 -9.26 14.24
CA PHE B 16 29.34 -9.20 14.82
C PHE B 16 28.26 -8.96 13.77
N ALA B 17 28.59 -8.19 12.73
CA ALA B 17 27.62 -7.88 11.68
C ALA B 17 27.20 -9.11 10.89
N ASP B 18 28.06 -10.13 10.89
CA ASP B 18 27.79 -11.39 10.20
C ASP B 18 26.78 -12.24 10.97
N THR B 19 26.64 -11.97 12.26
CA THR B 19 25.78 -12.77 13.12
C THR B 19 24.40 -12.14 13.29
N ASN B 20 23.48 -12.93 13.82
CA ASN B 20 22.14 -12.43 14.15
C ASN B 20 21.78 -12.79 15.59
N LEU B 21 20.55 -12.48 15.99
CA LEU B 21 20.13 -12.65 17.39
C LEU B 21 20.23 -14.09 17.86
N VAL B 22 20.15 -15.04 16.94
CA VAL B 22 20.28 -16.46 17.29
C VAL B 22 21.69 -16.77 17.78
N GLY B 23 22.69 -16.18 17.12
CA GLY B 23 24.07 -16.35 17.51
C GLY B 23 24.97 -16.80 16.37
N ASN B 24 24.40 -17.51 15.41
CA ASN B 24 25.17 -18.00 14.28
C ASN B 24 25.28 -16.96 13.16
N VAL B 25 26.06 -17.27 12.14
CA VAL B 25 26.17 -16.41 10.97
C VAL B 25 24.91 -16.51 10.12
N TYR B 26 24.31 -15.36 9.81
CA TYR B 26 23.12 -15.32 8.97
C TYR B 26 23.45 -15.90 7.59
N PHE B 27 22.52 -16.68 7.05
CA PHE B 27 22.80 -17.52 5.89
C PHE B 27 23.21 -16.75 4.63
N THR B 28 22.74 -15.51 4.50
CA THR B 28 23.03 -14.72 3.31
C THR B 28 24.51 -14.38 3.19
N ASN B 29 25.19 -14.30 4.33
CA ASN B 29 26.62 -13.97 4.34
C ASN B 29 27.47 -15.00 3.62
N TYR B 30 27.02 -16.24 3.60
CA TYR B 30 27.71 -17.32 2.89
C TYR B 30 27.73 -17.04 1.40
N LEU B 31 26.66 -16.43 0.89
CA LEU B 31 26.57 -16.05 -0.50
C LEU B 31 27.40 -14.81 -0.77
N SER B 32 27.48 -13.93 0.22
CA SER B 32 28.28 -12.72 0.12
C SER B 32 29.75 -13.07 -0.01
N TRP B 33 30.15 -14.14 0.67
CA TRP B 33 31.53 -14.59 0.65
C TRP B 33 31.90 -15.20 -0.70
N GLN B 34 30.89 -15.74 -1.40
CA GLN B 34 31.10 -16.23 -2.76
C GLN B 34 31.45 -15.06 -3.67
N GLY B 35 30.76 -13.95 -3.50
CA GLY B 35 31.01 -12.76 -4.29
C GLY B 35 32.37 -12.18 -4.01
N ALA B 36 32.72 -12.07 -2.73
CA ALA B 36 34.02 -11.53 -2.33
C ALA B 36 35.15 -12.41 -2.85
N CYS B 37 34.93 -13.72 -2.86
CA CYS B 37 35.94 -14.68 -3.30
C CYS B 37 36.15 -14.62 -4.81
N ARG B 38 35.05 -14.65 -5.57
CA ARG B 38 35.12 -14.66 -7.02
C ARG B 38 35.71 -13.37 -7.58
N GLU B 39 35.49 -12.26 -6.87
CA GLU B 39 35.92 -10.95 -7.34
C GLU B 39 37.35 -10.65 -6.89
N ARG B 40 37.74 -11.22 -5.77
CA ARG B 40 39.13 -11.18 -5.32
C ARG B 40 39.97 -12.02 -6.28
N PHE B 41 39.35 -13.08 -6.81
CA PHE B 41 39.98 -13.93 -7.80
C PHE B 41 40.20 -13.16 -9.11
N LEU B 42 39.18 -12.41 -9.52
CA LEU B 42 39.26 -11.61 -10.74
C LEU B 42 40.35 -10.55 -10.64
N ALA B 43 40.49 -9.97 -9.46
CA ALA B 43 41.46 -8.90 -9.24
C ALA B 43 42.90 -9.41 -9.31
N GLU B 44 43.11 -10.66 -8.91
CA GLU B 44 44.46 -11.22 -8.84
C GLU B 44 44.83 -12.05 -10.05
N LYS B 45 43.86 -12.73 -10.66
CA LYS B 45 44.16 -13.70 -11.70
C LYS B 45 43.74 -13.25 -13.11
N ALA B 46 42.83 -12.30 -13.20
CA ALA B 46 42.36 -11.84 -14.51
C ALA B 46 42.18 -10.33 -14.56
N PRO B 47 43.29 -9.58 -14.58
CA PRO B 47 43.23 -8.12 -14.63
C PRO B 47 42.70 -7.57 -15.96
N LYS B 48 43.06 -8.23 -17.07
CA LYS B 48 42.61 -7.80 -18.38
C LYS B 48 41.11 -8.00 -18.53
N THR B 49 40.61 -9.11 -17.97
CA THR B 49 39.18 -9.40 -17.99
C THR B 49 38.45 -8.35 -17.14
N VAL B 50 39.07 -7.95 -16.04
CA VAL B 50 38.51 -6.94 -15.15
C VAL B 50 38.43 -5.57 -15.84
N ALA B 51 39.53 -5.15 -16.44
CA ALA B 51 39.60 -3.87 -17.12
C ALA B 51 38.63 -3.80 -18.29
N ARG B 52 38.33 -4.96 -18.87
CA ARG B 52 37.44 -5.05 -20.02
C ARG B 52 35.98 -4.87 -19.59
N HIS B 54 34.85 -2.60 -17.74
CA HIS B 54 34.53 -1.18 -17.80
C HIS B 54 34.20 -0.77 -19.22
N ASP B 55 34.20 -1.74 -20.13
CA ASP B 55 33.96 -1.48 -21.54
C ASP B 55 32.72 -2.23 -22.04
N ASP B 56 32.94 -3.38 -22.65
CA ASP B 56 31.87 -4.12 -23.31
C ASP B 56 31.64 -5.51 -22.71
N LEU B 57 32.15 -5.73 -21.50
CA LEU B 57 32.04 -7.04 -20.87
C LEU B 57 31.16 -7.01 -19.63
N ALA B 58 30.22 -7.95 -19.56
CA ALA B 58 29.32 -8.06 -18.42
C ALA B 58 29.30 -9.48 -17.88
N LEU B 59 29.51 -9.62 -16.58
CA LEU B 59 29.42 -10.93 -15.92
C LEU B 59 28.18 -10.99 -15.04
N VAL B 60 27.19 -11.76 -15.49
CA VAL B 60 25.93 -11.86 -14.77
C VAL B 60 25.79 -13.22 -14.09
N THR B 61 25.37 -13.21 -12.84
CA THR B 61 25.17 -14.44 -12.08
C THR B 61 23.90 -15.14 -12.55
N SER B 62 24.04 -16.36 -13.06
CA SER B 62 22.91 -17.12 -13.56
C SER B 62 22.13 -17.76 -12.41
N SER B 63 22.86 -18.33 -11.47
CA SER B 63 22.27 -18.98 -10.31
C SER B 63 23.28 -19.13 -9.18
N CYS B 64 22.79 -19.35 -7.97
CA CYS B 64 23.65 -19.59 -6.83
C CYS B 64 22.95 -20.46 -5.80
N SER B 65 23.72 -21.17 -4.98
CA SER B 65 23.16 -22.02 -3.95
C SER B 65 24.19 -22.28 -2.86
N CYS B 66 23.70 -22.71 -1.70
CA CYS B 66 24.59 -23.08 -0.61
C CYS B 66 23.90 -24.07 0.33
N GLU B 67 24.68 -25.01 0.85
CA GLU B 67 24.17 -25.99 1.79
C GLU B 67 24.89 -25.84 3.13
N PHE B 68 24.14 -25.95 4.22
CA PHE B 68 24.68 -25.68 5.54
C PHE B 68 24.70 -26.92 6.43
N PHE B 69 25.87 -27.24 6.96
CA PHE B 69 26.06 -28.43 7.78
C PHE B 69 26.11 -28.08 9.26
N SER B 70 27.03 -27.19 9.61
CA SER B 70 27.15 -26.69 10.98
C SER B 70 27.37 -25.18 10.96
N GLU B 71 27.08 -24.53 12.08
CA GLU B 71 27.06 -23.08 12.13
C GLU B 71 28.43 -22.45 12.43
N LEU B 72 28.64 -21.24 11.92
CA LEU B 72 29.80 -20.44 12.27
C LEU B 72 29.41 -19.41 13.31
N TYR B 73 30.36 -18.99 14.12
CA TYR B 73 30.06 -18.05 15.20
C TYR B 73 30.91 -16.79 15.11
N ALA B 74 30.63 -15.82 15.98
CA ALA B 74 31.37 -14.57 16.00
C ALA B 74 32.84 -14.82 16.30
N LEU B 75 33.71 -14.03 15.65
CA LEU B 75 35.15 -14.11 15.82
C LEU B 75 35.74 -15.47 15.38
N ASP B 76 34.96 -16.22 14.60
CA ASP B 76 35.49 -17.41 13.95
C ASP B 76 36.22 -16.99 12.69
N THR B 77 37.16 -17.81 12.24
CA THR B 77 37.83 -17.58 10.97
C THR B 77 37.39 -18.63 9.96
N VAL B 78 36.80 -18.17 8.85
CA VAL B 78 36.31 -19.09 7.84
C VAL B 78 37.19 -19.07 6.58
N SER B 79 37.50 -20.27 6.08
CA SER B 79 38.26 -20.39 4.84
C SER B 79 37.34 -20.75 3.69
N VAL B 80 37.07 -19.77 2.82
CA VAL B 80 36.23 -20.01 1.66
C VAL B 80 37.10 -20.46 0.50
N ARG B 81 36.91 -21.72 0.07
CA ARG B 81 37.76 -22.32 -0.93
C ARG B 81 37.00 -22.57 -2.24
N SER B 83 36.66 -23.63 -6.31
CA SER B 83 37.20 -24.50 -7.34
C SER B 83 36.33 -24.43 -8.60
N LEU B 84 36.91 -24.79 -9.74
CA LEU B 84 36.17 -24.81 -10.99
C LEU B 84 35.38 -26.10 -11.13
N VAL B 85 34.06 -25.97 -11.28
CA VAL B 85 33.20 -27.13 -11.47
C VAL B 85 33.13 -27.49 -12.96
N GLY B 86 32.97 -26.48 -13.80
CA GLY B 86 32.93 -26.69 -15.23
C GLY B 86 32.66 -25.42 -16.02
N ILE B 87 32.84 -25.48 -17.33
CA ILE B 87 32.57 -24.36 -18.22
C ILE B 87 31.74 -24.78 -19.41
N ASP B 88 30.61 -24.13 -19.61
CA ASP B 88 29.74 -24.41 -20.74
C ASP B 88 29.65 -23.21 -21.68
N PHE B 89 30.49 -23.23 -22.72
CA PHE B 89 30.56 -22.15 -23.69
C PHE B 89 30.85 -20.79 -23.05
N HIS B 90 29.80 -20.18 -22.49
CA HIS B 90 29.93 -18.83 -21.93
C HIS B 90 29.63 -18.80 -20.45
N GLN B 91 29.23 -19.94 -19.88
CA GLN B 91 28.87 -19.99 -18.47
C GLN B 91 29.95 -20.68 -17.63
N ILE B 92 30.26 -20.07 -16.49
CA ILE B 92 31.26 -20.60 -15.58
C ILE B 92 30.61 -21.04 -14.27
N THR B 93 30.83 -22.30 -13.90
CA THR B 93 30.30 -22.82 -12.66
C THR B 93 31.42 -23.01 -11.63
N GLY B 95 32.60 -23.95 -7.58
CA GLY B 95 32.23 -24.65 -6.36
C GLY B 95 32.87 -23.99 -5.16
N PHE B 96 32.15 -23.98 -4.04
CA PHE B 96 32.65 -23.36 -2.83
C PHE B 96 32.57 -24.31 -1.64
N GLU B 97 33.64 -24.35 -0.85
CA GLU B 97 33.66 -25.10 0.40
C GLU B 97 34.10 -24.20 1.54
N TYR B 98 33.29 -24.16 2.59
CA TYR B 98 33.54 -23.28 3.73
C TYR B 98 34.14 -24.05 4.89
N TYR B 99 35.31 -23.62 5.35
CA TYR B 99 35.99 -24.32 6.44
C TYR B 99 36.21 -23.43 7.65
N ARG B 100 35.79 -23.93 8.82
CA ARG B 100 36.12 -23.29 10.09
C ARG B 100 37.56 -23.57 10.45
N VAL B 101 38.39 -22.53 10.45
CA VAL B 101 39.81 -22.68 10.72
C VAL B 101 40.26 -21.76 11.85
N ASP B 103 41.07 -22.99 15.70
CA ASP B 103 42.18 -23.50 14.92
C ASP B 103 42.08 -25.01 14.73
N GLY B 104 43.16 -25.72 15.01
CA GLY B 104 43.21 -27.15 14.81
C GLY B 104 43.10 -27.50 13.34
N PRO B 105 42.59 -28.70 13.04
CA PRO B 105 42.32 -29.08 11.64
C PRO B 105 41.08 -28.38 11.09
N ALA B 106 41.11 -28.03 9.80
CA ALA B 106 40.00 -27.33 9.18
C ALA B 106 38.74 -28.19 9.17
N ARG B 107 37.61 -27.58 9.56
CA ARG B 107 36.34 -28.30 9.62
C ARG B 107 35.34 -27.75 8.60
N LEU B 108 34.81 -28.65 7.77
CA LEU B 108 33.82 -28.27 6.78
C LEU B 108 32.48 -27.93 7.45
N VAL B 109 31.98 -26.72 7.20
CA VAL B 109 30.74 -26.27 7.83
C VAL B 109 29.64 -26.00 6.80
N ALA B 110 30.03 -25.76 5.56
CA ALA B 110 29.07 -25.47 4.51
C ALA B 110 29.63 -25.78 3.12
N ARG B 111 28.73 -25.83 2.13
CA ARG B 111 29.11 -26.14 0.76
C ARG B 111 28.18 -25.44 -0.23
N GLY B 112 28.75 -24.76 -1.22
CA GLY B 112 27.95 -23.97 -2.14
C GLY B 112 28.38 -24.05 -3.59
N GLU B 113 27.68 -23.31 -4.43
CA GLU B 113 27.92 -23.30 -5.87
C GLU B 113 27.18 -22.14 -6.53
N GLN B 114 27.79 -21.55 -7.56
CA GLN B 114 27.12 -20.52 -8.34
C GLN B 114 27.62 -20.52 -9.79
N THR B 115 26.79 -20.00 -10.68
CA THR B 115 27.12 -19.98 -12.10
C THR B 115 27.10 -18.54 -12.63
N VAL B 116 28.16 -18.18 -13.36
CA VAL B 116 28.28 -16.84 -13.91
C VAL B 116 28.37 -16.87 -15.43
N ALA B 117 27.55 -16.04 -16.09
CA ALA B 117 27.54 -15.98 -17.55
C ALA B 117 28.32 -14.77 -18.07
N CYS B 118 29.02 -14.98 -19.18
CA CYS B 118 29.78 -13.91 -19.82
C CYS B 118 29.03 -13.38 -21.04
N THR B 119 28.64 -12.11 -21.00
CA THR B 119 27.89 -11.51 -22.10
C THR B 119 28.50 -10.19 -22.56
N LEU B 120 28.16 -9.78 -23.77
CA LEU B 120 28.59 -8.48 -24.29
C LEU B 120 27.53 -7.42 -24.00
N ARG B 121 27.91 -6.40 -23.23
CA ARG B 121 26.99 -5.32 -22.88
C ARG B 121 26.70 -4.46 -24.11
N ALA B 122 25.57 -4.71 -24.75
CA ALA B 122 25.18 -3.96 -25.93
C ALA B 122 23.91 -3.16 -25.69
N GLU B 123 23.65 -2.19 -26.56
CA GLU B 123 22.46 -1.35 -26.45
C GLU B 123 21.18 -2.17 -26.66
N ASP B 124 21.30 -3.22 -27.46
CA ASP B 124 20.16 -4.11 -27.72
C ASP B 124 19.90 -5.00 -26.51
N GLY B 125 20.96 -5.33 -25.78
CA GLY B 125 20.84 -6.17 -24.60
C GLY B 125 22.15 -6.87 -24.28
N LEU B 126 22.07 -7.93 -23.48
CA LEU B 126 23.25 -8.70 -23.11
C LEU B 126 23.38 -9.96 -23.95
N THR B 127 24.32 -9.95 -24.88
CA THR B 127 24.54 -11.10 -25.76
C THR B 127 25.75 -11.92 -25.31
N PRO B 128 25.54 -13.22 -25.07
CA PRO B 128 26.54 -14.15 -24.52
C PRO B 128 27.80 -14.27 -25.38
N VAL B 129 28.95 -14.04 -24.76
CA VAL B 129 30.23 -14.25 -25.42
C VAL B 129 31.00 -15.33 -24.68
N GLU B 130 31.75 -16.14 -25.42
CA GLU B 130 32.57 -17.19 -24.82
C GLU B 130 33.52 -16.60 -23.79
N VAL B 131 33.87 -17.41 -22.80
CA VAL B 131 34.77 -16.99 -21.71
C VAL B 131 36.10 -16.48 -22.27
N PRO B 132 36.48 -15.25 -21.87
CA PRO B 132 37.77 -14.65 -22.27
C PRO B 132 38.93 -15.60 -21.99
N ASP B 133 39.90 -15.62 -22.91
CA ASP B 133 41.02 -16.56 -22.82
C ASP B 133 41.79 -16.43 -21.51
N GLU B 134 42.01 -15.20 -21.07
CA GLU B 134 42.71 -14.95 -19.81
C GLU B 134 41.96 -15.57 -18.63
N LEU B 135 40.64 -15.39 -18.63
CA LEU B 135 39.80 -15.88 -17.53
C LEU B 135 39.74 -17.41 -17.53
N ARG B 136 39.67 -18.01 -18.71
CA ARG B 136 39.58 -19.47 -18.83
C ARG B 136 40.84 -20.16 -18.32
N THR B 137 41.99 -19.73 -18.80
CA THR B 137 43.27 -20.32 -18.40
C THR B 137 43.53 -20.13 -16.91
N ALA B 138 43.10 -18.99 -16.38
CA ALA B 138 43.26 -18.70 -14.95
C ALA B 138 42.40 -19.64 -14.12
N LEU B 139 41.21 -19.95 -14.62
CA LEU B 139 40.29 -20.86 -13.95
C LEU B 139 40.76 -22.31 -14.03
N ASP B 140 41.48 -22.63 -15.10
CA ASP B 140 41.96 -24.00 -15.32
C ASP B 140 42.99 -24.40 -14.27
N ALA B 141 43.59 -23.42 -13.60
CA ALA B 141 44.55 -23.70 -12.54
C ALA B 141 43.85 -24.33 -11.34
N TYR B 142 42.54 -24.17 -11.28
CA TYR B 142 41.74 -24.74 -10.20
C TYR B 142 40.70 -25.72 -10.75
N ALA B 143 41.04 -26.33 -11.88
CA ALA B 143 40.17 -27.31 -12.53
C ALA B 143 40.25 -28.66 -11.82
N PRO B 144 39.18 -29.46 -11.88
CA PRO B 144 39.17 -30.77 -11.22
C PRO B 144 39.99 -31.81 -11.99
N ALA C 6 50.82 4.78 15.84
CA ALA C 6 50.05 4.20 16.93
C ALA C 6 48.60 3.96 16.52
N TYR C 7 48.39 2.95 15.67
CA TYR C 7 47.06 2.63 15.18
C TYR C 7 46.87 1.14 14.97
N PHE C 8 45.63 0.67 15.12
CA PHE C 8 45.29 -0.71 14.81
C PHE C 8 44.71 -0.76 13.40
N GLU C 9 45.28 -1.62 12.56
CA GLU C 9 44.92 -1.64 11.15
C GLU C 9 43.92 -2.74 10.78
N TYR C 10 42.95 -2.36 9.96
CA TYR C 10 42.05 -3.33 9.34
C TYR C 10 42.07 -3.13 7.83
N ARG C 11 42.62 -4.11 7.11
CA ARG C 11 42.71 -4.04 5.65
C ARG C 11 41.52 -4.71 4.99
N HIS C 12 40.99 -4.06 3.96
CA HIS C 12 39.83 -4.58 3.24
C HIS C 12 39.96 -4.38 1.73
N LEU C 13 39.73 -5.45 0.99
CA LEU C 13 39.64 -5.35 -0.47
C LEU C 13 38.22 -4.98 -0.87
N VAL C 14 38.07 -3.87 -1.57
CA VAL C 14 36.75 -3.42 -2.01
C VAL C 14 36.22 -4.29 -3.15
N THR C 15 35.11 -4.97 -2.91
CA THR C 15 34.50 -5.81 -3.93
C THR C 15 33.26 -5.15 -4.51
N PHE C 16 32.61 -5.82 -5.47
CA PHE C 16 31.49 -5.23 -6.20
C PHE C 16 30.31 -4.92 -5.29
N ALA C 17 30.13 -5.71 -4.23
CA ALA C 17 29.02 -5.51 -3.31
C ALA C 17 29.17 -4.22 -2.52
N ASP C 18 30.40 -3.75 -2.39
CA ASP C 18 30.68 -2.51 -1.66
C ASP C 18 30.30 -1.29 -2.48
N THR C 19 30.19 -1.45 -3.80
CA THR C 19 29.90 -0.33 -4.68
C THR C 19 28.42 -0.21 -4.99
N ASN C 20 28.04 0.92 -5.59
CA ASN C 20 26.67 1.12 -6.04
C ASN C 20 26.67 1.62 -7.48
N LEU C 21 25.49 1.92 -8.01
CA LEU C 21 25.32 2.26 -9.42
C LEU C 21 26.12 3.51 -9.83
N VAL C 22 26.43 4.36 -8.87
CA VAL C 22 27.26 5.54 -9.14
C VAL C 22 28.68 5.12 -9.52
N GLY C 23 29.18 4.07 -8.86
CA GLY C 23 30.49 3.53 -9.16
C GLY C 23 31.40 3.50 -7.95
N ASN C 24 31.10 4.32 -6.97
CA ASN C 24 31.90 4.41 -5.76
C ASN C 24 31.37 3.50 -4.65
N VAL C 25 32.10 3.46 -3.53
CA VAL C 25 31.69 2.68 -2.37
C VAL C 25 30.55 3.37 -1.62
N TYR C 26 29.45 2.65 -1.43
CA TYR C 26 28.30 3.19 -0.70
C TYR C 26 28.72 3.56 0.71
N PHE C 27 28.25 4.71 1.18
CA PHE C 27 28.77 5.33 2.40
C PHE C 27 28.63 4.49 3.66
N THR C 28 27.62 3.62 3.69
CA THR C 28 27.37 2.80 4.88
C THR C 28 28.48 1.78 5.12
N ASN C 29 29.19 1.42 4.06
CA ASN C 29 30.27 0.43 4.16
C ASN C 29 31.43 0.95 5.00
N TYR C 30 31.64 2.26 4.99
CA TYR C 30 32.67 2.89 5.79
C TYR C 30 32.40 2.68 7.28
N LEU C 31 31.13 2.72 7.65
CA LEU C 31 30.71 2.48 9.02
C LEU C 31 30.85 0.99 9.36
N SER C 32 30.59 0.14 8.38
CA SER C 32 30.72 -1.30 8.54
C SER C 32 32.18 -1.68 8.84
N TRP C 33 33.11 -0.95 8.23
CA TRP C 33 34.53 -1.20 8.40
C TRP C 33 35.00 -0.81 9.80
N GLN C 34 34.32 0.16 10.40
CA GLN C 34 34.60 0.53 11.78
C GLN C 34 34.23 -0.63 12.70
N GLY C 35 33.06 -1.22 12.47
CA GLY C 35 32.60 -2.36 13.22
C GLY C 35 33.53 -3.54 13.05
N ALA C 36 33.94 -3.80 11.81
CA ALA C 36 34.84 -4.90 11.52
C ALA C 36 36.20 -4.67 12.17
N CYS C 37 36.63 -3.42 12.23
CA CYS C 37 37.91 -3.06 12.81
C CYS C 37 37.90 -3.20 14.33
N ARG C 38 36.87 -2.65 14.98
CA ARG C 38 36.77 -2.65 16.42
C ARG C 38 36.61 -4.05 16.99
N GLU C 39 36.03 -4.95 16.20
CA GLU C 39 35.74 -6.30 16.64
C GLU C 39 36.92 -7.23 16.35
N ARG C 40 37.71 -6.89 15.35
CA ARG C 40 38.96 -7.59 15.08
C ARG C 40 39.94 -7.27 16.20
N PHE C 41 39.83 -6.05 16.73
CA PHE C 41 40.64 -5.60 17.85
C PHE C 41 40.30 -6.38 19.12
N LEU C 42 39.02 -6.61 19.34
CA LEU C 42 38.56 -7.35 20.51
C LEU C 42 39.05 -8.80 20.45
N ALA C 43 38.98 -9.39 19.27
CA ALA C 43 39.36 -10.79 19.07
C ALA C 43 40.86 -11.00 19.26
N GLU C 44 41.66 -9.99 18.92
CA GLU C 44 43.11 -10.13 18.94
C GLU C 44 43.75 -9.54 20.20
N LYS C 45 43.10 -8.58 20.82
CA LYS C 45 43.71 -7.84 21.93
C LYS C 45 42.96 -7.93 23.25
N ALA C 46 41.74 -8.47 23.23
CA ALA C 46 40.95 -8.57 24.45
C ALA C 46 40.06 -9.79 24.48
N PRO C 47 40.64 -10.98 24.68
CA PRO C 47 39.88 -12.23 24.73
C PRO C 47 39.01 -12.36 25.98
N LYS C 48 39.53 -11.89 27.11
CA LYS C 48 38.81 -11.96 28.37
C LYS C 48 37.56 -11.07 28.34
N THR C 49 37.70 -9.91 27.70
CA THR C 49 36.57 -8.99 27.56
C THR C 49 35.52 -9.58 26.62
N VAL C 50 35.99 -10.26 25.57
CA VAL C 50 35.09 -10.90 24.60
C VAL C 50 34.24 -11.99 25.24
N ALA C 51 34.89 -12.89 25.97
CA ALA C 51 34.18 -14.00 26.61
C ALA C 51 33.22 -13.50 27.69
N ARG C 52 33.54 -12.33 28.26
CA ARG C 52 32.70 -11.75 29.30
C ARG C 52 31.41 -11.17 28.73
N HIS C 54 29.45 -12.65 26.77
CA HIS C 54 28.46 -13.72 26.79
C HIS C 54 27.87 -13.86 28.20
N ASP C 55 28.47 -13.16 29.15
CA ASP C 55 28.05 -13.22 30.55
C ASP C 55 27.13 -12.05 30.90
N ASP C 56 27.72 -10.99 31.43
CA ASP C 56 26.94 -9.85 31.91
C ASP C 56 27.41 -8.52 31.32
N LEU C 57 28.36 -8.58 30.39
CA LEU C 57 28.90 -7.37 29.79
C LEU C 57 28.32 -7.14 28.40
N ALA C 58 27.96 -5.88 28.12
CA ALA C 58 27.44 -5.49 26.82
C ALA C 58 28.11 -4.21 26.34
N LEU C 59 28.52 -4.20 25.08
CA LEU C 59 29.12 -3.02 24.49
C LEU C 59 28.18 -2.39 23.47
N VAL C 60 27.52 -1.31 23.88
CA VAL C 60 26.55 -0.64 23.03
C VAL C 60 27.16 0.60 22.35
N THR C 61 26.89 0.75 21.06
CA THR C 61 27.34 1.92 20.32
C THR C 61 26.45 3.12 20.66
N SER C 62 27.06 4.20 21.12
CA SER C 62 26.31 5.39 21.51
C SER C 62 26.24 6.42 20.40
N SER C 63 27.28 6.47 19.57
CA SER C 63 27.33 7.38 18.44
C SER C 63 28.38 6.96 17.43
N CYS C 64 28.18 7.38 16.17
CA CYS C 64 29.18 7.16 15.14
C CYS C 64 29.07 8.25 14.08
N SER C 65 30.15 8.47 13.32
CA SER C 65 30.17 9.47 12.27
C SER C 65 31.29 9.19 11.28
N CYS C 66 31.18 9.75 10.09
CA CYS C 66 32.23 9.61 9.08
C CYS C 66 32.22 10.79 8.11
N GLU C 67 33.41 11.29 7.80
CA GLU C 67 33.56 12.35 6.81
C GLU C 67 34.23 11.79 5.57
N PHE C 68 33.75 12.18 4.40
CA PHE C 68 34.23 11.60 3.16
C PHE C 68 34.92 12.63 2.27
N PHE C 69 36.20 12.41 1.99
CA PHE C 69 37.02 13.34 1.22
C PHE C 69 37.10 12.93 -0.25
N SER C 70 37.46 11.67 -0.48
CA SER C 70 37.61 11.15 -1.84
C SER C 70 36.92 9.81 -1.99
N GLU C 71 36.69 9.39 -3.23
CA GLU C 71 35.94 8.17 -3.49
C GLU C 71 36.81 6.93 -3.57
N LEU C 72 36.29 5.81 -3.05
CA LEU C 72 36.91 4.52 -3.24
C LEU C 72 36.16 3.77 -4.34
N TYR C 73 36.88 2.95 -5.09
CA TYR C 73 36.28 2.22 -6.20
C TYR C 73 36.45 0.72 -6.03
N ALA C 74 35.81 -0.05 -6.91
CA ALA C 74 35.89 -1.50 -6.86
C ALA C 74 37.34 -1.97 -7.03
N LEU C 75 37.69 -3.00 -6.27
CA LEU C 75 39.03 -3.61 -6.30
C LEU C 75 40.11 -2.67 -5.79
N ASP C 76 39.71 -1.64 -5.04
CA ASP C 76 40.66 -0.84 -4.28
C ASP C 76 40.95 -1.54 -2.96
N THR C 77 42.13 -1.27 -2.40
CA THR C 77 42.45 -1.79 -1.08
C THR C 77 42.47 -0.64 -0.08
N VAL C 78 41.64 -0.74 0.94
CA VAL C 78 41.54 0.33 1.93
C VAL C 78 42.14 -0.08 3.27
N SER C 79 42.96 0.80 3.84
CA SER C 79 43.54 0.58 5.15
C SER C 79 42.77 1.36 6.21
N VAL C 80 41.97 0.64 6.99
CA VAL C 80 41.21 1.27 8.07
C VAL C 80 42.05 1.29 9.34
N ARG C 81 42.45 2.49 9.75
CA ARG C 81 43.36 2.65 10.88
C ARG C 81 42.66 3.23 12.10
N SER C 83 42.52 4.38 16.18
CA SER C 83 43.29 4.86 17.31
C SER C 83 42.36 5.30 18.44
N LEU C 84 42.89 5.38 19.65
CA LEU C 84 42.09 5.80 20.79
C LEU C 84 42.05 7.32 20.89
N VAL C 85 40.84 7.87 20.97
CA VAL C 85 40.65 9.31 21.11
C VAL C 85 40.59 9.70 22.59
N GLY C 86 39.87 8.90 23.38
CA GLY C 86 39.76 9.14 24.80
C GLY C 86 38.82 8.18 25.51
N ILE C 87 38.86 8.21 26.84
CA ILE C 87 38.00 7.36 27.65
C ILE C 87 37.36 8.17 28.77
N ASP C 88 36.03 8.15 28.84
CA ASP C 88 35.31 8.83 29.91
C ASP C 88 34.47 7.83 30.70
N PHE C 89 35.04 7.34 31.80
CA PHE C 89 34.38 6.38 32.68
C PHE C 89 33.96 5.11 31.95
N HIS C 90 32.78 5.14 31.35
CA HIS C 90 32.21 3.94 30.73
C HIS C 90 32.18 4.00 29.21
N GLN C 91 32.65 5.11 28.65
CA GLN C 91 32.59 5.30 27.20
C GLN C 91 33.96 5.38 26.55
N ILE C 92 34.11 4.70 25.42
CA ILE C 92 35.33 4.69 24.65
C ILE C 92 35.13 5.35 23.29
N THR C 93 35.92 6.37 22.98
CA THR C 93 35.84 7.03 21.69
C THR C 93 37.00 6.63 20.79
N GLY C 95 38.95 6.75 16.98
CA GLY C 95 39.13 7.52 15.77
C GLY C 95 39.49 6.63 14.60
N PHE C 96 39.03 7.00 13.41
CA PHE C 96 39.28 6.19 12.22
C PHE C 96 39.81 7.02 11.07
N GLU C 97 40.85 6.52 10.42
CA GLU C 97 41.37 7.13 9.19
C GLU C 97 41.41 6.09 8.07
N TYR C 98 40.78 6.41 6.95
CA TYR C 98 40.70 5.51 5.82
C TYR C 98 41.72 5.86 4.76
N TYR C 99 42.59 4.91 4.44
CA TYR C 99 43.63 5.16 3.44
C TYR C 99 43.50 4.25 2.23
N ARG C 100 43.66 4.84 1.05
CA ARG C 100 43.68 4.08 -0.19
C ARG C 100 45.10 3.57 -0.45
N VAL C 101 45.27 2.26 -0.37
CA VAL C 101 46.58 1.63 -0.55
C VAL C 101 46.57 0.64 -1.70
N ASP C 103 48.23 1.46 -5.07
CA ASP C 103 49.67 1.34 -4.87
C ASP C 103 50.28 2.66 -4.42
N GLY C 104 51.61 2.72 -4.41
CA GLY C 104 52.33 3.92 -4.02
C GLY C 104 52.08 4.34 -2.60
N PRO C 105 52.27 5.65 -2.30
CA PRO C 105 52.04 6.19 -0.96
C PRO C 105 50.56 6.16 -0.58
N ALA C 106 50.28 5.92 0.71
CA ALA C 106 48.91 5.84 1.19
C ALA C 106 48.19 7.17 1.04
N ARG C 107 46.94 7.11 0.57
CA ARG C 107 46.16 8.30 0.33
C ARG C 107 44.90 8.33 1.21
N LEU C 108 44.78 9.37 2.03
CA LEU C 108 43.61 9.54 2.89
C LEU C 108 42.38 9.87 2.08
N VAL C 109 41.32 9.08 2.24
CA VAL C 109 40.10 9.27 1.47
C VAL C 109 38.90 9.58 2.37
N ALA C 110 38.99 9.21 3.64
CA ALA C 110 37.91 9.43 4.58
C ALA C 110 38.41 9.45 6.03
N ARG C 111 37.55 9.90 6.93
CA ARG C 111 37.91 10.02 8.34
C ARG C 111 36.66 9.98 9.21
N GLY C 112 36.65 9.08 10.19
CA GLY C 112 35.46 8.89 11.01
C GLY C 112 35.73 8.74 12.50
N GLU C 113 34.67 8.45 13.24
CA GLU C 113 34.74 8.36 14.70
C GLU C 113 33.47 7.73 15.26
N GLN C 114 33.62 6.93 16.30
CA GLN C 114 32.46 6.37 17.00
C GLN C 114 32.74 6.19 18.49
N THR C 115 31.68 6.13 19.28
CA THR C 115 31.80 5.97 20.72
C THR C 115 31.04 4.74 21.20
N VAL C 116 31.67 3.95 22.06
CA VAL C 116 31.07 2.72 22.57
C VAL C 116 31.03 2.73 24.11
N ALA C 117 29.87 2.38 24.66
CA ALA C 117 29.71 2.36 26.12
C ALA C 117 29.62 0.94 26.66
N CYS C 118 30.36 0.68 27.74
CA CYS C 118 30.29 -0.60 28.42
C CYS C 118 29.17 -0.56 29.47
N THR C 119 28.43 -1.66 29.58
CA THR C 119 27.27 -1.69 30.48
C THR C 119 26.96 -3.09 31.00
N LEU C 120 26.17 -3.13 32.08
CA LEU C 120 25.70 -4.39 32.65
C LEU C 120 24.38 -4.83 32.03
N ARG C 121 24.19 -6.14 31.93
CA ARG C 121 22.89 -6.70 31.55
C ARG C 121 22.11 -7.02 32.82
N ALA C 122 22.01 -6.04 33.71
CA ALA C 122 21.44 -6.26 35.03
C ALA C 122 19.92 -6.21 35.03
N GLU C 123 19.35 -5.83 36.18
CA GLU C 123 17.91 -5.86 36.40
C GLU C 123 17.15 -4.91 35.48
N ASP C 124 17.36 -3.61 35.66
CA ASP C 124 16.65 -2.61 34.88
C ASP C 124 17.33 -2.32 33.54
N GLY C 125 17.81 -3.38 32.89
CA GLY C 125 18.45 -3.25 31.60
C GLY C 125 19.90 -2.83 31.68
N LEU C 126 20.31 -1.94 30.79
CA LEU C 126 21.70 -1.47 30.73
C LEU C 126 22.08 -0.64 31.95
N THR C 127 23.32 -0.79 32.40
CA THR C 127 23.83 -0.05 33.54
C THR C 127 25.31 0.29 33.35
N PRO C 128 25.63 1.59 33.27
CA PRO C 128 26.98 2.12 33.00
C PRO C 128 28.07 1.48 33.84
N VAL C 129 29.13 1.03 33.19
CA VAL C 129 30.25 0.35 33.86
C VAL C 129 31.59 0.82 33.32
N GLU C 130 32.48 1.19 34.23
CA GLU C 130 33.84 1.60 33.87
C GLU C 130 34.51 0.53 33.02
N VAL C 131 35.22 0.96 31.99
CA VAL C 131 35.87 0.05 31.03
C VAL C 131 36.73 -0.99 31.73
N PRO C 132 36.47 -2.28 31.44
CA PRO C 132 37.21 -3.41 32.01
C PRO C 132 38.72 -3.23 31.89
N ASP C 133 39.45 -3.64 32.92
CA ASP C 133 40.89 -3.43 32.99
C ASP C 133 41.62 -4.04 31.80
N GLU C 134 41.12 -5.17 31.32
CA GLU C 134 41.71 -5.85 30.16
C GLU C 134 41.59 -4.99 28.91
N LEU C 135 40.42 -4.41 28.70
CA LEU C 135 40.16 -3.58 27.53
C LEU C 135 40.82 -2.21 27.67
N ARG C 136 40.93 -1.74 28.91
CA ARG C 136 41.52 -0.43 29.19
C ARG C 136 43.00 -0.37 28.83
N THR C 137 43.75 -1.39 29.22
CA THR C 137 45.18 -1.43 28.95
C THR C 137 45.47 -1.79 27.51
N ALA C 138 44.52 -2.46 26.86
CA ALA C 138 44.68 -2.87 25.47
C ALA C 138 44.63 -1.66 24.54
N LEU C 139 43.77 -0.70 24.88
CA LEU C 139 43.60 0.50 24.07
C LEU C 139 44.73 1.50 24.29
N ASP C 140 45.47 1.32 25.38
CA ASP C 140 46.57 2.23 25.72
C ASP C 140 47.69 2.18 24.68
N ALA C 141 47.88 1.03 24.06
CA ALA C 141 48.92 0.86 23.05
C ALA C 141 48.61 1.67 21.80
N TYR C 142 47.36 2.09 21.66
CA TYR C 142 46.95 2.86 20.50
C TYR C 142 46.44 4.24 20.91
N ALA C 143 46.90 4.71 22.07
CA ALA C 143 46.58 6.04 22.55
C ALA C 143 47.74 6.99 22.27
N PRO C 144 47.43 8.26 21.98
CA PRO C 144 48.46 9.27 21.68
C PRO C 144 49.45 9.47 22.83
N ASP C 145 50.40 8.54 22.95
CA ASP C 145 51.40 8.62 24.01
C ASP C 145 52.65 7.82 23.63
N ARG D 5 5.35 20.75 4.52
CA ARG D 5 5.42 19.56 5.36
C ARG D 5 6.68 19.50 6.18
N ALA D 6 6.55 19.10 7.44
CA ALA D 6 7.67 19.15 8.38
C ALA D 6 8.68 18.03 8.18
N TYR D 7 8.24 16.91 7.59
CA TYR D 7 9.10 15.74 7.48
C TYR D 7 8.70 14.79 6.36
N PHE D 8 9.57 13.82 6.10
CA PHE D 8 9.27 12.71 5.20
C PHE D 8 9.49 11.41 5.96
N GLU D 9 8.46 10.59 6.05
CA GLU D 9 8.53 9.38 6.89
C GLU D 9 8.91 8.13 6.10
N TYR D 10 9.85 7.37 6.65
CA TYR D 10 10.23 6.07 6.10
C TYR D 10 10.05 5.00 7.16
N ARG D 11 9.38 3.91 6.80
CA ARG D 11 9.16 2.82 7.75
C ARG D 11 9.88 1.55 7.34
N HIS D 12 10.30 0.77 8.33
CA HIS D 12 11.03 -0.45 8.10
C HIS D 12 10.77 -1.48 9.19
N LEU D 13 10.40 -2.69 8.78
CA LEU D 13 10.26 -3.79 9.71
C LEU D 13 11.62 -4.44 9.95
N VAL D 14 12.06 -4.43 11.21
CA VAL D 14 13.34 -5.05 11.56
C VAL D 14 13.26 -6.58 11.46
N THR D 15 14.10 -7.16 10.62
CA THR D 15 14.16 -8.61 10.51
C THR D 15 15.43 -9.15 11.16
N PHE D 16 15.65 -10.46 11.08
CA PHE D 16 16.75 -11.11 11.78
C PHE D 16 18.12 -10.63 11.33
N ALA D 17 18.26 -10.32 10.03
CA ALA D 17 19.54 -9.90 9.48
C ALA D 17 19.98 -8.55 10.04
N ASP D 18 19.02 -7.74 10.46
CA ASP D 18 19.31 -6.42 11.01
C ASP D 18 19.94 -6.53 12.39
N THR D 19 19.75 -7.67 13.04
CA THR D 19 20.23 -7.88 14.39
C THR D 19 21.57 -8.59 14.41
N ASN D 20 22.21 -8.59 15.58
CA ASN D 20 23.44 -9.35 15.79
C ASN D 20 23.32 -10.17 17.07
N LEU D 21 24.41 -10.85 17.44
CA LEU D 21 24.38 -11.80 18.55
C LEU D 21 24.01 -11.17 19.89
N VAL D 22 24.20 -9.87 20.01
CA VAL D 22 23.84 -9.15 21.23
C VAL D 22 22.32 -9.12 21.40
N GLY D 23 21.60 -9.10 20.27
CA GLY D 23 20.16 -9.15 20.30
C GLY D 23 19.50 -7.90 19.76
N ASN D 24 20.28 -6.84 19.59
CA ASN D 24 19.78 -5.58 19.09
C ASN D 24 20.18 -5.34 17.63
N VAL D 25 19.64 -4.28 17.04
CA VAL D 25 19.98 -3.91 15.67
C VAL D 25 21.41 -3.38 15.61
N TYR D 26 22.21 -3.95 14.70
CA TYR D 26 23.58 -3.50 14.50
C TYR D 26 23.59 -2.04 14.05
N PHE D 27 24.55 -1.27 14.54
CA PHE D 27 24.52 0.20 14.41
C PHE D 27 24.54 0.69 12.97
N THR D 28 25.18 -0.06 12.07
CA THR D 28 25.31 0.35 10.68
C THR D 28 23.95 0.42 9.97
N ASN D 29 22.99 -0.37 10.43
CA ASN D 29 21.67 -0.42 9.82
C ASN D 29 20.92 0.91 9.93
N TYR D 30 21.24 1.68 10.96
CA TYR D 30 20.63 3.00 11.14
C TYR D 30 21.06 3.94 10.02
N LEU D 31 22.29 3.77 9.55
CA LEU D 31 22.80 4.56 8.44
C LEU D 31 22.21 4.08 7.12
N SER D 32 21.99 2.77 7.01
CA SER D 32 21.37 2.19 5.82
C SER D 32 19.96 2.71 5.63
N TRP D 33 19.28 2.97 6.75
CA TRP D 33 17.93 3.49 6.72
C TRP D 33 17.89 4.95 6.27
N GLN D 34 18.97 5.68 6.55
CA GLN D 34 19.13 7.03 6.01
C GLN D 34 19.21 6.96 4.50
N GLY D 35 19.91 5.95 3.99
CA GLY D 35 20.06 5.75 2.57
C GLY D 35 18.74 5.38 1.92
N ALA D 36 18.05 4.41 2.52
CA ALA D 36 16.76 3.96 2.00
C ALA D 36 15.74 5.08 2.02
N CYS D 37 15.78 5.90 3.06
CA CYS D 37 14.86 7.02 3.20
C CYS D 37 15.11 8.10 2.16
N ARG D 38 16.36 8.55 2.07
CA ARG D 38 16.73 9.63 1.16
C ARG D 38 16.49 9.27 -0.29
N GLU D 39 16.62 7.99 -0.61
CA GLU D 39 16.50 7.52 -1.98
C GLU D 39 15.06 7.20 -2.35
N ARG D 40 14.23 6.94 -1.33
CA ARG D 40 12.81 6.79 -1.56
C ARG D 40 12.20 8.16 -1.82
N PHE D 41 12.74 9.16 -1.14
CA PHE D 41 12.34 10.54 -1.33
C PHE D 41 12.64 10.99 -2.77
N LEU D 42 13.82 10.63 -3.25
CA LEU D 42 14.23 10.95 -4.61
C LEU D 42 13.31 10.30 -5.64
N ALA D 43 12.98 9.03 -5.42
CA ALA D 43 12.15 8.28 -6.33
C ALA D 43 10.74 8.87 -6.45
N GLU D 44 10.25 9.40 -5.34
CA GLU D 44 8.86 9.89 -5.27
C GLU D 44 8.73 11.38 -5.56
N LYS D 45 9.72 12.16 -5.15
CA LYS D 45 9.60 13.62 -5.23
C LYS D 45 10.43 14.25 -6.34
N ALA D 46 11.48 13.57 -6.79
CA ALA D 46 12.32 14.09 -7.86
C ALA D 46 12.83 12.98 -8.78
N PRO D 47 11.95 12.43 -9.62
CA PRO D 47 12.29 11.29 -10.48
C PRO D 47 13.31 11.63 -11.57
N LYS D 48 13.16 12.77 -12.22
CA LYS D 48 14.03 13.14 -13.34
C LYS D 48 15.47 13.38 -12.91
N THR D 49 15.66 13.75 -11.65
CA THR D 49 16.99 13.98 -11.10
C THR D 49 17.80 12.68 -11.10
N VAL D 50 17.12 11.57 -10.80
CA VAL D 50 17.74 10.26 -10.78
C VAL D 50 18.29 9.88 -12.15
N ALA D 51 17.55 10.23 -13.19
CA ALA D 51 17.96 9.93 -14.56
C ALA D 51 19.24 10.67 -14.94
N ARG D 52 19.46 11.82 -14.33
CA ARG D 52 20.65 12.62 -14.59
C ARG D 52 21.91 11.98 -14.01
N HIS D 54 22.78 8.84 -14.16
CA HIS D 54 23.33 7.87 -15.11
C HIS D 54 23.99 8.61 -16.27
N ASP D 55 23.98 9.94 -16.19
CA ASP D 55 24.53 10.77 -17.25
C ASP D 55 25.74 11.56 -16.76
N ASP D 56 25.51 12.70 -16.12
CA ASP D 56 26.59 13.58 -15.70
C ASP D 56 26.50 14.00 -14.24
N LEU D 57 25.30 13.89 -13.66
CA LEU D 57 25.09 14.31 -12.28
C LEU D 57 25.63 13.28 -11.29
N ALA D 58 26.31 13.75 -10.25
CA ALA D 58 26.87 12.87 -9.24
C ALA D 58 26.51 13.35 -7.83
N LEU D 59 25.62 12.61 -7.18
CA LEU D 59 25.28 12.90 -5.78
C LEU D 59 26.14 12.07 -4.85
N VAL D 60 27.01 12.75 -4.09
CA VAL D 60 27.97 12.08 -3.23
C VAL D 60 27.77 12.46 -1.77
N THR D 61 27.71 11.46 -0.90
CA THR D 61 27.65 11.70 0.54
C THR D 61 28.96 12.32 1.02
N SER D 62 28.87 13.49 1.64
CA SER D 62 30.06 14.18 2.12
C SER D 62 30.33 13.87 3.59
N SER D 63 29.26 13.65 4.35
CA SER D 63 29.38 13.29 5.76
C SER D 63 28.10 12.66 6.27
N CYS D 64 28.21 11.88 7.35
CA CYS D 64 27.04 11.28 7.98
C CYS D 64 27.33 11.03 9.46
N SER D 65 26.28 10.91 10.25
CA SER D 65 26.42 10.66 11.69
C SER D 65 25.11 10.12 12.28
N CYS D 66 25.21 9.49 13.44
CA CYS D 66 24.04 8.98 14.13
C CYS D 66 24.32 8.84 15.62
N GLU D 67 23.34 9.21 16.44
CA GLU D 67 23.45 9.04 17.88
C GLU D 67 22.39 8.05 18.36
N PHE D 68 22.81 7.09 19.18
CA PHE D 68 21.91 6.02 19.60
C PHE D 68 21.49 6.16 21.05
N PHE D 69 20.18 6.29 21.27
CA PHE D 69 19.63 6.50 22.60
C PHE D 69 19.15 5.19 23.20
N SER D 70 18.37 4.44 22.43
CA SER D 70 17.85 3.15 22.87
C SER D 70 18.02 2.11 21.78
N GLU D 71 17.70 0.87 22.08
CA GLU D 71 17.92 -0.24 21.15
C GLU D 71 16.64 -0.70 20.45
N LEU D 72 16.80 -1.17 19.22
CA LEU D 72 15.72 -1.80 18.49
C LEU D 72 15.92 -3.31 18.47
N TYR D 73 14.82 -4.06 18.42
CA TYR D 73 14.91 -5.52 18.47
C TYR D 73 14.32 -6.14 17.21
N ALA D 74 14.42 -7.46 17.11
CA ALA D 74 13.86 -8.18 15.98
C ALA D 74 12.35 -8.00 15.92
N LEU D 75 11.83 -7.91 14.68
CA LEU D 75 10.39 -7.76 14.43
C LEU D 75 9.83 -6.44 14.98
N ASP D 76 10.72 -5.49 15.26
CA ASP D 76 10.31 -4.14 15.60
C ASP D 76 10.00 -3.36 14.33
N THR D 77 9.09 -2.40 14.44
CA THR D 77 8.86 -1.48 13.34
C THR D 77 9.46 -0.12 13.69
N VAL D 78 10.34 0.38 12.82
CA VAL D 78 10.98 1.65 13.07
C VAL D 78 10.47 2.71 12.10
N SER D 79 10.14 3.88 12.64
CA SER D 79 9.71 5.00 11.81
C SER D 79 10.81 6.04 11.73
N VAL D 80 11.36 6.22 10.52
CA VAL D 80 12.44 7.18 10.31
C VAL D 80 11.92 8.46 9.66
N ARG D 81 11.99 9.56 10.39
CA ARG D 81 11.50 10.84 9.87
C ARG D 81 12.66 11.74 9.45
N SER D 83 14.08 15.27 7.83
CA SER D 83 13.74 16.67 7.67
C SER D 83 14.92 17.44 7.07
N LEU D 84 14.61 18.56 6.40
CA LEU D 84 15.66 19.37 5.79
C LEU D 84 16.28 20.31 6.82
N VAL D 85 17.59 20.15 7.04
CA VAL D 85 18.31 21.00 7.97
C VAL D 85 18.72 22.31 7.29
N GLY D 86 19.23 22.21 6.07
CA GLY D 86 19.62 23.38 5.32
C GLY D 86 20.23 23.07 3.96
N ILE D 87 20.30 24.08 3.11
CA ILE D 87 20.93 23.95 1.80
C ILE D 87 22.03 25.01 1.64
N ASP D 88 23.21 24.57 1.23
CA ASP D 88 24.32 25.48 1.00
C ASP D 88 24.87 25.30 -0.41
N PHE D 89 24.30 26.06 -1.35
CA PHE D 89 24.67 26.01 -2.76
C PHE D 89 24.51 24.60 -3.35
N HIS D 90 25.52 23.76 -3.17
CA HIS D 90 25.50 22.42 -3.75
C HIS D 90 25.35 21.32 -2.70
N GLN D 91 25.38 21.71 -1.44
CA GLN D 91 25.29 20.74 -0.35
C GLN D 91 23.92 20.72 0.32
N ILE D 92 23.39 19.52 0.53
CA ILE D 92 22.12 19.34 1.21
C ILE D 92 22.31 18.59 2.52
N THR D 93 21.84 19.17 3.62
CA THR D 93 21.96 18.54 4.92
C THR D 93 20.60 18.06 5.44
N GLY D 95 18.22 15.84 8.39
CA GLY D 95 18.12 15.39 9.77
C GLY D 95 17.28 14.14 9.84
N PHE D 96 17.64 13.21 10.71
CA PHE D 96 16.91 11.96 10.84
C PHE D 96 16.52 11.69 12.29
N GLU D 97 15.25 11.36 12.50
CA GLU D 97 14.77 10.96 13.81
C GLU D 97 14.17 9.55 13.74
N TYR D 98 14.67 8.67 14.60
CA TYR D 98 14.26 7.27 14.59
C TYR D 98 13.28 6.98 15.70
N TYR D 99 12.13 6.41 15.35
CA TYR D 99 11.11 6.09 16.34
C TYR D 99 10.76 4.61 16.35
N ARG D 100 10.62 4.05 17.54
CA ARG D 100 10.09 2.71 17.70
C ARG D 100 8.58 2.79 17.82
N VAL D 101 7.87 2.21 16.86
CA VAL D 101 6.42 2.30 16.81
C VAL D 101 5.76 0.92 16.84
N THR D 102 6.48 -0.05 17.36
CA THR D 102 6.02 -1.44 17.37
C THR D 102 4.66 -1.63 18.04
N ASP D 103 4.49 -1.06 19.23
CA ASP D 103 3.26 -1.21 19.99
C ASP D 103 2.26 -0.12 19.68
N GLY D 104 2.64 0.81 18.80
CA GLY D 104 1.78 1.92 18.45
C GLY D 104 2.43 3.27 18.66
N PRO D 105 2.48 3.74 19.92
CA PRO D 105 3.08 5.02 20.27
C PRO D 105 4.56 5.12 19.87
N ALA D 106 4.95 6.27 19.33
CA ALA D 106 6.31 6.47 18.87
C ALA D 106 7.24 6.86 20.01
N ARG D 107 8.43 6.28 20.01
CA ARG D 107 9.44 6.59 21.02
C ARG D 107 10.81 6.75 20.38
N LEU D 108 11.44 7.89 20.64
CA LEU D 108 12.72 8.22 20.02
C LEU D 108 13.84 7.32 20.52
N VAL D 109 14.47 6.61 19.59
CA VAL D 109 15.54 5.68 19.94
C VAL D 109 16.89 6.12 19.36
N ALA D 110 16.87 7.00 18.37
CA ALA D 110 18.09 7.47 17.75
C ALA D 110 17.88 8.77 16.97
N ARG D 111 18.97 9.51 16.77
CA ARG D 111 18.94 10.73 15.98
C ARG D 111 20.17 10.79 15.08
N GLY D 112 19.97 11.14 13.81
CA GLY D 112 21.07 11.16 12.86
C GLY D 112 21.09 12.39 11.97
N GLU D 113 22.13 12.47 11.13
CA GLU D 113 22.31 13.58 10.21
C GLU D 113 23.34 13.22 9.14
N GLN D 114 23.12 13.68 7.91
CA GLN D 114 24.10 13.49 6.84
C GLN D 114 24.03 14.62 5.82
N THR D 115 25.12 14.80 5.08
CA THR D 115 25.20 15.84 4.07
C THR D 115 25.62 15.25 2.72
N VAL D 116 24.88 15.59 1.67
CA VAL D 116 25.23 15.16 0.32
C VAL D 116 25.64 16.34 -0.53
N ALA D 117 26.52 16.10 -1.50
CA ALA D 117 26.99 17.17 -2.38
C ALA D 117 26.62 16.88 -3.83
N CYS D 118 26.14 17.90 -4.52
CA CYS D 118 25.80 17.78 -5.93
C CYS D 118 26.99 18.18 -6.80
N THR D 119 27.52 17.22 -7.54
CA THR D 119 28.69 17.48 -8.39
C THR D 119 28.47 17.01 -9.81
N LEU D 120 29.37 17.40 -10.71
CA LEU D 120 29.33 16.95 -12.09
C LEU D 120 30.46 15.96 -12.35
N ARG D 121 30.22 15.01 -13.26
CA ARG D 121 31.22 14.01 -13.59
C ARG D 121 32.41 14.60 -14.32
N GLY D 125 37.42 15.30 -13.11
CA GLY D 125 37.07 14.96 -11.74
C GLY D 125 35.65 15.34 -11.39
N LEU D 126 35.44 15.83 -10.18
CA LEU D 126 34.12 16.24 -9.72
C LEU D 126 34.06 17.74 -9.47
N THR D 127 33.03 18.38 -10.02
CA THR D 127 32.86 19.82 -9.90
C THR D 127 31.52 20.16 -9.26
N PRO D 128 31.55 20.93 -8.16
CA PRO D 128 30.33 21.35 -7.44
C PRO D 128 29.34 22.09 -8.33
N VAL D 129 28.10 21.60 -8.37
CA VAL D 129 27.06 22.24 -9.17
C VAL D 129 25.84 22.51 -8.29
N GLU D 130 25.19 23.65 -8.52
CA GLU D 130 24.01 24.04 -7.76
C GLU D 130 22.95 22.93 -7.77
N VAL D 131 22.22 22.80 -6.67
CA VAL D 131 21.19 21.78 -6.55
C VAL D 131 20.17 21.90 -7.68
N PRO D 132 19.98 20.80 -8.44
CA PRO D 132 19.06 20.73 -9.58
C PRO D 132 17.68 21.28 -9.23
N ASP D 133 17.09 22.04 -10.16
CA ASP D 133 15.83 22.74 -9.91
C ASP D 133 14.68 21.80 -9.54
N GLU D 134 14.66 20.62 -10.14
CA GLU D 134 13.62 19.66 -9.82
C GLU D 134 13.73 19.21 -8.38
N LEU D 135 14.94 18.86 -7.96
CA LEU D 135 15.20 18.48 -6.58
C LEU D 135 15.04 19.69 -5.66
N ARG D 136 15.36 20.87 -6.18
CA ARG D 136 15.25 22.09 -5.40
C ARG D 136 13.79 22.42 -5.11
N THR D 137 12.93 22.22 -6.11
CA THR D 137 11.50 22.46 -5.95
C THR D 137 10.91 21.46 -4.95
N ALA D 138 11.40 20.23 -5.00
CA ALA D 138 10.93 19.18 -4.10
C ALA D 138 11.23 19.51 -2.63
N LEU D 139 12.39 20.11 -2.40
CA LEU D 139 12.82 20.45 -1.04
C LEU D 139 12.09 21.67 -0.50
N ASP D 140 11.50 22.45 -1.40
CA ASP D 140 10.80 23.67 -1.03
C ASP D 140 9.59 23.40 -0.14
N ALA D 141 9.01 22.21 -0.28
CA ALA D 141 7.83 21.85 0.49
C ALA D 141 8.21 21.29 1.87
N TYR D 142 9.51 21.27 2.16
CA TYR D 142 10.00 20.73 3.41
C TYR D 142 10.94 21.72 4.11
N ALA D 143 10.57 23.00 4.05
CA ALA D 143 11.38 24.05 4.66
C ALA D 143 11.32 24.00 6.19
N PRO D 144 12.48 24.22 6.84
CA PRO D 144 12.57 24.25 8.31
C PRO D 144 12.13 25.59 8.88
N ALA E 6 2.05 6.18 -63.25
CA ALA E 6 0.96 5.34 -62.78
C ALA E 6 0.91 5.32 -61.25
N TYR E 7 -0.19 4.81 -60.70
CA TYR E 7 -0.36 4.74 -59.26
C TYR E 7 -1.33 3.65 -58.85
N PHE E 8 -1.13 3.10 -57.65
CA PHE E 8 -2.08 2.16 -57.09
C PHE E 8 -3.02 2.90 -56.15
N GLU E 9 -4.31 2.84 -56.44
CA GLU E 9 -5.29 3.65 -55.72
C GLU E 9 -5.99 2.89 -54.58
N TYR E 10 -6.07 3.54 -53.43
CA TYR E 10 -6.89 3.06 -52.33
C TYR E 10 -8.01 4.05 -52.05
N ARG E 11 -9.25 3.65 -52.33
CA ARG E 11 -10.40 4.53 -52.15
C ARG E 11 -11.02 4.36 -50.77
N HIS E 12 -11.35 5.48 -50.13
CA HIS E 12 -11.87 5.44 -48.76
C HIS E 12 -12.92 6.51 -48.52
N LEU E 13 -14.04 6.11 -47.93
CA LEU E 13 -15.08 7.05 -47.54
C LEU E 13 -14.86 7.53 -46.12
N VAL E 14 -14.68 8.83 -45.95
CA VAL E 14 -14.46 9.40 -44.63
C VAL E 14 -15.72 9.31 -43.76
N THR E 15 -15.62 8.59 -42.65
CA THR E 15 -16.75 8.43 -41.75
C THR E 15 -16.55 9.25 -40.48
N PHE E 16 -17.54 9.21 -39.58
CA PHE E 16 -17.52 10.04 -38.38
C PHE E 16 -16.32 9.75 -37.48
N ALA E 17 -15.90 8.49 -37.43
CA ALA E 17 -14.80 8.07 -36.57
C ALA E 17 -13.49 8.71 -37.00
N ASP E 18 -13.40 9.06 -38.28
CA ASP E 18 -12.19 9.67 -38.82
C ASP E 18 -12.07 11.14 -38.46
N THR E 19 -13.15 11.72 -37.96
CA THR E 19 -13.23 13.17 -37.77
C THR E 19 -12.81 13.62 -36.38
N ASN E 20 -12.49 14.92 -36.30
CA ASN E 20 -12.07 15.58 -35.07
C ASN E 20 -13.26 16.27 -34.41
N LEU E 21 -13.09 16.75 -33.19
CA LEU E 21 -14.11 17.59 -32.56
C LEU E 21 -14.12 18.94 -33.28
N VAL E 22 -12.98 19.27 -33.87
CA VAL E 22 -12.84 20.50 -34.64
C VAL E 22 -13.71 20.43 -35.89
N GLY E 23 -13.80 19.24 -36.49
CA GLY E 23 -14.67 19.02 -37.63
C GLY E 23 -14.00 18.33 -38.81
N ASN E 24 -12.68 18.33 -38.81
CA ASN E 24 -11.94 17.72 -39.92
C ASN E 24 -11.40 16.35 -39.56
N VAL E 25 -10.73 15.72 -40.53
CA VAL E 25 -10.12 14.41 -40.32
C VAL E 25 -8.86 14.51 -39.47
N TYR E 26 -8.80 13.72 -38.41
CA TYR E 26 -7.62 13.70 -37.55
C TYR E 26 -6.40 13.23 -38.34
N PHE E 27 -5.25 13.85 -38.06
CA PHE E 27 -4.07 13.69 -38.91
C PHE E 27 -3.53 12.27 -38.96
N THR E 28 -3.77 11.48 -37.92
CA THR E 28 -3.25 10.12 -37.85
C THR E 28 -3.91 9.19 -38.87
N ASN E 29 -5.14 9.52 -39.26
CA ASN E 29 -5.89 8.70 -40.21
C ASN E 29 -5.24 8.67 -41.59
N TYR E 30 -4.50 9.72 -41.92
CA TYR E 30 -3.77 9.78 -43.18
C TYR E 30 -2.68 8.71 -43.23
N LEU E 31 -2.04 8.50 -42.08
CA LEU E 31 -1.01 7.47 -41.96
C LEU E 31 -1.62 6.08 -41.98
N SER E 32 -2.81 5.95 -41.42
CA SER E 32 -3.53 4.68 -41.41
C SER E 32 -3.91 4.28 -42.82
N TRP E 33 -4.22 5.27 -43.65
CA TRP E 33 -4.61 5.02 -45.04
C TRP E 33 -3.41 4.56 -45.86
N GLN E 34 -2.20 4.94 -45.42
CA GLN E 34 -0.98 4.46 -46.06
C GLN E 34 -0.83 2.96 -45.82
N GLY E 35 -1.09 2.54 -44.59
CA GLY E 35 -1.01 1.13 -44.24
C GLY E 35 -2.08 0.33 -44.95
N ALA E 36 -3.29 0.87 -44.99
CA ALA E 36 -4.40 0.21 -45.68
C ALA E 36 -4.14 0.10 -47.18
N CYS E 37 -3.45 1.09 -47.73
CA CYS E 37 -3.15 1.12 -49.16
C CYS E 37 -2.04 0.12 -49.50
N ARG E 38 -0.97 0.13 -48.71
CA ARG E 38 0.20 -0.71 -48.98
C ARG E 38 -0.14 -2.20 -48.80
N GLU E 39 -1.07 -2.49 -47.89
CA GLU E 39 -1.43 -3.87 -47.60
C GLU E 39 -2.47 -4.39 -48.58
N ARG E 40 -3.32 -3.48 -49.06
CA ARG E 40 -4.26 -3.82 -50.13
C ARG E 40 -3.49 -4.09 -51.41
N PHE E 41 -2.35 -3.41 -51.56
CA PHE E 41 -1.46 -3.60 -52.69
C PHE E 41 -0.83 -4.99 -52.65
N LEU E 42 -0.31 -5.36 -51.49
CA LEU E 42 0.36 -6.65 -51.31
C LEU E 42 -0.61 -7.82 -51.49
N ALA E 43 -1.87 -7.59 -51.11
CA ALA E 43 -2.88 -8.65 -51.20
C ALA E 43 -3.26 -8.94 -52.64
N GLU E 44 -3.00 -7.99 -53.53
CA GLU E 44 -3.41 -8.12 -54.92
C GLU E 44 -2.23 -8.31 -55.87
N LYS E 45 -1.21 -7.47 -55.73
CA LYS E 45 -0.10 -7.44 -56.69
C LYS E 45 1.06 -8.36 -56.29
N ALA E 46 1.11 -8.74 -55.02
CA ALA E 46 2.17 -9.63 -54.54
C ALA E 46 1.65 -10.67 -53.55
N PRO E 47 0.86 -11.64 -54.05
CA PRO E 47 0.28 -12.67 -53.18
C PRO E 47 1.30 -13.65 -52.63
N LYS E 48 2.33 -13.96 -53.42
CA LYS E 48 3.35 -14.91 -53.00
C LYS E 48 4.25 -14.31 -51.92
N THR E 49 4.46 -12.99 -52.00
CA THR E 49 5.24 -12.28 -50.99
C THR E 49 4.51 -12.31 -49.66
N VAL E 50 3.18 -12.20 -49.72
CA VAL E 50 2.34 -12.27 -48.54
C VAL E 50 2.50 -13.60 -47.81
N ALA E 51 2.52 -14.69 -48.58
CA ALA E 51 2.61 -16.03 -48.01
C ALA E 51 3.89 -16.25 -47.21
N ARG E 52 5.00 -15.70 -47.70
CA ARG E 52 6.29 -15.90 -47.05
C ARG E 52 6.42 -15.12 -45.74
N HIS E 54 4.44 -15.23 -43.37
CA HIS E 54 3.97 -16.10 -42.29
C HIS E 54 5.04 -17.11 -41.89
N ASP E 55 6.24 -16.94 -42.41
CA ASP E 55 7.36 -17.81 -42.07
C ASP E 55 8.68 -17.06 -41.96
N ASP E 56 9.33 -16.83 -43.09
CA ASP E 56 10.68 -16.28 -43.10
C ASP E 56 10.72 -14.76 -43.26
N LEU E 57 10.11 -14.26 -44.33
CA LEU E 57 10.20 -12.84 -44.67
C LEU E 57 9.51 -11.95 -43.64
N ALA E 58 10.08 -10.77 -43.42
CA ALA E 58 9.49 -9.79 -42.50
C ALA E 58 9.58 -8.38 -43.09
N LEU E 59 8.47 -7.66 -43.03
CA LEU E 59 8.42 -6.29 -43.53
C LEU E 59 8.24 -5.28 -42.39
N VAL E 60 9.25 -4.45 -42.18
CA VAL E 60 9.24 -3.50 -41.07
C VAL E 60 9.22 -2.06 -41.58
N THR E 61 8.35 -1.24 -40.98
CA THR E 61 8.29 0.18 -41.31
C THR E 61 9.43 0.92 -40.63
N SER E 62 10.28 1.54 -41.43
CA SER E 62 11.45 2.25 -40.91
C SER E 62 11.17 3.73 -40.70
N SER E 63 10.30 4.30 -41.54
CA SER E 63 9.95 5.70 -41.43
C SER E 63 8.65 6.02 -42.17
N CYS E 64 7.98 7.08 -41.75
CA CYS E 64 6.78 7.55 -42.43
C CYS E 64 6.61 9.05 -42.22
N SER E 65 5.87 9.69 -43.13
CA SER E 65 5.66 11.13 -43.05
C SER E 65 4.44 11.55 -43.86
N CYS E 66 3.93 12.75 -43.60
CA CYS E 66 2.78 13.28 -44.31
C CYS E 66 2.69 14.79 -44.17
N GLU E 67 2.38 15.46 -45.28
CA GLU E 67 2.18 16.91 -45.28
C GLU E 67 0.72 17.20 -45.60
N PHE E 68 0.14 18.16 -44.87
CA PHE E 68 -1.29 18.46 -45.01
C PHE E 68 -1.51 19.84 -45.61
N PHE E 69 -2.18 19.87 -46.76
CA PHE E 69 -2.45 21.14 -47.45
C PHE E 69 -3.86 21.66 -47.14
N SER E 70 -4.85 20.80 -47.35
CA SER E 70 -6.24 21.18 -47.12
C SER E 70 -6.98 20.10 -46.32
N GLU E 71 -8.02 20.52 -45.60
CA GLU E 71 -8.74 19.63 -44.70
C GLU E 71 -9.74 18.74 -45.40
N LEU E 72 -9.89 17.52 -44.90
CA LEU E 72 -10.95 16.62 -45.34
C LEU E 72 -12.02 16.55 -44.26
N TYR E 73 -13.28 16.36 -44.68
CA TYR E 73 -14.39 16.34 -43.73
C TYR E 73 -15.18 15.05 -43.82
N ALA E 74 -16.15 14.89 -42.94
CA ALA E 74 -16.97 13.69 -42.91
C ALA E 74 -17.73 13.50 -44.22
N LEU E 75 -17.91 12.24 -44.61
CA LEU E 75 -18.64 11.85 -45.82
C LEU E 75 -17.94 12.32 -47.11
N ASP E 76 -16.71 12.76 -46.99
CA ASP E 76 -15.88 13.02 -48.16
C ASP E 76 -15.30 11.70 -48.65
N THR E 77 -14.95 11.64 -49.93
CA THR E 77 -14.30 10.45 -50.48
C THR E 77 -12.87 10.80 -50.88
N VAL E 78 -11.91 10.13 -50.26
CA VAL E 78 -10.50 10.40 -50.52
C VAL E 78 -9.87 9.32 -51.38
N SER E 79 -9.12 9.75 -52.40
CA SER E 79 -8.39 8.82 -53.25
C SER E 79 -6.91 8.79 -52.86
N VAL E 80 -6.51 7.74 -52.15
CA VAL E 80 -5.12 7.58 -51.75
C VAL E 80 -4.34 6.88 -52.86
N ARG E 81 -3.43 7.62 -53.50
CA ARG E 81 -2.71 7.10 -54.65
C ARG E 81 -1.24 6.86 -54.32
N SER E 83 2.66 5.48 -55.21
CA SER E 83 3.65 5.31 -56.27
C SER E 83 4.99 4.93 -55.67
N LEU E 84 5.87 4.36 -56.49
CA LEU E 84 7.19 3.97 -56.04
C LEU E 84 8.17 5.13 -56.16
N VAL E 85 8.78 5.51 -55.04
CA VAL E 85 9.77 6.58 -55.04
C VAL E 85 11.14 6.05 -55.44
N GLY E 86 11.57 4.97 -54.79
CA GLY E 86 12.85 4.36 -55.08
C GLY E 86 13.11 3.14 -54.23
N ILE E 87 13.96 2.25 -54.72
CA ILE E 87 14.31 1.04 -53.98
C ILE E 87 15.80 0.96 -53.72
N ASP E 88 16.18 0.98 -52.44
CA ASP E 88 17.58 0.82 -52.07
C ASP E 88 17.92 -0.66 -52.07
N PHE E 89 18.67 -1.09 -51.07
CA PHE E 89 18.99 -2.50 -50.93
C PHE E 89 17.75 -3.26 -50.47
N HIS E 90 17.47 -3.17 -49.17
CA HIS E 90 16.34 -3.86 -48.57
C HIS E 90 15.20 -2.90 -48.24
N GLN E 91 15.32 -1.65 -48.68
CA GLN E 91 14.33 -0.64 -48.33
C GLN E 91 13.51 -0.17 -49.53
N ILE E 92 12.19 -0.18 -49.35
CA ILE E 92 11.26 0.30 -50.37
C ILE E 92 10.60 1.60 -49.91
N THR E 93 10.73 2.64 -50.71
CA THR E 93 10.11 3.92 -50.40
C THR E 93 8.90 4.18 -51.29
N GLY E 95 5.48 6.51 -52.29
CA GLY E 95 4.97 7.87 -52.23
C GLY E 95 3.46 7.90 -52.22
N PHE E 96 2.88 8.80 -51.43
CA PHE E 96 1.42 8.87 -51.31
C PHE E 96 0.88 10.26 -51.61
N GLU E 97 -0.14 10.33 -52.47
CA GLU E 97 -0.86 11.56 -52.74
C GLU E 97 -2.34 11.39 -52.40
N TYR E 98 -2.88 12.35 -51.66
CA TYR E 98 -4.27 12.29 -51.21
C TYR E 98 -5.15 13.25 -52.00
N TYR E 99 -6.10 12.69 -52.75
CA TYR E 99 -7.01 13.52 -53.55
C TYR E 99 -8.45 13.43 -53.06
N ARG E 100 -9.09 14.59 -52.93
CA ARG E 100 -10.50 14.65 -52.60
C ARG E 100 -11.34 14.48 -53.85
N VAL E 101 -11.86 13.27 -54.05
CA VAL E 101 -12.64 12.96 -55.25
C VAL E 101 -14.13 12.95 -54.94
N THR E 102 -14.54 13.75 -53.96
CA THR E 102 -15.94 13.83 -53.56
C THR E 102 -16.79 14.43 -54.68
N ASP E 103 -16.20 15.34 -55.44
CA ASP E 103 -16.89 15.98 -56.56
C ASP E 103 -16.18 15.72 -57.88
N GLY E 104 -15.55 16.77 -58.42
CA GLY E 104 -14.84 16.67 -59.68
C GLY E 104 -14.37 18.03 -60.16
N PRO E 105 -13.09 18.12 -60.54
CA PRO E 105 -12.15 17.00 -60.56
C PRO E 105 -11.44 16.82 -59.22
N ALA E 106 -10.41 15.97 -59.21
CA ALA E 106 -9.68 15.68 -57.98
C ALA E 106 -8.95 16.91 -57.45
N ARG E 107 -8.81 16.98 -56.14
CA ARG E 107 -8.12 18.09 -55.49
C ARG E 107 -7.11 17.57 -54.46
N LEU E 108 -5.84 17.91 -54.67
CA LEU E 108 -4.78 17.49 -53.76
C LEU E 108 -4.94 18.15 -52.39
N VAL E 109 -5.11 17.35 -51.36
CA VAL E 109 -5.31 17.86 -50.00
C VAL E 109 -4.14 17.51 -49.09
N ALA E 110 -3.40 16.47 -49.45
CA ALA E 110 -2.27 16.04 -48.65
C ALA E 110 -1.28 15.21 -49.46
N ARG E 111 -0.10 15.00 -48.91
CA ARG E 111 0.94 14.20 -49.57
C ARG E 111 1.93 13.68 -48.54
N GLY E 112 2.35 12.43 -48.69
CA GLY E 112 3.30 11.82 -47.78
C GLY E 112 4.04 10.66 -48.38
N GLU E 113 4.85 9.99 -47.56
CA GLU E 113 5.62 8.83 -48.00
C GLU E 113 6.08 8.00 -46.81
N GLN E 114 6.49 6.77 -47.08
CA GLN E 114 7.01 5.90 -46.03
C GLN E 114 8.01 4.90 -46.60
N THR E 115 8.88 4.39 -45.73
CA THR E 115 9.90 3.42 -46.14
C THR E 115 9.79 2.13 -45.34
N VAL E 116 9.75 1.01 -46.04
CA VAL E 116 9.67 -0.29 -45.39
C VAL E 116 10.91 -1.13 -45.67
N ALA E 117 11.32 -1.92 -44.68
CA ALA E 117 12.50 -2.77 -44.82
C ALA E 117 12.11 -4.23 -44.99
N CYS E 118 13.01 -5.00 -45.60
CA CYS E 118 12.77 -6.43 -45.81
C CYS E 118 13.85 -7.26 -45.13
N THR E 119 13.47 -7.96 -44.07
CA THR E 119 14.40 -8.79 -43.31
C THR E 119 13.91 -10.23 -43.21
N LEU E 120 14.84 -11.13 -42.89
CA LEU E 120 14.50 -12.54 -42.74
C LEU E 120 14.31 -12.91 -41.27
N ARG E 121 13.05 -13.01 -40.86
CA ARG E 121 12.72 -13.33 -39.47
C ARG E 121 13.13 -14.75 -39.12
N LEU E 126 16.90 -12.07 -38.04
CA LEU E 126 16.26 -10.80 -38.36
C LEU E 126 17.29 -9.85 -38.97
N THR E 127 17.69 -10.13 -40.20
CA THR E 127 18.71 -9.34 -40.89
C THR E 127 18.24 -8.95 -42.29
N PRO E 128 18.65 -7.76 -42.76
CA PRO E 128 18.27 -7.22 -44.07
C PRO E 128 18.48 -8.19 -45.23
N VAL E 129 17.44 -8.38 -46.04
CA VAL E 129 17.50 -9.24 -47.22
C VAL E 129 16.95 -8.46 -48.42
N GLU E 130 17.48 -8.74 -49.61
CA GLU E 130 17.07 -8.05 -50.82
C GLU E 130 15.57 -8.20 -51.09
N VAL E 131 15.00 -7.20 -51.75
CA VAL E 131 13.58 -7.20 -52.09
C VAL E 131 13.25 -8.38 -53.01
N PRO E 132 12.27 -9.21 -52.60
CA PRO E 132 11.81 -10.36 -53.39
C PRO E 132 11.47 -9.98 -54.84
N ASP E 133 11.79 -10.86 -55.77
CA ASP E 133 11.61 -10.57 -57.19
C ASP E 133 10.15 -10.25 -57.54
N GLU E 134 9.22 -11.00 -56.96
CA GLU E 134 7.81 -10.79 -57.20
C GLU E 134 7.38 -9.40 -56.75
N LEU E 135 7.89 -8.98 -55.60
CA LEU E 135 7.54 -7.69 -55.03
C LEU E 135 8.12 -6.55 -55.87
N ARG E 136 9.35 -6.72 -56.33
CA ARG E 136 10.00 -5.70 -57.14
C ARG E 136 9.33 -5.55 -58.49
N THR E 137 8.98 -6.67 -59.11
CA THR E 137 8.31 -6.65 -60.41
C THR E 137 6.90 -6.07 -60.30
N ALA E 138 6.29 -6.21 -59.13
CA ALA E 138 4.97 -5.67 -58.89
C ALA E 138 5.04 -4.17 -58.61
N LEU E 139 6.11 -3.76 -57.94
CA LEU E 139 6.31 -2.36 -57.61
C LEU E 139 6.82 -1.56 -58.81
N ASP E 140 7.42 -2.25 -59.77
CA ASP E 140 7.98 -1.61 -60.96
C ASP E 140 6.90 -0.95 -61.82
N ALA E 141 5.69 -1.47 -61.74
CA ALA E 141 4.59 -0.98 -62.57
C ALA E 141 4.02 0.33 -62.04
N TYR E 142 4.65 0.89 -61.02
CA TYR E 142 4.22 2.16 -60.44
C TYR E 142 5.39 3.10 -60.21
N ALA E 143 6.52 2.81 -60.86
CA ALA E 143 7.72 3.63 -60.77
C ALA E 143 7.68 4.75 -61.82
N PRO E 144 8.36 5.87 -61.54
CA PRO E 144 8.42 6.97 -62.51
C PRO E 144 9.10 6.57 -63.81
N ARG F 5 18.10 17.22 -21.09
CA ARG F 5 17.10 17.75 -21.99
C ARG F 5 15.74 17.85 -21.31
N ALA F 6 15.14 19.03 -21.37
CA ALA F 6 13.81 19.24 -20.80
C ALA F 6 12.72 18.79 -21.76
N TYR F 7 11.81 17.96 -21.26
CA TYR F 7 10.77 17.38 -22.10
C TYR F 7 9.45 17.22 -21.37
N PHE F 8 8.35 17.18 -22.14
CA PHE F 8 7.04 16.85 -21.58
C PHE F 8 6.75 15.39 -21.87
N GLU F 9 6.45 14.62 -20.83
CA GLU F 9 6.35 13.18 -20.95
C GLU F 9 4.92 12.66 -21.05
N TYR F 10 4.70 11.70 -21.94
CA TYR F 10 3.44 10.98 -22.03
C TYR F 10 3.72 9.48 -21.93
N ARG F 11 3.44 8.92 -20.76
CA ARG F 11 3.67 7.49 -20.53
C ARG F 11 2.48 6.66 -21.00
N HIS F 12 2.76 5.53 -21.64
CA HIS F 12 1.72 4.71 -22.22
C HIS F 12 2.03 3.22 -22.12
N LEU F 13 1.12 2.47 -21.51
CA LEU F 13 1.23 1.01 -21.47
C LEU F 13 0.65 0.41 -22.74
N VAL F 14 1.50 -0.26 -23.51
CA VAL F 14 1.07 -0.87 -24.76
C VAL F 14 0.16 -2.06 -24.52
N THR F 15 -1.06 -1.98 -25.03
CA THR F 15 -2.01 -3.07 -24.91
C THR F 15 -2.15 -3.83 -26.23
N PHE F 16 -3.04 -4.81 -26.26
CA PHE F 16 -3.17 -5.70 -27.42
C PHE F 16 -3.63 -4.96 -28.68
N ALA F 17 -4.44 -3.93 -28.51
CA ALA F 17 -4.97 -3.18 -29.64
C ALA F 17 -3.88 -2.40 -30.37
N ASP F 18 -2.80 -2.09 -29.67
CA ASP F 18 -1.68 -1.35 -30.24
C ASP F 18 -0.86 -2.22 -31.17
N THR F 19 -1.00 -3.54 -31.03
CA THR F 19 -0.20 -4.47 -31.82
C THR F 19 -0.94 -4.97 -33.05
N ASN F 20 -0.19 -5.57 -33.97
CA ASN F 20 -0.77 -6.24 -35.12
C ASN F 20 -0.33 -7.70 -35.16
N LEU F 21 -0.66 -8.40 -36.25
CA LEU F 21 -0.40 -9.84 -36.33
C LEU F 21 1.08 -10.19 -36.31
N VAL F 22 1.92 -9.25 -36.74
CA VAL F 22 3.37 -9.48 -36.75
C VAL F 22 3.88 -9.58 -35.31
N GLY F 23 3.26 -8.85 -34.40
CA GLY F 23 3.60 -8.92 -32.99
C GLY F 23 3.97 -7.58 -32.40
N ASN F 24 4.49 -6.69 -33.22
CA ASN F 24 4.92 -5.37 -32.77
C ASN F 24 3.81 -4.34 -32.82
N VAL F 25 4.09 -3.15 -32.28
CA VAL F 25 3.15 -2.05 -32.34
C VAL F 25 3.04 -1.50 -33.76
N TYR F 26 1.81 -1.43 -34.27
CA TYR F 26 1.57 -0.88 -35.60
C TYR F 26 2.06 0.57 -35.66
N PHE F 27 2.68 0.93 -36.78
CA PHE F 27 3.42 2.19 -36.88
C PHE F 27 2.56 3.44 -36.68
N THR F 28 1.27 3.35 -37.00
CA THR F 28 0.38 4.49 -36.88
C THR F 28 0.17 4.90 -35.43
N ASN F 29 0.34 3.96 -34.51
CA ASN F 29 0.17 4.24 -33.09
C ASN F 29 1.21 5.21 -32.55
N TYR F 30 2.37 5.24 -33.19
CA TYR F 30 3.43 6.17 -32.83
C TYR F 30 3.01 7.60 -33.10
N LEU F 31 2.22 7.79 -34.15
CA LEU F 31 1.70 9.10 -34.51
C LEU F 31 0.53 9.47 -33.61
N SER F 32 -0.24 8.46 -33.20
CA SER F 32 -1.35 8.67 -32.28
C SER F 32 -0.85 9.17 -30.93
N TRP F 33 0.32 8.69 -30.53
CA TRP F 33 0.93 9.08 -29.27
C TRP F 33 1.42 10.52 -29.30
N GLN F 34 1.75 11.02 -30.48
CA GLN F 34 2.11 12.42 -30.64
C GLN F 34 0.92 13.31 -30.33
N GLY F 35 -0.24 12.94 -30.87
CA GLY F 35 -1.46 13.67 -30.63
C GLY F 35 -1.88 13.62 -29.17
N ALA F 36 -1.77 12.44 -28.57
CA ALA F 36 -2.13 12.27 -27.18
C ALA F 36 -1.22 13.08 -26.28
N CYS F 37 0.05 13.18 -26.67
CA CYS F 37 1.05 13.92 -25.89
C CYS F 37 0.84 15.42 -26.00
N ARG F 38 0.61 15.90 -27.23
CA ARG F 38 0.47 17.33 -27.48
C ARG F 38 -0.81 17.89 -26.85
N GLU F 39 -1.85 17.07 -26.81
CA GLU F 39 -3.15 17.50 -26.30
C GLU F 39 -3.21 17.37 -24.78
N ARG F 40 -2.41 16.46 -24.24
CA ARG F 40 -2.25 16.37 -22.80
C ARG F 40 -1.48 17.60 -22.31
N PHE F 41 -0.53 18.03 -23.13
CA PHE F 41 0.27 19.22 -22.83
C PHE F 41 -0.61 20.47 -22.78
N LEU F 42 -1.54 20.58 -23.73
CA LEU F 42 -2.45 21.72 -23.79
C LEU F 42 -3.37 21.75 -22.58
N ALA F 43 -3.81 20.58 -22.13
CA ALA F 43 -4.75 20.47 -21.03
C ALA F 43 -4.11 20.92 -19.71
N GLU F 44 -2.84 20.61 -19.53
CA GLU F 44 -2.17 20.85 -18.26
C GLU F 44 -1.36 22.14 -18.23
N LYS F 45 -0.96 22.64 -19.39
CA LYS F 45 -0.04 23.77 -19.44
C LYS F 45 -0.63 25.00 -20.13
N ALA F 46 -1.71 24.83 -20.89
CA ALA F 46 -2.30 25.96 -21.61
C ALA F 46 -3.83 25.92 -21.63
N PRO F 47 -4.46 26.19 -20.48
CA PRO F 47 -5.92 26.18 -20.40
C PRO F 47 -6.57 27.33 -21.18
N LYS F 48 -5.96 28.52 -21.12
CA LYS F 48 -6.49 29.68 -21.80
C LYS F 48 -6.45 29.51 -23.32
N THR F 49 -5.41 28.85 -23.82
CA THR F 49 -5.29 28.56 -25.24
C THR F 49 -6.37 27.56 -25.67
N VAL F 50 -6.59 26.56 -24.83
CA VAL F 50 -7.63 25.56 -25.07
C VAL F 50 -9.00 26.22 -25.09
N ALA F 51 -9.23 27.12 -24.16
CA ALA F 51 -10.51 27.82 -24.05
C ALA F 51 -10.80 28.66 -25.30
N ARG F 52 -9.74 29.17 -25.92
CA ARG F 52 -9.88 30.01 -27.09
C ARG F 52 -10.09 29.17 -28.35
N HIS F 54 -12.35 27.01 -28.55
CA HIS F 54 -13.80 26.93 -28.66
C HIS F 54 -14.35 28.26 -29.20
N ASP F 55 -13.44 29.20 -29.42
CA ASP F 55 -13.81 30.51 -29.95
C ASP F 55 -13.44 30.62 -31.42
N ASP F 56 -12.27 31.16 -31.68
CA ASP F 56 -11.82 31.40 -33.05
C ASP F 56 -10.51 30.67 -33.36
N LEU F 57 -9.75 30.36 -32.31
CA LEU F 57 -8.44 29.76 -32.49
C LEU F 57 -8.53 28.31 -32.97
N ALA F 58 -7.69 27.97 -33.94
CA ALA F 58 -7.63 26.62 -34.46
C ALA F 58 -6.18 26.17 -34.64
N LEU F 59 -5.88 24.97 -34.18
CA LEU F 59 -4.52 24.43 -34.29
C LEU F 59 -4.46 23.37 -35.38
N VAL F 60 -4.02 23.77 -36.58
CA VAL F 60 -3.97 22.86 -37.71
C VAL F 60 -2.62 22.15 -37.81
N THR F 61 -2.65 20.83 -37.99
CA THR F 61 -1.43 20.07 -38.19
C THR F 61 -0.91 20.26 -39.61
N SER F 62 0.28 20.84 -39.74
CA SER F 62 0.86 21.12 -41.04
C SER F 62 1.64 19.92 -41.57
N SER F 63 2.39 19.27 -40.69
CA SER F 63 3.23 18.14 -41.07
C SER F 63 3.47 17.22 -39.89
N CYS F 64 3.81 15.97 -40.18
CA CYS F 64 4.16 15.01 -39.14
C CYS F 64 5.04 13.91 -39.73
N SER F 65 5.91 13.34 -38.90
CA SER F 65 6.81 12.28 -39.34
C SER F 65 7.29 11.46 -38.15
N CYS F 66 7.87 10.30 -38.43
CA CYS F 66 8.40 9.43 -37.39
C CYS F 66 9.39 8.43 -37.96
N GLU F 67 10.50 8.23 -37.26
CA GLU F 67 11.51 7.27 -37.67
C GLU F 67 11.56 6.13 -36.67
N PHE F 68 11.49 4.90 -37.18
CA PHE F 68 11.40 3.73 -36.30
C PHE F 68 12.71 2.96 -36.24
N PHE F 69 13.28 2.88 -35.03
CA PHE F 69 14.56 2.23 -34.81
C PHE F 69 14.39 0.81 -34.30
N SER F 70 13.64 0.66 -33.21
CA SER F 70 13.38 -0.64 -32.62
C SER F 70 11.88 -0.87 -32.44
N GLU F 71 11.51 -2.12 -32.16
CA GLU F 71 10.10 -2.49 -32.06
C GLU F 71 9.59 -2.50 -30.62
N LEU F 72 8.34 -2.06 -30.44
CA LEU F 72 7.67 -2.18 -29.16
C LEU F 72 6.70 -3.35 -29.22
N TYR F 73 6.47 -3.99 -28.07
CA TYR F 73 5.57 -5.14 -28.01
C TYR F 73 4.49 -4.93 -26.96
N ALA F 74 3.56 -5.87 -26.89
CA ALA F 74 2.47 -5.81 -25.93
C ALA F 74 3.01 -5.77 -24.51
N LEU F 75 2.35 -4.98 -23.66
CA LEU F 75 2.70 -4.84 -22.24
C LEU F 75 4.04 -4.14 -22.04
N ASP F 76 4.54 -3.49 -23.08
CA ASP F 76 5.68 -2.59 -22.93
C ASP F 76 5.19 -1.23 -22.46
N THR F 77 6.00 -0.56 -21.65
CA THR F 77 5.70 0.82 -21.27
C THR F 77 6.58 1.75 -22.08
N VAL F 78 5.97 2.64 -22.85
CA VAL F 78 6.72 3.56 -23.69
C VAL F 78 6.65 4.98 -23.14
N SER F 79 7.79 5.65 -23.11
CA SER F 79 7.87 7.03 -22.66
C SER F 79 7.98 7.97 -23.86
N VAL F 80 6.89 8.63 -24.20
CA VAL F 80 6.88 9.58 -25.30
C VAL F 80 7.26 10.96 -24.79
N ARG F 81 8.41 11.46 -25.23
CA ARG F 81 8.96 12.69 -24.70
C ARG F 81 8.95 13.82 -25.73
N SER F 83 9.68 17.68 -26.90
CA SER F 83 10.48 18.89 -26.71
C SER F 83 10.19 19.88 -27.83
N LEU F 84 10.45 21.15 -27.58
CA LEU F 84 10.26 22.18 -28.59
C LEU F 84 11.44 22.24 -29.54
N VAL F 85 11.16 22.21 -30.84
CA VAL F 85 12.21 22.35 -31.84
C VAL F 85 12.39 23.81 -32.21
N GLY F 86 11.27 24.50 -32.42
CA GLY F 86 11.31 25.92 -32.75
C GLY F 86 9.93 26.52 -32.98
N ILE F 87 9.87 27.85 -32.96
CA ILE F 87 8.63 28.57 -33.23
C ILE F 87 8.84 29.66 -34.28
N ASP F 88 8.10 29.57 -35.38
CA ASP F 88 8.18 30.57 -36.44
C ASP F 88 6.88 31.36 -36.52
N PHE F 89 6.82 32.45 -35.76
CA PHE F 89 5.65 33.34 -35.71
C PHE F 89 4.37 32.60 -35.31
N HIS F 90 3.79 31.87 -36.25
CA HIS F 90 2.51 31.21 -36.01
C HIS F 90 2.61 29.68 -36.02
N GLN F 91 3.76 29.16 -36.44
CA GLN F 91 3.94 27.72 -36.53
C GLN F 91 4.81 27.17 -35.41
N ILE F 92 4.41 26.03 -34.87
CA ILE F 92 5.13 25.37 -33.80
C ILE F 92 5.60 23.98 -34.24
N THR F 93 6.91 23.75 -34.18
CA THR F 93 7.46 22.44 -34.51
C THR F 93 7.88 21.71 -33.25
N GLY F 95 9.30 18.21 -31.28
CA GLY F 95 10.11 17.02 -31.44
C GLY F 95 9.67 15.92 -30.50
N PHE F 96 9.70 14.68 -30.97
CA PHE F 96 9.29 13.55 -30.15
C PHE F 96 10.35 12.46 -30.11
N GLU F 97 10.62 11.95 -28.91
CA GLU F 97 11.51 10.82 -28.75
C GLU F 97 10.80 9.70 -27.99
N TYR F 98 10.85 8.48 -28.54
CA TYR F 98 10.15 7.35 -27.96
C TYR F 98 11.10 6.42 -27.24
N TYR F 99 10.89 6.24 -25.94
CA TYR F 99 11.77 5.39 -25.14
C TYR F 99 11.03 4.19 -24.56
N ARG F 100 11.63 3.02 -24.68
CA ARG F 100 11.13 1.84 -23.99
C ARG F 100 11.60 1.86 -22.54
N VAL F 101 10.67 2.09 -21.63
CA VAL F 101 11.00 2.16 -20.20
C VAL F 101 10.39 1.00 -19.44
N THR F 102 10.20 -0.12 -20.13
CA THR F 102 9.62 -1.33 -19.55
C THR F 102 10.44 -1.80 -18.34
N ASP F 103 11.75 -1.83 -18.49
CA ASP F 103 12.64 -2.23 -17.41
C ASP F 103 14.03 -1.63 -17.59
N GLY F 104 14.60 -1.13 -16.50
CA GLY F 104 15.94 -0.57 -16.53
C GLY F 104 16.03 0.74 -17.30
N PRO F 105 17.24 1.13 -17.69
CA PRO F 105 17.50 2.36 -18.45
C PRO F 105 16.67 2.45 -19.72
N ALA F 106 16.23 3.66 -20.05
CA ALA F 106 15.38 3.88 -21.22
C ALA F 106 16.14 3.59 -22.52
N ARG F 107 15.44 2.98 -23.47
CA ARG F 107 16.02 2.69 -24.77
C ARG F 107 15.25 3.41 -25.88
N LEU F 108 15.96 4.25 -26.63
CA LEU F 108 15.35 4.97 -27.74
C LEU F 108 14.97 4.01 -28.85
N VAL F 109 13.68 3.92 -29.14
CA VAL F 109 13.17 3.01 -30.14
C VAL F 109 12.61 3.74 -31.36
N ALA F 110 12.34 5.03 -31.19
CA ALA F 110 11.80 5.84 -32.28
C ALA F 110 11.94 7.33 -32.00
N ARG F 111 11.94 8.12 -33.07
CA ARG F 111 11.99 9.58 -32.95
C ARG F 111 11.10 10.21 -34.02
N GLY F 112 10.26 11.14 -33.59
CA GLY F 112 9.31 11.78 -34.50
C GLY F 112 9.34 13.29 -34.47
N GLU F 113 8.51 13.89 -35.31
CA GLU F 113 8.43 15.34 -35.41
C GLU F 113 7.13 15.75 -36.09
N GLN F 114 6.50 16.81 -35.60
CA GLN F 114 5.30 17.33 -36.24
C GLN F 114 5.21 18.84 -36.09
N THR F 115 4.53 19.49 -37.03
CA THR F 115 4.40 20.95 -37.03
C THR F 115 2.93 21.37 -37.04
N VAL F 116 2.55 22.20 -36.08
CA VAL F 116 1.20 22.73 -36.02
C VAL F 116 1.20 24.22 -36.34
N ALA F 117 0.09 24.72 -36.88
CA ALA F 117 -0.02 26.12 -37.25
C ALA F 117 -1.20 26.78 -36.55
N CYS F 118 -0.91 27.86 -35.82
CA CYS F 118 -1.95 28.62 -35.14
C CYS F 118 -2.67 29.53 -36.12
N THR F 119 -3.93 29.23 -36.40
CA THR F 119 -4.72 30.01 -37.35
C THR F 119 -6.10 30.36 -36.80
N LEU F 120 -6.75 31.33 -37.43
CA LEU F 120 -8.09 31.74 -37.03
C LEU F 120 -9.15 31.15 -37.96
N ARG F 121 -10.32 30.85 -37.40
CA ARG F 121 -11.44 30.34 -38.18
C ARG F 121 -12.44 31.44 -38.49
N ALA F 122 -12.48 31.88 -39.74
CA ALA F 122 -13.37 32.94 -40.16
C ALA F 122 -13.68 32.84 -41.66
N GLU F 123 -13.77 33.99 -42.32
CA GLU F 123 -14.05 34.03 -43.75
C GLU F 123 -12.95 34.77 -44.51
N GLY F 125 -11.34 31.07 -42.78
CA GLY F 125 -10.69 30.33 -43.85
C GLY F 125 -9.37 29.73 -43.39
N LEU F 126 -8.30 30.50 -43.50
CA LEU F 126 -6.98 30.06 -43.09
C LEU F 126 -6.03 31.24 -42.87
N THR F 127 -6.33 32.05 -41.88
CA THR F 127 -5.50 33.21 -41.55
C THR F 127 -4.59 32.92 -40.36
N PRO F 128 -3.27 32.93 -40.59
CA PRO F 128 -2.27 32.68 -39.55
C PRO F 128 -2.34 33.70 -38.42
N VAL F 129 -2.29 33.22 -37.18
CA VAL F 129 -2.25 34.09 -36.01
C VAL F 129 -1.05 33.71 -35.14
N GLU F 130 -0.37 34.73 -34.61
CA GLU F 130 0.82 34.50 -33.80
C GLU F 130 0.52 33.62 -32.59
N VAL F 131 1.45 32.73 -32.28
CA VAL F 131 1.30 31.81 -31.15
C VAL F 131 1.05 32.59 -29.86
N PRO F 132 -0.10 32.33 -29.20
CA PRO F 132 -0.51 32.99 -27.97
C PRO F 132 0.58 33.03 -26.91
N ASP F 133 0.63 34.09 -26.13
CA ASP F 133 1.68 34.30 -25.14
C ASP F 133 1.75 33.16 -24.14
N GLU F 134 0.59 32.63 -23.76
CA GLU F 134 0.52 31.52 -22.81
C GLU F 134 1.18 30.27 -23.37
N LEU F 135 0.80 29.91 -24.60
CA LEU F 135 1.31 28.72 -25.25
C LEU F 135 2.82 28.85 -25.52
N ARG F 136 3.24 30.05 -25.92
CA ARG F 136 4.65 30.31 -26.19
C ARG F 136 5.49 30.14 -24.93
N THR F 137 4.96 30.64 -23.81
CA THR F 137 5.66 30.57 -22.53
C THR F 137 5.76 29.12 -22.03
N ALA F 138 4.68 28.37 -22.18
CA ALA F 138 4.63 26.98 -21.73
C ALA F 138 5.55 26.10 -22.55
N LEU F 139 5.67 26.40 -23.84
CA LEU F 139 6.51 25.63 -24.74
C LEU F 139 8.00 25.89 -24.52
N ASP F 140 8.32 27.10 -24.09
CA ASP F 140 9.70 27.50 -23.86
C ASP F 140 10.33 26.77 -22.68
N ALA F 141 9.48 26.19 -21.83
CA ALA F 141 9.94 25.43 -20.68
C ALA F 141 10.60 24.14 -21.14
N TYR F 142 10.25 23.69 -22.34
CA TYR F 142 10.79 22.47 -22.90
C TYR F 142 11.61 22.77 -24.15
N ALA F 143 12.30 23.90 -24.14
CA ALA F 143 13.15 24.31 -25.25
C ALA F 143 14.57 23.80 -25.06
N PRO F 144 15.30 23.60 -26.17
CA PRO F 144 16.68 23.11 -26.07
C PRO F 144 17.67 24.22 -25.68
N ALA G 6 -15.60 -2.76 -4.76
CA ALA G 6 -14.26 -3.01 -5.24
C ALA G 6 -14.22 -3.16 -6.75
N TYR G 7 -13.26 -2.50 -7.39
CA TYR G 7 -13.15 -2.51 -8.84
C TYR G 7 -11.70 -2.29 -9.30
N PHE G 8 -11.38 -2.78 -10.50
CA PHE G 8 -10.11 -2.45 -11.11
C PHE G 8 -10.29 -1.22 -11.97
N GLU G 9 -9.48 -0.20 -11.73
CA GLU G 9 -9.66 1.09 -12.40
C GLU G 9 -8.69 1.31 -13.55
N TYR G 10 -9.23 1.77 -14.68
CA TYR G 10 -8.41 2.21 -15.79
C TYR G 10 -8.70 3.68 -16.09
N ARG G 11 -7.75 4.55 -15.75
CA ARG G 11 -7.89 5.97 -15.98
C ARG G 11 -7.39 6.38 -17.36
N HIS G 12 -8.15 7.23 -18.03
CA HIS G 12 -7.81 7.67 -19.38
C HIS G 12 -8.19 9.13 -19.61
N LEU G 13 -7.25 9.90 -20.13
CA LEU G 13 -7.53 11.27 -20.52
C LEU G 13 -8.04 11.32 -21.96
N VAL G 14 -9.25 11.82 -22.14
CA VAL G 14 -9.85 11.90 -23.46
C VAL G 14 -9.14 12.93 -24.34
N THR G 15 -8.53 12.47 -25.42
CA THR G 15 -7.84 13.37 -26.35
C THR G 15 -8.72 13.64 -27.58
N PHE G 16 -8.23 14.48 -28.48
CA PHE G 16 -8.99 14.92 -29.64
C PHE G 16 -9.37 13.75 -30.56
N ALA G 17 -8.52 12.74 -30.62
CA ALA G 17 -8.73 11.60 -31.50
C ALA G 17 -9.92 10.76 -31.06
N ASP G 18 -10.25 10.83 -29.77
CA ASP G 18 -11.38 10.08 -29.22
C ASP G 18 -12.71 10.73 -29.59
N THR G 19 -12.66 12.02 -29.92
CA THR G 19 -13.86 12.78 -30.24
C THR G 19 -14.17 12.74 -31.74
N ASN G 20 -15.40 13.07 -32.09
CA ASN G 20 -15.79 13.19 -33.49
C ASN G 20 -16.44 14.54 -33.75
N LEU G 21 -16.98 14.73 -34.95
CA LEU G 21 -17.48 16.03 -35.37
C LEU G 21 -18.66 16.52 -34.53
N VAL G 22 -19.38 15.59 -33.90
CA VAL G 22 -20.49 15.96 -33.04
C VAL G 22 -19.98 16.66 -31.78
N GLY G 23 -18.78 16.30 -31.35
CA GLY G 23 -18.15 16.94 -30.21
C GLY G 23 -17.86 15.99 -29.07
N ASN G 24 -18.62 14.91 -29.02
CA ASN G 24 -18.47 13.91 -27.97
C ASN G 24 -17.55 12.76 -28.40
N VAL G 25 -17.26 11.87 -27.46
CA VAL G 25 -16.44 10.70 -27.75
C VAL G 25 -17.21 9.69 -28.59
N TYR G 26 -16.60 9.28 -29.70
CA TYR G 26 -17.19 8.24 -30.56
C TYR G 26 -17.40 6.97 -29.76
N PHE G 27 -18.52 6.30 -30.00
CA PHE G 27 -18.94 5.17 -29.17
C PHE G 27 -17.94 4.01 -29.16
N THR G 28 -17.15 3.91 -30.22
CA THR G 28 -16.17 2.83 -30.38
C THR G 28 -15.14 2.81 -29.24
N ASN G 29 -14.69 4.00 -28.84
CA ASN G 29 -13.63 4.13 -27.84
C ASN G 29 -13.99 3.55 -26.47
N TYR G 30 -15.28 3.51 -26.16
CA TYR G 30 -15.75 2.96 -24.90
C TYR G 30 -15.42 1.48 -24.78
N LEU G 31 -15.41 0.79 -25.92
CA LEU G 31 -15.08 -0.63 -25.95
C LEU G 31 -13.58 -0.85 -26.07
N SER G 32 -12.89 0.14 -26.62
CA SER G 32 -11.43 0.13 -26.65
C SER G 32 -10.89 0.20 -25.23
N TRP G 33 -11.58 0.98 -24.41
CA TRP G 33 -11.20 1.17 -23.01
C TRP G 33 -11.43 -0.12 -22.21
N GLN G 34 -12.43 -0.90 -22.61
CA GLN G 34 -12.65 -2.21 -22.01
C GLN G 34 -11.46 -3.11 -22.28
N GLY G 35 -10.94 -3.05 -23.50
CA GLY G 35 -9.79 -3.84 -23.89
C GLY G 35 -8.54 -3.41 -23.16
N ALA G 36 -8.31 -2.11 -23.07
CA ALA G 36 -7.14 -1.58 -22.37
C ALA G 36 -7.21 -1.91 -20.89
N CYS G 37 -8.42 -1.88 -20.33
CA CYS G 37 -8.63 -2.16 -18.92
C CYS G 37 -8.37 -3.62 -18.59
N ARG G 38 -8.98 -4.52 -19.35
CA ARG G 38 -8.87 -5.95 -19.09
C ARG G 38 -7.43 -6.44 -19.25
N GLU G 39 -6.70 -5.85 -20.19
CA GLU G 39 -5.34 -6.29 -20.50
C GLU G 39 -4.33 -5.70 -19.53
N ARG G 40 -4.65 -4.53 -18.95
CA ARG G 40 -3.83 -3.97 -17.90
C ARG G 40 -4.03 -4.78 -16.63
N PHE G 41 -5.26 -5.22 -16.41
CA PHE G 41 -5.59 -6.10 -15.29
C PHE G 41 -4.80 -7.40 -15.36
N LEU G 42 -4.86 -8.04 -16.53
CA LEU G 42 -4.13 -9.28 -16.76
C LEU G 42 -2.63 -9.09 -16.55
N ALA G 43 -2.11 -7.94 -17.00
CA ALA G 43 -0.70 -7.64 -16.90
C ALA G 43 -0.27 -7.46 -15.45
N GLU G 44 -1.15 -6.88 -14.64
CA GLU G 44 -0.83 -6.58 -13.25
C GLU G 44 -1.18 -7.72 -12.30
N LYS G 45 -2.31 -8.38 -12.57
CA LYS G 45 -2.89 -9.32 -11.60
C LYS G 45 -2.75 -10.79 -11.98
N ALA G 46 -2.47 -11.08 -13.23
CA ALA G 46 -2.35 -12.46 -13.68
C ALA G 46 -1.18 -12.69 -14.63
N PRO G 47 0.06 -12.52 -14.14
CA PRO G 47 1.24 -12.69 -14.99
C PRO G 47 1.45 -14.12 -15.48
N LYS G 48 1.14 -15.10 -14.64
CA LYS G 48 1.27 -16.51 -15.02
C LYS G 48 0.28 -16.86 -16.13
N THR G 49 -0.91 -16.27 -16.06
CA THR G 49 -1.91 -16.46 -17.10
C THR G 49 -1.44 -15.82 -18.41
N VAL G 50 -0.88 -14.62 -18.30
CA VAL G 50 -0.32 -13.91 -19.45
C VAL G 50 0.81 -14.72 -20.07
N ALA G 51 1.64 -15.33 -19.22
CA ALA G 51 2.75 -16.15 -19.70
C ALA G 51 2.25 -17.37 -20.49
N ARG G 52 1.12 -17.93 -20.06
CA ARG G 52 0.54 -19.08 -20.73
C ARG G 52 -0.03 -18.73 -22.10
N HIS G 54 1.34 -17.12 -24.32
CA HIS G 54 2.42 -17.27 -25.29
C HIS G 54 2.54 -18.74 -25.71
N ASP G 55 1.92 -19.61 -24.92
CA ASP G 55 1.99 -21.05 -25.18
C ASP G 55 0.67 -21.58 -25.76
N ASP G 56 -0.17 -22.15 -24.91
CA ASP G 56 -1.36 -22.84 -25.37
C ASP G 56 -2.66 -22.12 -25.01
N LEU G 57 -2.58 -21.20 -24.05
CA LEU G 57 -3.77 -20.52 -23.56
C LEU G 57 -4.21 -19.37 -24.46
N ALA G 58 -5.52 -19.22 -24.64
CA ALA G 58 -6.08 -18.14 -25.44
C ALA G 58 -7.37 -17.62 -24.83
N LEU G 59 -7.46 -16.31 -24.64
CA LEU G 59 -8.67 -15.69 -24.11
C LEU G 59 -9.52 -15.11 -25.23
N VAL G 60 -10.46 -15.90 -25.72
CA VAL G 60 -11.30 -15.50 -26.84
C VAL G 60 -12.50 -14.67 -26.40
N THR G 61 -12.63 -13.47 -26.96
CA THR G 61 -13.80 -12.63 -26.70
C THR G 61 -15.02 -13.19 -27.41
N SER G 62 -16.07 -13.46 -26.64
CA SER G 62 -17.28 -14.08 -27.20
C SER G 62 -18.40 -13.06 -27.37
N SER G 63 -18.44 -12.06 -26.50
CA SER G 63 -19.45 -11.02 -26.59
C SER G 63 -19.02 -9.75 -25.87
N CYS G 64 -19.54 -8.62 -26.33
CA CYS G 64 -19.29 -7.33 -25.68
C CYS G 64 -20.48 -6.40 -25.92
N SER G 65 -20.71 -5.49 -24.97
CA SER G 65 -21.80 -4.54 -25.08
C SER G 65 -21.50 -3.28 -24.28
N CYS G 66 -22.19 -2.20 -24.59
CA CYS G 66 -22.06 -0.95 -23.84
C CYS G 66 -23.32 -0.10 -23.95
N GLU G 67 -23.69 0.53 -22.85
CA GLU G 67 -24.86 1.40 -22.81
C GLU G 67 -24.43 2.82 -22.47
N PHE G 68 -24.97 3.80 -23.19
CA PHE G 68 -24.51 5.18 -23.07
C PHE G 68 -25.57 6.08 -22.47
N PHE G 69 -25.20 6.80 -21.42
CA PHE G 69 -26.13 7.67 -20.70
C PHE G 69 -25.80 9.14 -20.96
N SER G 70 -24.56 9.53 -20.65
CA SER G 70 -24.13 10.90 -20.82
C SER G 70 -22.95 10.99 -21.80
N GLU G 71 -22.56 12.21 -22.12
CA GLU G 71 -21.50 12.45 -23.09
C GLU G 71 -20.16 12.75 -22.42
N LEU G 72 -19.10 12.18 -22.98
CA LEU G 72 -17.75 12.55 -22.58
C LEU G 72 -17.18 13.49 -23.62
N TYR G 73 -16.38 14.46 -23.19
CA TYR G 73 -15.82 15.44 -24.11
C TYR G 73 -14.29 15.42 -24.08
N ALA G 74 -13.69 16.15 -25.00
CA ALA G 74 -12.24 16.23 -25.08
C ALA G 74 -11.66 16.78 -23.77
N LEU G 75 -10.51 16.24 -23.38
CA LEU G 75 -9.78 16.65 -22.18
C LEU G 75 -10.51 16.28 -20.88
N ASP G 76 -11.57 15.50 -21.00
CA ASP G 76 -12.20 14.90 -19.82
C ASP G 76 -11.36 13.72 -19.36
N THR G 77 -11.39 13.44 -18.06
CA THR G 77 -10.76 12.24 -17.54
C THR G 77 -11.85 11.21 -17.21
N VAL G 78 -11.75 10.04 -17.84
CA VAL G 78 -12.74 9.00 -17.61
C VAL G 78 -12.17 7.90 -16.72
N SER G 79 -12.97 7.47 -15.74
CA SER G 79 -12.57 6.39 -14.85
C SER G 79 -13.31 5.10 -15.21
N VAL G 80 -12.64 4.21 -15.92
CA VAL G 80 -13.23 2.92 -16.29
C VAL G 80 -13.04 1.93 -15.14
N ARG G 81 -14.15 1.47 -14.59
CA ARG G 81 -14.10 0.61 -13.41
C ARG G 81 -14.61 -0.80 -13.71
N SER G 83 -15.39 -4.79 -12.80
CA SER G 83 -15.71 -5.73 -11.74
C SER G 83 -16.18 -7.05 -12.34
N LEU G 84 -16.07 -8.12 -11.56
CA LEU G 84 -16.48 -9.44 -12.02
C LEU G 84 -17.99 -9.61 -11.94
N VAL G 85 -18.62 -9.95 -13.05
CA VAL G 85 -20.06 -10.21 -13.04
C VAL G 85 -20.31 -11.67 -12.67
N GLY G 86 -19.51 -12.57 -13.23
CA GLY G 86 -19.62 -13.98 -12.93
C GLY G 86 -18.65 -14.85 -13.72
N ILE G 87 -18.44 -16.07 -13.24
CA ILE G 87 -17.59 -17.03 -13.92
C ILE G 87 -18.33 -18.34 -14.13
N ASP G 88 -18.39 -18.80 -15.37
CA ASP G 88 -19.03 -20.07 -15.69
C ASP G 88 -18.02 -21.05 -16.29
N PHE G 89 -17.34 -21.78 -15.42
CA PHE G 89 -16.30 -22.75 -15.80
C PHE G 89 -15.16 -22.10 -16.57
N HIS G 90 -15.37 -21.86 -17.86
CA HIS G 90 -14.31 -21.33 -18.71
C HIS G 90 -14.62 -19.91 -19.20
N GLN G 91 -15.83 -19.44 -18.92
CA GLN G 91 -16.25 -18.11 -19.39
C GLN G 91 -16.22 -17.09 -18.27
N ILE G 92 -15.70 -15.91 -18.59
CA ILE G 92 -15.62 -14.80 -17.64
C ILE G 92 -16.46 -13.62 -18.14
N THR G 93 -17.34 -13.11 -17.28
CA THR G 93 -18.12 -11.92 -17.63
C THR G 93 -17.67 -10.74 -16.77
N GLY G 95 -17.94 -6.62 -15.86
CA GLY G 95 -18.77 -5.42 -15.94
C GLY G 95 -17.90 -4.18 -15.97
N PHE G 96 -18.35 -3.15 -16.70
CA PHE G 96 -17.60 -1.91 -16.81
C PHE G 96 -18.48 -0.71 -16.53
N GLU G 97 -18.07 0.12 -15.57
CA GLU G 97 -18.74 1.39 -15.31
C GLU G 97 -17.82 2.55 -15.66
N TYR G 98 -18.36 3.51 -16.42
CA TYR G 98 -17.59 4.66 -16.89
C TYR G 98 -17.97 5.91 -16.11
N TYR G 99 -17.02 6.48 -15.38
CA TYR G 99 -17.27 7.69 -14.62
C TYR G 99 -16.46 8.87 -15.14
N ARG G 100 -17.12 10.01 -15.29
CA ARG G 100 -16.44 11.26 -15.61
C ARG G 100 -15.89 11.87 -14.34
N VAL G 101 -14.56 11.97 -14.26
CA VAL G 101 -13.92 12.45 -13.04
C VAL G 101 -13.02 13.66 -13.29
N THR G 102 -13.44 14.52 -14.22
CA THR G 102 -12.72 15.74 -14.51
C THR G 102 -12.68 16.66 -13.29
N ASP G 103 -13.83 16.80 -12.63
CA ASP G 103 -13.93 17.58 -11.41
C ASP G 103 -15.19 17.23 -10.64
N GLY G 104 -15.33 17.80 -9.44
CA GLY G 104 -16.48 17.54 -8.60
C GLY G 104 -16.63 16.07 -8.24
N PRO G 105 -17.88 15.62 -8.01
CA PRO G 105 -18.15 14.21 -7.74
C PRO G 105 -18.27 13.40 -9.02
N ALA G 106 -17.81 12.15 -8.98
CA ALA G 106 -17.81 11.30 -10.17
C ALA G 106 -19.23 11.06 -10.69
N ARG G 107 -19.40 11.18 -12.00
CA ARG G 107 -20.70 10.98 -12.63
C ARG G 107 -20.68 9.84 -13.63
N LEU G 108 -21.59 8.90 -13.46
CA LEU G 108 -21.70 7.75 -14.36
C LEU G 108 -22.21 8.18 -15.73
N VAL G 109 -21.45 7.88 -16.76
CA VAL G 109 -21.80 8.30 -18.12
C VAL G 109 -22.09 7.11 -19.03
N ALA G 110 -21.64 5.92 -18.63
CA ALA G 110 -21.85 4.72 -19.44
C ALA G 110 -21.67 3.44 -18.62
N ARG G 111 -22.24 2.35 -19.13
CA ARG G 111 -22.08 1.04 -18.51
C ARG G 111 -21.96 -0.01 -19.60
N GLY G 112 -21.10 -1.01 -19.40
CA GLY G 112 -20.88 -2.04 -20.39
C GLY G 112 -20.50 -3.39 -19.80
N GLU G 113 -20.57 -4.42 -20.64
CA GLU G 113 -20.20 -5.77 -20.22
C GLU G 113 -19.39 -6.46 -21.32
N GLN G 114 -18.68 -7.52 -20.95
CA GLN G 114 -17.86 -8.27 -21.89
C GLN G 114 -17.67 -9.70 -21.40
N THR G 115 -17.66 -10.65 -22.33
CA THR G 115 -17.46 -12.05 -21.98
C THR G 115 -16.31 -12.66 -22.77
N VAL G 116 -15.34 -13.21 -22.05
CA VAL G 116 -14.23 -13.90 -22.68
C VAL G 116 -14.26 -15.38 -22.30
N ALA G 117 -13.73 -16.23 -23.17
CA ALA G 117 -13.71 -17.66 -22.92
C ALA G 117 -12.29 -18.19 -22.95
N CYS G 118 -11.88 -18.82 -21.86
CA CYS G 118 -10.56 -19.45 -21.78
C CYS G 118 -10.54 -20.72 -22.62
N THR G 119 -9.73 -20.72 -23.66
CA THR G 119 -9.63 -21.87 -24.56
C THR G 119 -8.18 -22.28 -24.79
N LEU G 120 -7.98 -23.52 -25.23
CA LEU G 120 -6.65 -24.02 -25.57
C LEU G 120 -6.48 -24.13 -27.07
N ARG G 121 -5.35 -23.64 -27.57
CA ARG G 121 -5.05 -23.71 -29.00
C ARG G 121 -4.37 -25.03 -29.35
N ALA G 122 -5.09 -25.88 -30.06
CA ALA G 122 -4.57 -27.20 -30.45
C ALA G 122 -4.78 -27.45 -31.94
N LEU G 126 -9.65 -25.19 -30.82
CA LEU G 126 -10.26 -24.43 -29.74
C LEU G 126 -11.01 -25.35 -28.78
N THR G 127 -10.46 -25.51 -27.58
CA THR G 127 -11.06 -26.38 -26.58
C THR G 127 -11.19 -25.64 -25.25
N PRO G 128 -12.38 -25.70 -24.63
CA PRO G 128 -12.61 -25.04 -23.34
C PRO G 128 -11.63 -25.50 -22.26
N VAL G 129 -11.17 -24.57 -21.45
CA VAL G 129 -10.33 -24.88 -20.29
C VAL G 129 -10.79 -24.03 -19.11
N GLU G 130 -10.91 -24.65 -17.94
CA GLU G 130 -11.37 -23.95 -16.75
C GLU G 130 -10.49 -22.75 -16.46
N VAL G 131 -11.12 -21.65 -16.04
CA VAL G 131 -10.40 -20.42 -15.70
C VAL G 131 -9.32 -20.71 -14.66
N PRO G 132 -8.05 -20.43 -15.01
CA PRO G 132 -6.90 -20.67 -14.13
C PRO G 132 -7.11 -20.08 -12.73
N ASP G 133 -6.60 -20.77 -11.72
CA ASP G 133 -6.81 -20.38 -10.33
C ASP G 133 -6.27 -18.97 -10.05
N GLU G 134 -5.16 -18.63 -10.70
CA GLU G 134 -4.58 -17.30 -10.56
C GLU G 134 -5.54 -16.23 -11.06
N LEU G 135 -6.08 -16.45 -12.26
CA LEU G 135 -6.98 -15.48 -12.87
C LEU G 135 -8.29 -15.39 -12.10
N ARG G 136 -8.77 -16.54 -11.62
CA ARG G 136 -10.00 -16.59 -10.83
C ARG G 136 -9.85 -15.83 -9.52
N THR G 137 -8.74 -16.07 -8.82
CA THR G 137 -8.46 -15.41 -7.55
C THR G 137 -8.34 -13.89 -7.73
N ALA G 138 -7.68 -13.49 -8.81
CA ALA G 138 -7.50 -12.08 -9.12
C ALA G 138 -8.84 -11.39 -9.40
N LEU G 139 -9.72 -12.11 -10.09
CA LEU G 139 -11.04 -11.57 -10.42
C LEU G 139 -11.96 -11.50 -9.21
N ASP G 140 -11.76 -12.42 -8.27
CA ASP G 140 -12.58 -12.50 -7.06
C ASP G 140 -12.41 -11.27 -6.17
N ALA G 141 -11.31 -10.54 -6.38
CA ALA G 141 -11.06 -9.32 -5.63
C ALA G 141 -12.10 -8.25 -5.98
N TYR G 142 -12.73 -8.42 -7.15
CA TYR G 142 -13.73 -7.48 -7.62
C TYR G 142 -15.07 -8.19 -7.82
N ALA G 143 -15.34 -9.17 -6.96
CA ALA G 143 -16.59 -9.92 -7.00
C ALA G 143 -17.75 -9.04 -6.55
N PRO G 144 -18.97 -9.33 -7.05
CA PRO G 144 -20.15 -8.52 -6.69
C PRO G 144 -20.51 -8.63 -5.20
N ARG H 5 -35.56 -10.39 -46.30
CA ARG H 5 -34.13 -10.66 -46.16
C ARG H 5 -33.30 -9.53 -46.77
N ALA H 6 -33.83 -8.31 -46.68
CA ALA H 6 -33.13 -7.13 -47.21
C ALA H 6 -32.12 -6.59 -46.20
N TYR H 7 -31.04 -6.01 -46.72
CA TYR H 7 -30.00 -5.45 -45.86
C TYR H 7 -29.14 -4.44 -46.60
N PHE H 8 -28.54 -3.51 -45.86
CA PHE H 8 -27.58 -2.57 -46.43
C PHE H 8 -26.17 -3.06 -46.17
N GLU H 9 -25.45 -3.39 -47.25
CA GLU H 9 -24.14 -4.01 -47.13
C GLU H 9 -22.99 -3.01 -47.05
N TYR H 10 -22.09 -3.25 -46.10
CA TYR H 10 -20.82 -2.53 -46.03
C TYR H 10 -19.66 -3.50 -46.15
N ARG H 11 -18.89 -3.37 -47.22
CA ARG H 11 -17.74 -4.25 -47.45
C ARG H 11 -16.46 -3.63 -46.92
N HIS H 12 -15.58 -4.47 -46.39
CA HIS H 12 -14.31 -4.00 -45.83
C HIS H 12 -13.23 -5.07 -45.94
N LEU H 13 -12.08 -4.67 -46.50
CA LEU H 13 -10.93 -5.55 -46.56
C LEU H 13 -10.11 -5.44 -45.28
N VAL H 14 -9.97 -6.54 -44.57
CA VAL H 14 -9.24 -6.55 -43.31
C VAL H 14 -7.76 -6.24 -43.52
N THR H 15 -7.31 -5.13 -42.95
CA THR H 15 -5.92 -4.73 -43.08
C THR H 15 -5.17 -5.06 -41.78
N PHE H 16 -3.84 -4.98 -41.82
CA PHE H 16 -2.99 -5.37 -40.70
C PHE H 16 -3.32 -4.62 -39.40
N ALA H 17 -3.81 -3.39 -39.54
CA ALA H 17 -4.15 -2.57 -38.38
C ALA H 17 -5.35 -3.13 -37.62
N ASP H 18 -6.19 -3.88 -38.33
CA ASP H 18 -7.38 -4.48 -37.73
C ASP H 18 -7.03 -5.67 -36.83
N THR H 19 -5.84 -6.24 -37.04
CA THR H 19 -5.43 -7.43 -36.31
C THR H 19 -4.61 -7.08 -35.07
N ASN H 20 -4.46 -8.07 -34.17
CA ASN H 20 -3.59 -7.92 -33.02
C ASN H 20 -2.58 -9.07 -32.96
N LEU H 21 -1.77 -9.11 -31.90
CA LEU H 21 -0.68 -10.07 -31.79
C LEU H 21 -1.16 -11.52 -31.78
N VAL H 22 -2.40 -11.74 -31.36
CA VAL H 22 -2.99 -13.07 -31.35
C VAL H 22 -3.13 -13.59 -32.78
N GLY H 23 -3.47 -12.69 -33.70
CA GLY H 23 -3.56 -13.04 -35.10
C GLY H 23 -4.90 -12.68 -35.74
N ASN H 24 -5.93 -12.54 -34.91
CA ASN H 24 -7.27 -12.24 -35.40
C ASN H 24 -7.60 -10.75 -35.33
N VAL H 25 -8.76 -10.39 -35.87
CA VAL H 25 -9.22 -9.00 -35.79
C VAL H 25 -9.63 -8.66 -34.36
N TYR H 26 -9.07 -7.58 -33.84
CA TYR H 26 -9.41 -7.11 -32.49
C TYR H 26 -10.90 -6.77 -32.43
N PHE H 27 -11.54 -7.16 -31.33
CA PHE H 27 -12.99 -7.16 -31.24
C PHE H 27 -13.63 -5.77 -31.41
N THR H 28 -12.89 -4.72 -31.08
CA THR H 28 -13.42 -3.36 -31.16
C THR H 28 -13.68 -2.95 -32.61
N ASN H 29 -12.95 -3.57 -33.55
CA ASN H 29 -13.09 -3.25 -34.97
C ASN H 29 -14.46 -3.64 -35.52
N TYR H 30 -15.08 -4.63 -34.90
CA TYR H 30 -16.43 -5.05 -35.28
C TYR H 30 -17.43 -3.93 -35.01
N LEU H 31 -17.20 -3.20 -33.93
CA LEU H 31 -18.05 -2.06 -33.59
C LEU H 31 -17.75 -0.87 -34.48
N SER H 32 -16.48 -0.73 -34.88
CA SER H 32 -16.08 0.33 -35.79
C SER H 32 -16.77 0.18 -37.13
N TRP H 33 -17.03 -1.08 -37.52
CA TRP H 33 -17.67 -1.37 -38.79
C TRP H 33 -19.16 -1.04 -38.75
N GLN H 34 -19.76 -1.14 -37.57
CA GLN H 34 -21.14 -0.73 -37.38
C GLN H 34 -21.27 0.77 -37.63
N GLY H 35 -20.29 1.52 -37.16
CA GLY H 35 -20.27 2.96 -37.35
C GLY H 35 -20.05 3.33 -38.81
N ALA H 36 -19.09 2.66 -39.44
CA ALA H 36 -18.78 2.91 -40.85
C ALA H 36 -19.95 2.53 -41.75
N CYS H 37 -20.70 1.51 -41.35
CA CYS H 37 -21.84 1.03 -42.12
C CYS H 37 -23.03 1.98 -42.01
N ARG H 38 -23.37 2.36 -40.78
CA ARG H 38 -24.54 3.20 -40.53
C ARG H 38 -24.38 4.60 -41.12
N GLU H 39 -23.14 5.05 -41.27
CA GLU H 39 -22.87 6.41 -41.73
C GLU H 39 -22.75 6.47 -43.24
N ARG H 40 -22.31 5.37 -43.85
CA ARG H 40 -22.36 5.25 -45.31
C ARG H 40 -23.82 5.21 -45.74
N PHE H 41 -24.66 4.59 -44.92
CA PHE H 41 -26.09 4.52 -45.15
C PHE H 41 -26.71 5.92 -45.18
N LEU H 42 -26.29 6.76 -44.24
CA LEU H 42 -26.76 8.14 -44.19
C LEU H 42 -26.29 8.93 -45.41
N ALA H 43 -25.05 8.66 -45.83
CA ALA H 43 -24.45 9.35 -46.96
C ALA H 43 -25.23 9.11 -48.25
N GLU H 44 -25.79 7.91 -48.39
CA GLU H 44 -26.46 7.52 -49.62
C GLU H 44 -27.98 7.68 -49.54
N LYS H 45 -28.58 7.09 -48.51
CA LYS H 45 -30.03 6.96 -48.43
C LYS H 45 -30.72 8.17 -47.80
N ALA H 46 -29.99 8.95 -47.01
CA ALA H 46 -30.59 10.09 -46.33
C ALA H 46 -29.67 11.32 -46.35
N PRO H 47 -29.60 12.00 -47.51
CA PRO H 47 -28.77 13.20 -47.65
C PRO H 47 -29.30 14.40 -46.87
N LYS H 48 -30.62 14.60 -46.86
CA LYS H 48 -31.21 15.72 -46.14
C LYS H 48 -31.04 15.58 -44.64
N THR H 49 -31.07 14.35 -44.16
CA THR H 49 -30.85 14.08 -42.74
C THR H 49 -29.40 14.42 -42.39
N VAL H 50 -28.49 14.08 -43.29
CA VAL H 50 -27.07 14.39 -43.12
C VAL H 50 -26.83 15.89 -43.03
N ALA H 51 -27.40 16.64 -43.98
CA ALA H 51 -27.22 18.08 -44.02
C ALA H 51 -27.84 18.76 -42.81
N ARG H 52 -28.94 18.20 -42.32
CA ARG H 52 -29.64 18.75 -41.16
C ARG H 52 -28.83 18.57 -39.88
N HIS H 54 -25.86 19.16 -39.52
CA HIS H 54 -24.86 20.21 -39.46
C HIS H 54 -25.39 21.46 -38.77
N ASP H 55 -26.41 21.31 -37.93
CA ASP H 55 -26.97 22.44 -37.22
C ASP H 55 -27.66 22.02 -35.92
N ASP H 56 -28.93 21.61 -36.02
CA ASP H 56 -29.72 21.30 -34.84
C ASP H 56 -29.77 19.81 -34.53
N LEU H 57 -29.74 18.98 -35.58
CA LEU H 57 -29.89 17.54 -35.42
C LEU H 57 -28.59 16.86 -35.00
N ALA H 58 -28.71 15.86 -34.12
CA ALA H 58 -27.56 15.10 -33.66
C ALA H 58 -27.95 13.65 -33.37
N LEU H 59 -27.36 12.72 -34.09
CA LEU H 59 -27.60 11.30 -33.87
C LEU H 59 -26.64 10.76 -32.81
N VAL H 60 -27.19 10.36 -31.67
CA VAL H 60 -26.38 9.88 -30.54
C VAL H 60 -26.57 8.39 -30.30
N THR H 61 -25.47 7.66 -30.22
CA THR H 61 -25.50 6.24 -29.91
C THR H 61 -25.85 6.04 -28.44
N SER H 62 -26.88 5.24 -28.18
CA SER H 62 -27.35 5.00 -26.82
C SER H 62 -27.01 3.60 -26.35
N SER H 63 -26.77 2.70 -27.30
CA SER H 63 -26.47 1.31 -26.99
C SER H 63 -25.83 0.60 -28.18
N CYS H 64 -24.96 -0.35 -27.89
CA CYS H 64 -24.35 -1.19 -28.93
C CYS H 64 -23.85 -2.49 -28.33
N SER H 65 -23.84 -3.54 -29.14
CA SER H 65 -23.38 -4.85 -28.69
C SER H 65 -22.90 -5.69 -29.88
N CYS H 66 -22.18 -6.75 -29.57
CA CYS H 66 -21.70 -7.66 -30.62
C CYS H 66 -21.39 -9.04 -30.04
N GLU H 67 -21.72 -10.07 -30.81
CA GLU H 67 -21.44 -11.45 -30.40
C GLU H 67 -20.54 -12.10 -31.45
N PHE H 68 -19.56 -12.86 -31.01
CA PHE H 68 -18.55 -13.41 -31.91
C PHE H 68 -18.60 -14.94 -31.98
N PHE H 69 -18.62 -15.47 -33.20
CA PHE H 69 -18.73 -16.90 -33.43
C PHE H 69 -17.40 -17.50 -33.88
N SER H 70 -16.83 -16.93 -34.94
CA SER H 70 -15.52 -17.34 -35.43
C SER H 70 -14.68 -16.10 -35.75
N GLU H 71 -13.38 -16.30 -35.94
CA GLU H 71 -12.45 -15.18 -36.09
C GLU H 71 -12.21 -14.77 -37.54
N LEU H 72 -11.93 -13.48 -37.73
CA LEU H 72 -11.51 -12.95 -39.02
C LEU H 72 -10.01 -12.70 -38.99
N TYR H 73 -9.35 -12.82 -40.14
CA TYR H 73 -7.91 -12.63 -40.19
C TYR H 73 -7.52 -11.58 -41.23
N ALA H 74 -6.22 -11.29 -41.31
CA ALA H 74 -5.72 -10.29 -42.23
C ALA H 74 -6.02 -10.67 -43.68
N LEU H 75 -6.25 -9.66 -44.51
CA LEU H 75 -6.56 -9.83 -45.92
C LEU H 75 -7.87 -10.60 -46.16
N ASP H 76 -8.70 -10.71 -45.14
CA ASP H 76 -10.04 -11.26 -45.31
C ASP H 76 -10.98 -10.15 -45.75
N THR H 77 -12.03 -10.51 -46.50
CA THR H 77 -13.05 -9.55 -46.86
C THR H 77 -14.31 -9.84 -46.06
N VAL H 78 -14.76 -8.86 -45.28
CA VAL H 78 -15.93 -9.05 -44.43
C VAL H 78 -17.12 -8.26 -44.98
N SER H 79 -18.29 -8.91 -45.00
CA SER H 79 -19.52 -8.26 -45.42
C SER H 79 -20.39 -7.92 -44.22
N VAL H 80 -20.45 -6.64 -43.89
CA VAL H 80 -21.29 -6.19 -42.79
C VAL H 80 -22.68 -5.85 -43.32
N ARG H 81 -23.68 -6.62 -42.90
CA ARG H 81 -25.03 -6.48 -43.43
C ARG H 81 -25.99 -5.91 -42.40
N SER H 83 -29.54 -4.30 -41.00
CA SER H 83 -30.98 -4.37 -41.20
C SER H 83 -31.70 -3.71 -40.03
N LEU H 84 -32.87 -3.13 -40.31
CA LEU H 84 -33.65 -2.45 -39.29
C LEU H 84 -34.37 -3.44 -38.38
N VAL H 85 -34.20 -3.26 -37.07
CA VAL H 85 -34.88 -4.11 -36.09
C VAL H 85 -36.24 -3.52 -35.73
N GLY H 86 -36.25 -2.22 -35.44
CA GLY H 86 -37.48 -1.53 -35.10
C GLY H 86 -37.24 -0.08 -34.73
N ILE H 87 -38.32 0.69 -34.65
CA ILE H 87 -38.23 2.11 -34.30
C ILE H 87 -39.20 2.45 -33.16
N ASP H 88 -38.66 2.95 -32.05
CA ASP H 88 -39.47 3.37 -30.93
C ASP H 88 -39.43 4.89 -30.78
N PHE H 89 -40.38 5.56 -31.43
CA PHE H 89 -40.49 7.01 -31.43
C PHE H 89 -39.24 7.69 -31.98
N HIS H 90 -38.21 7.83 -31.14
CA HIS H 90 -37.01 8.58 -31.53
C HIS H 90 -35.77 7.70 -31.64
N GLN H 91 -35.87 6.48 -31.14
CA GLN H 91 -34.71 5.58 -31.13
C GLN H 91 -34.76 4.55 -32.25
N ILE H 92 -33.65 4.41 -32.96
CA ILE H 92 -33.54 3.46 -34.06
C ILE H 92 -32.62 2.30 -33.71
N THR H 93 -33.14 1.08 -33.80
CA THR H 93 -32.35 -0.11 -33.51
C THR H 93 -31.97 -0.84 -34.79
N GLY H 95 -29.75 -3.97 -36.75
CA GLY H 95 -29.14 -5.28 -36.58
C GLY H 95 -28.01 -5.50 -37.57
N PHE H 96 -26.91 -6.07 -37.09
CA PHE H 96 -25.74 -6.30 -37.95
C PHE H 96 -25.37 -7.77 -38.02
N GLU H 97 -25.07 -8.24 -39.23
CA GLU H 97 -24.56 -9.60 -39.42
C GLU H 97 -23.27 -9.56 -40.22
N TYR H 98 -22.24 -10.23 -39.70
CA TYR H 98 -20.91 -10.21 -40.30
C TYR H 98 -20.62 -11.50 -41.05
N TYR H 99 -20.28 -11.38 -42.33
CA TYR H 99 -19.99 -12.55 -43.15
C TYR H 99 -18.61 -12.49 -43.78
N ARG H 100 -17.83 -13.56 -43.60
CA ARG H 100 -16.58 -13.72 -44.31
C ARG H 100 -16.88 -14.11 -45.76
N VAL H 101 -16.50 -13.25 -46.70
CA VAL H 101 -16.79 -13.49 -48.11
C VAL H 101 -15.52 -13.59 -48.95
N THR H 102 -14.43 -14.01 -48.33
CA THR H 102 -13.16 -14.20 -49.04
C THR H 102 -13.26 -15.36 -50.03
N ASP H 103 -14.19 -16.27 -49.74
CA ASP H 103 -14.46 -17.40 -50.63
C ASP H 103 -15.80 -17.22 -51.33
N GLY H 104 -16.38 -18.34 -51.78
CA GLY H 104 -17.66 -18.32 -52.44
C GLY H 104 -18.81 -18.16 -51.45
N PRO H 105 -19.19 -19.26 -50.79
CA PRO H 105 -20.27 -19.25 -49.79
C PRO H 105 -19.93 -18.33 -48.61
N ALA H 106 -20.76 -17.32 -48.39
CA ALA H 106 -20.56 -16.39 -47.28
C ALA H 106 -20.74 -17.11 -45.95
N ARG H 107 -19.84 -16.85 -45.02
CA ARG H 107 -19.89 -17.50 -43.71
C ARG H 107 -20.08 -16.51 -42.57
N LEU H 108 -21.13 -16.72 -41.78
CA LEU H 108 -21.41 -15.87 -40.62
C LEU H 108 -20.34 -16.08 -39.54
N VAL H 109 -19.66 -15.00 -39.17
CA VAL H 109 -18.61 -15.09 -38.17
C VAL H 109 -18.99 -14.32 -36.90
N ALA H 110 -19.96 -13.41 -37.03
CA ALA H 110 -20.40 -12.59 -35.91
C ALA H 110 -21.73 -11.92 -36.19
N ARG H 111 -22.34 -11.41 -35.13
CA ARG H 111 -23.57 -10.63 -35.25
C ARG H 111 -23.68 -9.66 -34.08
N GLY H 112 -24.38 -8.56 -34.28
CA GLY H 112 -24.54 -7.57 -33.24
C GLY H 112 -25.65 -6.58 -33.56
N GLU H 113 -25.81 -5.58 -32.70
CA GLU H 113 -26.81 -4.54 -32.91
C GLU H 113 -26.46 -3.28 -32.14
N GLN H 114 -27.10 -2.17 -32.52
CA GLN H 114 -26.91 -0.91 -31.80
C GLN H 114 -28.15 -0.02 -31.92
N THR H 115 -28.29 0.90 -30.98
CA THR H 115 -29.44 1.80 -30.96
C THR H 115 -29.00 3.26 -30.94
N VAL H 116 -29.49 4.04 -31.90
CA VAL H 116 -29.17 5.45 -31.97
C VAL H 116 -30.41 6.32 -31.72
N ALA H 117 -30.21 7.47 -31.12
CA ALA H 117 -31.30 8.38 -30.79
C ALA H 117 -31.19 9.68 -31.59
N CYS H 118 -32.34 10.18 -32.04
CA CYS H 118 -32.39 11.44 -32.78
C CYS H 118 -32.69 12.59 -31.82
N THR H 119 -31.79 13.57 -31.77
CA THR H 119 -31.93 14.67 -30.81
C THR H 119 -31.71 16.04 -31.42
N LEU H 120 -32.43 17.03 -30.90
CA LEU H 120 -32.19 18.43 -31.23
C LEU H 120 -31.67 19.15 -30.00
N ARG H 121 -30.37 19.46 -29.99
CA ARG H 121 -29.73 20.07 -28.83
C ARG H 121 -29.78 21.59 -28.88
N ALA H 122 -30.74 22.18 -28.18
CA ALA H 122 -30.88 23.62 -28.11
C ALA H 122 -30.53 24.14 -26.73
N THR H 127 -35.39 17.96 -26.47
CA THR H 127 -34.22 17.27 -26.98
C THR H 127 -34.55 16.06 -27.86
N PRO H 128 -35.30 15.07 -27.34
CA PRO H 128 -35.46 13.89 -28.20
C PRO H 128 -36.52 14.10 -29.28
N VAL H 129 -36.06 14.26 -30.52
CA VAL H 129 -36.96 14.50 -31.65
C VAL H 129 -37.25 13.20 -32.39
N GLU H 130 -38.46 13.09 -32.91
CA GLU H 130 -38.88 11.91 -33.68
C GLU H 130 -38.03 11.77 -34.94
N VAL H 131 -37.82 10.53 -35.37
CA VAL H 131 -37.05 10.22 -36.57
C VAL H 131 -37.62 10.93 -37.80
N PRO H 132 -36.77 11.67 -38.53
CA PRO H 132 -37.16 12.37 -39.76
C PRO H 132 -37.80 11.42 -40.78
N ASP H 133 -38.72 11.94 -41.59
CA ASP H 133 -39.44 11.14 -42.56
C ASP H 133 -38.50 10.50 -43.58
N GLU H 134 -37.52 11.27 -44.03
CA GLU H 134 -36.56 10.79 -45.02
C GLU H 134 -35.76 9.61 -44.49
N LEU H 135 -35.30 9.72 -43.25
CA LEU H 135 -34.53 8.65 -42.62
C LEU H 135 -35.39 7.43 -42.36
N ARG H 136 -36.63 7.66 -41.93
CA ARG H 136 -37.56 6.58 -41.65
C ARG H 136 -37.88 5.77 -42.91
N THR H 137 -38.19 6.48 -43.99
CA THR H 137 -38.52 5.84 -45.26
C THR H 137 -37.37 4.99 -45.78
N ALA H 138 -36.14 5.52 -45.66
CA ALA H 138 -34.95 4.81 -46.11
C ALA H 138 -34.73 3.54 -45.29
N LEU H 139 -34.96 3.62 -43.99
CA LEU H 139 -34.75 2.49 -43.09
C LEU H 139 -35.79 1.39 -43.31
N ASP H 140 -37.01 1.78 -43.63
CA ASP H 140 -38.11 0.84 -43.80
C ASP H 140 -37.92 -0.09 -45.00
N ALA H 141 -37.01 0.29 -45.90
CA ALA H 141 -36.70 -0.53 -47.06
C ALA H 141 -35.82 -1.71 -46.67
N TYR H 142 -35.42 -1.76 -45.41
CA TYR H 142 -34.60 -2.84 -44.89
C TYR H 142 -35.24 -3.46 -43.65
N ALA H 143 -36.55 -3.28 -43.53
CA ALA H 143 -37.30 -3.79 -42.39
C ALA H 143 -37.79 -5.21 -42.64
N PRO H 144 -37.91 -6.02 -41.58
CA PRO H 144 -38.37 -7.40 -41.72
C PRO H 144 -39.86 -7.48 -42.06
N ALA I 6 -6.84 6.98 1.82
CA ALA I 6 -5.94 6.72 2.93
C ALA I 6 -6.58 7.14 4.26
N TYR I 7 -6.28 6.40 5.31
CA TYR I 7 -6.87 6.65 6.63
C TYR I 7 -5.99 6.08 7.73
N PHE I 8 -6.19 6.55 8.96
CA PHE I 8 -5.56 5.92 10.11
C PHE I 8 -6.53 4.93 10.73
N GLU I 9 -6.12 3.67 10.82
CA GLU I 9 -7.03 2.61 11.22
C GLU I 9 -6.84 2.18 12.68
N TYR I 10 -7.97 1.98 13.36
CA TYR I 10 -7.99 1.38 14.68
C TYR I 10 -8.89 0.15 14.67
N ARG I 11 -8.27 -1.03 14.80
CA ARG I 11 -9.02 -2.28 14.80
C ARG I 11 -9.36 -2.72 16.22
N HIS I 12 -10.64 -3.00 16.44
CA HIS I 12 -11.13 -3.36 17.76
C HIS I 12 -12.05 -4.56 17.72
N LEU I 13 -11.77 -5.55 18.56
CA LEU I 13 -12.64 -6.71 18.70
C LEU I 13 -13.75 -6.41 19.70
N VAL I 14 -14.99 -6.41 19.22
CA VAL I 14 -16.13 -6.15 20.08
C VAL I 14 -16.30 -7.26 21.11
N THR I 15 -16.23 -6.90 22.38
CA THR I 15 -16.41 -7.87 23.46
C THR I 15 -17.78 -7.70 24.11
N PHE I 16 -18.07 -8.55 25.10
CA PHE I 16 -19.40 -8.57 25.72
C PHE I 16 -19.75 -7.28 26.43
N ALA I 17 -18.73 -6.61 26.98
CA ALA I 17 -18.95 -5.35 27.70
C ALA I 17 -19.40 -4.24 26.76
N ASP I 18 -19.11 -4.39 25.47
CA ASP I 18 -19.49 -3.40 24.48
C ASP I 18 -20.97 -3.49 24.14
N THR I 19 -21.56 -4.65 24.39
CA THR I 19 -22.96 -4.88 24.05
C THR I 19 -23.89 -4.54 25.22
N ASN I 20 -25.16 -4.39 24.92
CA ASN I 20 -26.18 -4.20 25.94
C ASN I 20 -27.20 -5.33 25.90
N LEU I 21 -28.27 -5.20 26.67
CA LEU I 21 -29.27 -6.26 26.77
C LEU I 21 -29.99 -6.49 25.45
N VAL I 22 -30.01 -5.47 24.59
CA VAL I 22 -30.66 -5.58 23.29
C VAL I 22 -29.90 -6.55 22.39
N GLY I 23 -28.57 -6.55 22.50
CA GLY I 23 -27.75 -7.47 21.73
C GLY I 23 -26.70 -6.76 20.91
N ASN I 24 -26.96 -5.49 20.58
CA ASN I 24 -26.03 -4.71 19.77
C ASN I 24 -25.04 -3.92 20.63
N VAL I 25 -24.10 -3.25 19.97
CA VAL I 25 -23.13 -2.41 20.66
C VAL I 25 -23.78 -1.12 21.12
N TYR I 26 -23.64 -0.79 22.40
CA TYR I 26 -24.17 0.45 22.94
C TYR I 26 -23.52 1.64 22.24
N PHE I 27 -24.32 2.66 21.93
CA PHE I 27 -23.91 3.74 21.04
C PHE I 27 -22.72 4.55 21.56
N THR I 28 -22.56 4.62 22.88
CA THR I 28 -21.48 5.40 23.47
C THR I 28 -20.10 4.83 23.13
N ASN I 29 -20.04 3.53 22.88
CA ASN I 29 -18.78 2.87 22.58
C ASN I 29 -18.18 3.32 21.25
N TYR I 30 -19.04 3.73 20.32
CA TYR I 30 -18.59 4.22 19.03
C TYR I 30 -17.74 5.48 19.18
N LEU I 31 -18.08 6.28 20.18
CA LEU I 31 -17.36 7.52 20.45
C LEU I 31 -16.13 7.26 21.32
N SER I 32 -16.19 6.19 22.10
CA SER I 32 -15.02 5.75 22.87
C SER I 32 -13.91 5.33 21.91
N TRP I 33 -14.32 4.75 20.78
CA TRP I 33 -13.40 4.31 19.76
C TRP I 33 -12.77 5.49 19.03
N GLN I 34 -13.53 6.59 18.93
CA GLN I 34 -13.01 7.83 18.37
C GLN I 34 -11.86 8.34 19.21
N GLY I 35 -12.06 8.35 20.52
CA GLY I 35 -11.04 8.79 21.45
C GLY I 35 -9.82 7.90 21.39
N ALA I 36 -10.04 6.59 21.36
CA ALA I 36 -8.95 5.64 21.29
C ALA I 36 -8.17 5.79 19.99
N CYS I 37 -8.89 6.01 18.89
CA CYS I 37 -8.27 6.13 17.58
C CYS I 37 -7.45 7.41 17.43
N ARG I 38 -8.00 8.52 17.92
CA ARG I 38 -7.33 9.81 17.80
C ARG I 38 -6.05 9.86 18.64
N GLU I 39 -6.08 9.13 19.75
CA GLU I 39 -4.95 9.13 20.70
C GLU I 39 -3.88 8.16 20.25
N ARG I 40 -4.29 7.11 19.55
CA ARG I 40 -3.34 6.20 18.91
C ARG I 40 -2.64 6.91 17.77
N PHE I 41 -3.40 7.72 17.04
CA PHE I 41 -2.85 8.50 15.94
C PHE I 41 -1.83 9.51 16.44
N LEU I 42 -2.20 10.26 17.48
CA LEU I 42 -1.31 11.25 18.07
C LEU I 42 -0.02 10.61 18.58
N ALA I 43 -0.15 9.54 19.36
CA ALA I 43 1.00 8.88 19.96
C ALA I 43 1.96 8.31 18.91
N GLU I 44 1.41 7.91 17.77
CA GLU I 44 2.20 7.27 16.73
C GLU I 44 2.71 8.26 15.68
N LYS I 45 1.85 9.19 15.29
CA LYS I 45 2.15 10.07 14.16
C LYS I 45 2.61 11.47 14.57
N ALA I 46 2.36 11.85 15.83
CA ALA I 46 2.77 13.15 16.31
C ALA I 46 3.35 13.10 17.72
N PRO I 47 4.52 12.46 17.89
CA PRO I 47 5.13 12.32 19.22
C PRO I 47 5.54 13.65 19.86
N LYS I 48 6.10 14.56 19.07
CA LYS I 48 6.51 15.86 19.57
C LYS I 48 5.32 16.67 20.09
N THR I 49 4.18 16.51 19.42
CA THR I 49 2.96 17.20 19.83
C THR I 49 2.45 16.65 21.16
N VAL I 50 2.48 15.33 21.30
CA VAL I 50 2.07 14.66 22.53
C VAL I 50 2.98 15.09 23.69
N ALA I 51 4.26 15.29 23.39
CA ALA I 51 5.22 15.74 24.39
C ALA I 51 4.88 17.15 24.88
N ARG I 52 4.42 18.00 23.96
CA ARG I 52 4.04 19.36 24.31
C ARG I 52 2.79 19.41 25.18
N HIS I 54 2.33 17.71 27.71
CA HIS I 54 2.82 17.65 29.08
C HIS I 54 3.29 19.03 29.52
N ASP I 55 3.50 19.90 28.54
CA ASP I 55 3.93 21.27 28.81
C ASP I 55 2.74 22.21 28.90
N ASP I 56 2.55 23.00 27.84
CA ASP I 56 1.52 24.03 27.83
C ASP I 56 0.38 23.70 26.87
N LEU I 57 0.67 22.84 25.90
CA LEU I 57 -0.29 22.51 24.86
C LEU I 57 -1.46 21.68 25.40
N ALA I 58 -2.65 21.92 24.86
CA ALA I 58 -3.84 21.18 25.24
C ALA I 58 -4.80 21.03 24.07
N LEU I 59 -5.21 19.80 23.79
CA LEU I 59 -6.16 19.55 22.71
C LEU I 59 -7.57 19.38 23.28
N VAL I 60 -8.34 20.46 23.27
CA VAL I 60 -9.69 20.47 23.82
C VAL I 60 -10.72 19.99 22.81
N THR I 61 -11.57 19.06 23.23
CA THR I 61 -12.65 18.57 22.39
C THR I 61 -13.79 19.58 22.32
N SER I 62 -13.99 20.15 21.13
CA SER I 62 -15.01 21.17 20.93
C SER I 62 -16.38 20.56 20.69
N SER I 63 -16.41 19.48 19.91
CA SER I 63 -17.66 18.80 19.58
C SER I 63 -17.40 17.40 19.06
N CYS I 64 -18.43 16.56 19.11
CA CYS I 64 -18.35 15.20 18.58
C CYS I 64 -19.74 14.72 18.16
N SER I 65 -19.78 13.81 17.19
CA SER I 65 -21.04 13.28 16.70
C SER I 65 -20.84 11.92 16.06
N CYS I 66 -21.95 11.22 15.82
CA CYS I 66 -21.91 9.91 15.18
C CYS I 66 -23.27 9.52 14.61
N GLU I 67 -23.26 8.92 13.42
CA GLU I 67 -24.47 8.39 12.81
C GLU I 67 -24.39 6.87 12.75
N PHE I 68 -25.48 6.21 13.11
CA PHE I 68 -25.50 4.75 13.15
C PHE I 68 -26.44 4.18 12.09
N PHE I 69 -25.86 3.43 11.14
CA PHE I 69 -26.64 2.86 10.05
C PHE I 69 -26.99 1.40 10.32
N SER I 70 -26.00 0.63 10.76
CA SER I 70 -26.19 -0.78 11.06
C SER I 70 -25.61 -1.14 12.43
N GLU I 71 -26.08 -2.25 12.99
CA GLU I 71 -25.65 -2.67 14.32
C GLU I 71 -24.41 -3.55 14.29
N LEU I 72 -23.62 -3.49 15.36
CA LEU I 72 -22.51 -4.40 15.56
C LEU I 72 -22.84 -5.35 16.70
N TYR I 73 -22.29 -6.57 16.65
CA TYR I 73 -22.58 -7.56 17.67
C TYR I 73 -21.32 -8.06 18.36
N ALA I 74 -21.50 -8.92 19.36
CA ALA I 74 -20.37 -9.46 20.11
C ALA I 74 -19.44 -10.27 19.21
N LEU I 75 -18.14 -10.15 19.48
CA LEU I 75 -17.08 -10.85 18.75
C LEU I 75 -16.98 -10.41 17.28
N ASP I 76 -17.60 -9.27 16.96
CA ASP I 76 -17.38 -8.64 15.67
C ASP I 76 -16.08 -7.84 15.70
N THR I 77 -15.44 -7.71 14.55
CA THR I 77 -14.26 -6.86 14.45
C THR I 77 -14.60 -5.59 13.67
N VAL I 78 -14.43 -4.43 14.30
CA VAL I 78 -14.75 -3.18 13.67
C VAL I 78 -13.49 -2.41 13.27
N SER I 79 -13.48 -1.88 12.06
CA SER I 79 -12.36 -1.09 11.58
C SER I 79 -12.67 0.40 11.65
N VAL I 80 -12.21 1.05 12.71
CA VAL I 80 -12.40 2.48 12.86
C VAL I 80 -11.37 3.23 12.02
N ARG I 81 -11.86 3.98 11.04
CA ARG I 81 -10.98 4.63 10.07
C ARG I 81 -11.07 6.16 10.16
N SER I 83 -9.96 10.00 9.13
CA SER I 83 -9.44 10.85 8.06
C SER I 83 -9.67 12.31 8.41
N LEU I 84 -8.89 13.19 7.79
CA LEU I 84 -9.02 14.63 8.04
C LEU I 84 -10.19 15.21 7.26
N VAL I 85 -11.05 15.95 7.95
CA VAL I 85 -12.13 16.66 7.28
C VAL I 85 -11.66 18.05 6.90
N GLY I 86 -10.94 18.70 7.81
CA GLY I 86 -10.41 20.03 7.56
C GLY I 86 -9.72 20.63 8.76
N ILE I 87 -8.93 21.68 8.52
CA ILE I 87 -8.25 22.40 9.58
C ILE I 87 -8.54 23.90 9.48
N ASP I 88 -9.05 24.47 10.58
CA ASP I 88 -9.32 25.90 10.63
C ASP I 88 -8.46 26.57 11.69
N PHE I 89 -7.28 27.03 11.27
CA PHE I 89 -6.29 27.63 12.15
C PHE I 89 -5.91 26.72 13.31
N HIS I 90 -6.71 26.75 14.38
CA HIS I 90 -6.40 25.99 15.58
C HIS I 90 -7.33 24.79 15.75
N GLN I 91 -8.38 24.73 14.94
CA GLN I 91 -9.37 23.67 15.07
C GLN I 91 -9.19 22.56 14.04
N ILE I 92 -9.24 21.32 14.53
CA ILE I 92 -9.10 20.14 13.68
C ILE I 92 -10.41 19.34 13.67
N THR I 93 -10.94 19.10 12.48
CA THR I 93 -12.13 18.26 12.35
C THR I 93 -11.76 16.91 11.76
N GLY I 95 -12.82 12.97 10.63
CA GLY I 95 -13.91 12.12 10.22
C GLY I 95 -13.63 10.67 10.61
N PHE I 96 -14.69 9.95 10.98
CA PHE I 96 -14.55 8.56 11.39
C PHE I 96 -15.55 7.67 10.66
N GLU I 97 -15.03 6.65 9.98
CA GLU I 97 -15.89 5.65 9.34
C GLU I 97 -15.70 4.29 9.99
N TYR I 98 -16.81 3.64 10.35
CA TYR I 98 -16.77 2.36 11.03
C TYR I 98 -17.13 1.23 10.07
N TYR I 99 -16.27 0.23 9.99
CA TYR I 99 -16.49 -0.90 9.09
C TYR I 99 -16.43 -2.24 9.81
N ARG I 100 -17.48 -3.04 9.65
CA ARG I 100 -17.48 -4.42 10.11
C ARG I 100 -16.60 -5.26 9.19
N VAL I 101 -15.41 -5.63 9.67
CA VAL I 101 -14.47 -6.39 8.88
C VAL I 101 -14.36 -7.84 9.37
N THR I 102 -15.49 -8.41 9.77
CA THR I 102 -15.54 -9.78 10.24
C THR I 102 -15.74 -10.74 9.08
N ASP I 103 -16.40 -10.26 8.03
CA ASP I 103 -16.67 -11.07 6.85
C ASP I 103 -15.65 -10.78 5.74
N GLY I 104 -16.00 -11.14 4.52
CA GLY I 104 -15.14 -10.90 3.37
C GLY I 104 -15.02 -9.42 3.06
N PRO I 105 -16.05 -8.83 2.43
CA PRO I 105 -16.08 -7.40 2.12
C PRO I 105 -16.52 -6.57 3.34
N ALA I 106 -15.83 -5.46 3.59
CA ALA I 106 -16.14 -4.60 4.71
C ALA I 106 -17.44 -3.84 4.50
N ARG I 107 -18.23 -3.72 5.58
CA ARG I 107 -19.52 -3.04 5.49
C ARG I 107 -19.57 -1.82 6.41
N LEU I 108 -19.93 -0.66 5.85
CA LEU I 108 -20.04 0.57 6.61
C LEU I 108 -21.23 0.52 7.56
N VAL I 109 -20.96 0.42 8.86
CA VAL I 109 -22.03 0.30 9.86
C VAL I 109 -22.35 1.64 10.51
N ALA I 110 -21.38 2.55 10.53
CA ALA I 110 -21.55 3.86 11.16
C ALA I 110 -20.55 4.87 10.64
N ARG I 111 -20.83 6.15 10.88
CA ARG I 111 -19.92 7.22 10.49
C ARG I 111 -20.02 8.39 11.47
N GLY I 112 -18.89 8.74 12.08
CA GLY I 112 -18.84 9.80 13.07
C GLY I 112 -17.96 10.97 12.68
N GLU I 113 -17.80 11.91 13.61
CA GLU I 113 -17.03 13.13 13.38
C GLU I 113 -16.84 13.88 14.70
N GLN I 114 -15.67 14.48 14.88
CA GLN I 114 -15.42 15.31 16.06
C GLN I 114 -14.41 16.41 15.77
N THR I 115 -14.47 17.48 16.57
CA THR I 115 -13.60 18.63 16.39
C THR I 115 -12.80 18.93 17.65
N VAL I 116 -11.49 19.04 17.51
CA VAL I 116 -10.63 19.41 18.64
C VAL I 116 -9.97 20.77 18.39
N ALA I 117 -9.72 21.50 19.47
CA ALA I 117 -9.09 22.81 19.37
C ALA I 117 -7.75 22.85 20.07
N CYS I 118 -6.72 23.32 19.36
CA CYS I 118 -5.39 23.44 19.94
C CYS I 118 -5.27 24.72 20.75
N THR I 119 -5.07 24.57 22.05
CA THR I 119 -4.94 25.72 22.95
C THR I 119 -3.74 25.56 23.89
N LEU I 120 -3.16 26.67 24.31
CA LEU I 120 -2.08 26.64 25.28
C LEU I 120 -2.55 27.19 26.63
N ARG I 121 -2.23 26.48 27.70
CA ARG I 121 -2.67 26.85 29.04
C ARG I 121 -1.57 27.56 29.82
N LEU I 126 -7.88 29.95 27.87
CA LEU I 126 -8.55 29.80 26.59
C LEU I 126 -7.83 30.61 25.51
N THR I 127 -6.61 30.19 25.17
CA THR I 127 -5.83 30.87 24.16
C THR I 127 -5.52 29.96 22.98
N PRO I 128 -6.07 30.29 21.80
CA PRO I 128 -5.85 29.49 20.59
C PRO I 128 -4.40 29.50 20.13
N VAL I 129 -3.92 28.34 19.68
CA VAL I 129 -2.61 28.24 19.06
C VAL I 129 -2.75 27.46 17.75
N GLU I 130 -2.09 27.94 16.70
CA GLU I 130 -2.17 27.30 15.38
C GLU I 130 -1.68 25.87 15.47
N VAL I 131 -2.32 24.98 14.72
CA VAL I 131 -1.95 23.57 14.70
C VAL I 131 -0.48 23.40 14.34
N PRO I 132 0.28 22.74 15.23
CA PRO I 132 1.71 22.50 15.06
C PRO I 132 2.02 21.84 13.70
N ASP I 133 3.17 22.18 13.12
CA ASP I 133 3.54 21.69 11.81
C ASP I 133 3.61 20.17 11.74
N GLU I 134 4.09 19.55 12.82
CA GLU I 134 4.15 18.10 12.89
C GLU I 134 2.77 17.48 12.79
N LEU I 135 1.83 18.02 13.57
CA LEU I 135 0.47 17.52 13.58
C LEU I 135 -0.22 17.76 12.24
N ARG I 136 0.09 18.90 11.62
CA ARG I 136 -0.44 19.22 10.30
C ARG I 136 0.03 18.22 9.26
N THR I 137 1.34 17.94 9.27
CA THR I 137 1.94 17.02 8.31
C THR I 137 1.40 15.61 8.50
N ALA I 138 1.23 15.20 9.75
CA ALA I 138 0.68 13.89 10.06
C ALA I 138 -0.76 13.76 9.59
N LEU I 139 -1.54 14.83 9.78
CA LEU I 139 -2.95 14.85 9.38
C LEU I 139 -3.10 14.94 7.87
N ASP I 140 -2.11 15.53 7.21
CA ASP I 140 -2.16 15.70 5.76
C ASP I 140 -2.12 14.37 5.03
N ALA I 141 -1.56 13.35 5.68
CA ALA I 141 -1.46 12.02 5.08
C ALA I 141 -2.83 11.39 4.89
N TYR I 142 -3.81 11.87 5.66
CA TYR I 142 -5.16 11.34 5.61
C TYR I 142 -6.16 12.41 5.18
N ALA I 143 -5.74 13.24 4.22
CA ALA I 143 -6.56 14.34 3.73
C ALA I 143 -7.48 13.89 2.59
N PRO I 144 -8.62 14.57 2.40
CA PRO I 144 -9.54 14.23 1.32
C PRO I 144 -9.02 14.68 -0.05
N ASP I 145 -9.80 14.44 -1.09
CA ASP I 145 -9.42 14.82 -2.44
C ASP I 145 -10.42 15.78 -3.06
N TYR J 7 -38.23 20.39 31.29
CA TYR J 7 -37.14 19.46 31.03
C TYR J 7 -37.16 18.31 32.04
N PHE J 8 -36.58 17.18 31.65
CA PHE J 8 -36.41 16.05 32.56
C PHE J 8 -34.97 16.01 33.05
N GLU J 9 -34.79 16.08 34.37
CA GLU J 9 -33.47 16.23 34.95
C GLU J 9 -32.84 14.91 35.37
N TYR J 10 -31.55 14.76 35.05
CA TYR J 10 -30.75 13.65 35.55
C TYR J 10 -29.50 14.19 36.23
N ARG J 11 -29.45 14.08 37.55
CA ARG J 11 -28.29 14.55 38.30
C ARG J 11 -27.22 13.49 38.41
N HIS J 12 -25.96 13.93 38.46
CA HIS J 12 -24.83 13.00 38.51
C HIS J 12 -23.64 13.61 39.22
N LEU J 13 -23.13 12.90 40.22
CA LEU J 13 -21.92 13.33 40.92
C LEU J 13 -20.69 12.78 40.20
N VAL J 14 -19.87 13.68 39.68
CA VAL J 14 -18.68 13.29 38.93
C VAL J 14 -17.65 12.63 39.83
N THR J 15 -17.35 11.36 39.56
CA THR J 15 -16.36 10.63 40.32
C THR J 15 -15.04 10.53 39.54
N PHE J 16 -14.05 9.89 40.14
CA PHE J 16 -12.71 9.84 39.56
C PHE J 16 -12.66 9.12 38.21
N ALA J 17 -13.53 8.12 38.05
CA ALA J 17 -13.58 7.33 36.82
C ALA J 17 -14.03 8.16 35.63
N ASP J 18 -14.79 9.22 35.90
CA ASP J 18 -15.27 10.11 34.86
C ASP J 18 -14.16 10.96 34.28
N THR J 19 -13.12 11.19 35.07
CA THR J 19 -12.02 12.06 34.67
C THR J 19 -10.90 11.29 33.98
N ASN J 20 -9.99 12.03 33.36
CA ASN J 20 -8.79 11.43 32.76
C ASN J 20 -7.55 12.18 33.21
N LEU J 21 -6.39 11.80 32.66
CA LEU J 21 -5.10 12.34 33.10
C LEU J 21 -5.00 13.85 32.92
N VAL J 22 -5.73 14.39 31.95
CA VAL J 22 -5.75 15.83 31.71
C VAL J 22 -6.36 16.55 32.92
N GLY J 23 -7.35 15.90 33.54
CA GLY J 23 -7.97 16.44 34.74
C GLY J 23 -9.46 16.64 34.61
N ASN J 24 -9.92 16.86 33.38
CA ASN J 24 -11.34 17.09 33.12
C ASN J 24 -12.11 15.79 32.92
N VAL J 25 -13.42 15.91 32.75
CA VAL J 25 -14.27 14.76 32.44
C VAL J 25 -14.08 14.38 30.97
N TYR J 26 -13.79 13.10 30.73
CA TYR J 26 -13.61 12.61 29.37
C TYR J 26 -14.90 12.80 28.57
N PHE J 27 -14.75 13.20 27.32
CA PHE J 27 -15.89 13.67 26.52
C PHE J 27 -16.96 12.61 26.28
N THR J 28 -16.57 11.34 26.33
CA THR J 28 -17.52 10.25 26.07
C THR J 28 -18.56 10.13 27.18
N ASN J 29 -18.21 10.57 28.37
CA ASN J 29 -19.13 10.50 29.52
C ASN J 29 -20.37 11.35 29.33
N TYR J 30 -20.23 12.44 28.58
CA TYR J 30 -21.36 13.32 28.27
C TYR J 30 -22.42 12.56 27.48
N LEU J 31 -21.98 11.65 26.63
CA LEU J 31 -22.88 10.83 25.83
C LEU J 31 -23.47 9.69 26.66
N SER J 32 -22.69 9.20 27.63
CA SER J 32 -23.16 8.17 28.55
C SER J 32 -24.29 8.73 29.41
N TRP J 33 -24.19 10.01 29.74
CA TRP J 33 -25.19 10.68 30.57
C TRP J 33 -26.49 10.85 29.81
N GLN J 34 -26.40 10.91 28.48
CA GLN J 34 -27.59 10.95 27.64
C GLN J 34 -28.34 9.63 27.74
N GLY J 35 -27.59 8.53 27.69
CA GLY J 35 -28.17 7.21 27.82
C GLY J 35 -28.77 6.99 29.20
N ALA J 36 -28.05 7.44 30.23
CA ALA J 36 -28.51 7.29 31.60
C ALA J 36 -29.76 8.14 31.84
N CYS J 37 -29.84 9.28 31.16
CA CYS J 37 -30.99 10.18 31.32
C CYS J 37 -32.22 9.66 30.59
N ARG J 38 -32.04 9.24 29.34
CA ARG J 38 -33.14 8.79 28.50
C ARG J 38 -33.78 7.52 29.05
N GLU J 39 -32.99 6.71 29.75
CA GLU J 39 -33.45 5.42 30.25
C GLU J 39 -34.01 5.55 31.66
N ARG J 40 -33.56 6.57 32.38
CA ARG J 40 -34.15 6.91 33.66
C ARG J 40 -35.54 7.49 33.41
N PHE J 41 -35.67 8.19 32.29
CA PHE J 41 -36.95 8.73 31.85
C PHE J 41 -37.92 7.60 31.54
N LEU J 42 -37.45 6.59 30.82
CA LEU J 42 -38.26 5.43 30.48
C LEU J 42 -38.74 4.69 31.73
N ALA J 43 -37.86 4.58 32.72
CA ALA J 43 -38.17 3.86 33.94
C ALA J 43 -39.18 4.61 34.81
N GLU J 44 -39.20 5.93 34.69
CA GLU J 44 -40.05 6.75 35.56
C GLU J 44 -41.32 7.23 34.87
N LYS J 45 -41.28 7.32 33.54
CA LYS J 45 -42.39 7.94 32.80
C LYS J 45 -43.09 7.00 31.82
N ALA J 46 -42.47 5.86 31.53
CA ALA J 46 -43.07 4.93 30.57
C ALA J 46 -42.81 3.47 30.92
N PRO J 47 -43.54 2.94 31.91
CA PRO J 47 -43.41 1.53 32.32
C PRO J 47 -43.84 0.54 31.25
N LYS J 48 -44.97 0.80 30.60
CA LYS J 48 -45.51 -0.13 29.61
C LYS J 48 -44.62 -0.21 28.37
N THR J 49 -43.98 0.91 28.03
CA THR J 49 -43.02 0.91 26.93
C THR J 49 -41.80 0.08 27.32
N VAL J 50 -41.39 0.21 28.58
CA VAL J 50 -40.30 -0.58 29.13
C VAL J 50 -40.68 -2.06 29.15
N ALA J 51 -41.94 -2.33 29.44
CA ALA J 51 -42.44 -3.71 29.47
C ALA J 51 -42.44 -4.31 28.07
N ARG J 52 -42.76 -3.49 27.08
CA ARG J 52 -42.88 -3.96 25.69
C ARG J 52 -41.51 -4.20 25.06
N HIS J 54 -39.48 -6.32 25.77
CA HIS J 54 -39.26 -7.75 25.69
C HIS J 54 -40.14 -8.40 24.62
N ASP J 55 -40.84 -7.58 23.85
CA ASP J 55 -41.71 -8.09 22.80
C ASP J 55 -41.01 -8.03 21.44
N LEU J 57 -39.92 -5.19 20.56
CA LEU J 57 -39.67 -3.75 20.56
C LEU J 57 -38.29 -3.42 21.12
N ALA J 58 -37.55 -2.58 20.39
CA ALA J 58 -36.21 -2.18 20.81
C ALA J 58 -35.90 -0.77 20.34
N LEU J 59 -35.43 0.07 21.26
CA LEU J 59 -35.07 1.44 20.94
C LEU J 59 -33.63 1.52 20.45
N VAL J 60 -33.44 1.92 19.20
CA VAL J 60 -32.11 2.00 18.60
C VAL J 60 -31.70 3.42 18.30
N THR J 61 -30.51 3.81 18.76
CA THR J 61 -29.97 5.13 18.48
C THR J 61 -29.54 5.23 17.02
N SER J 62 -29.99 6.28 16.35
CA SER J 62 -29.65 6.49 14.94
C SER J 62 -28.57 7.55 14.79
N SER J 63 -28.55 8.50 15.72
CA SER J 63 -27.57 9.57 15.70
C SER J 63 -27.44 10.21 17.08
N CYS J 64 -26.25 10.75 17.37
CA CYS J 64 -26.01 11.47 18.61
C CYS J 64 -24.90 12.50 18.42
N SER J 65 -24.93 13.56 19.22
CA SER J 65 -23.93 14.61 19.13
C SER J 65 -23.84 15.39 20.44
N CYS J 66 -22.72 16.09 20.63
CA CYS J 66 -22.55 16.90 21.82
C CYS J 66 -21.55 18.03 21.56
N GLU J 67 -21.81 19.20 22.12
CA GLU J 67 -20.92 20.34 21.99
C GLU J 67 -20.45 20.79 23.37
N PHE J 68 -19.17 21.12 23.49
CA PHE J 68 -18.59 21.41 24.79
C PHE J 68 -18.12 22.86 24.91
N PHE J 69 -18.54 23.53 25.99
CA PHE J 69 -18.23 24.94 26.20
C PHE J 69 -17.14 25.12 27.27
N SER J 70 -17.37 24.52 28.43
CA SER J 70 -16.38 24.51 29.50
C SER J 70 -16.31 23.14 30.14
N GLU J 71 -15.26 22.91 30.92
CA GLU J 71 -14.98 21.57 31.43
C GLU J 71 -15.56 21.31 32.81
N LEU J 72 -15.83 20.03 33.08
CA LEU J 72 -16.24 19.58 34.41
C LEU J 72 -15.07 18.88 35.08
N TYR J 73 -15.07 18.89 36.41
CA TYR J 73 -13.99 18.24 37.15
C TYR J 73 -14.52 17.23 38.15
N ALA J 74 -13.62 16.51 38.78
CA ALA J 74 -14.00 15.50 39.78
C ALA J 74 -14.75 16.15 40.93
N LEU J 75 -15.72 15.42 41.47
CA LEU J 75 -16.54 15.86 42.60
C LEU J 75 -17.42 17.07 42.25
N ASP J 76 -17.53 17.39 40.97
CA ASP J 76 -18.53 18.35 40.52
C ASP J 76 -19.88 17.67 40.39
N THR J 77 -20.95 18.44 40.50
CA THR J 77 -22.29 17.90 40.30
C THR J 77 -22.89 18.45 39.02
N VAL J 78 -23.20 17.57 38.07
CA VAL J 78 -23.74 17.99 36.79
C VAL J 78 -25.23 17.68 36.69
N SER J 79 -25.99 18.67 36.23
CA SER J 79 -27.42 18.50 36.00
C SER J 79 -27.70 18.31 34.52
N VAL J 80 -28.06 17.10 34.13
CA VAL J 80 -28.37 16.80 32.74
C VAL J 80 -29.86 17.00 32.47
N ARG J 81 -30.17 18.02 31.68
CA ARG J 81 -31.57 18.39 31.44
C ARG J 81 -32.02 18.00 30.03
N SER J 83 -34.98 17.51 27.08
CA SER J 83 -36.26 17.99 26.58
C SER J 83 -36.51 17.47 25.17
N LEU J 84 -37.78 17.35 24.80
CA LEU J 84 -38.14 16.85 23.47
C LEU J 84 -37.89 17.91 22.40
N VAL J 85 -37.14 17.54 21.36
CA VAL J 85 -36.89 18.45 20.25
C VAL J 85 -37.94 18.27 19.16
N GLY J 86 -38.28 17.02 18.88
CA GLY J 86 -39.28 16.72 17.86
C GLY J 86 -39.37 15.24 17.55
N ILE J 87 -40.56 14.80 17.14
CA ILE J 87 -40.78 13.42 16.74
C ILE J 87 -41.20 13.34 15.29
N ASP J 88 -40.43 12.57 14.50
CA ASP J 88 -40.76 12.38 13.09
C ASP J 88 -41.72 11.20 12.96
N PHE J 89 -41.51 10.39 11.92
CA PHE J 89 -42.39 9.24 11.69
C PHE J 89 -42.19 8.17 12.76
N HIS J 90 -40.96 7.70 12.91
CA HIS J 90 -40.64 6.66 13.87
C HIS J 90 -39.47 7.05 14.75
N GLN J 91 -38.89 8.21 14.49
CA GLN J 91 -37.69 8.63 15.22
C GLN J 91 -37.97 9.75 16.21
N ILE J 92 -37.39 9.63 17.40
CA ILE J 92 -37.52 10.63 18.45
C ILE J 92 -36.21 11.38 18.63
N THR J 93 -36.28 12.71 18.62
CA THR J 93 -35.10 13.53 18.81
C THR J 93 -35.15 14.25 20.17
N GLY J 95 -33.13 16.72 23.14
CA GLY J 95 -32.10 17.73 23.34
C GLY J 95 -31.59 17.69 24.77
N PHE J 96 -30.29 17.90 24.95
CA PHE J 96 -29.69 17.83 26.27
C PHE J 96 -28.89 19.09 26.59
N GLU J 97 -29.03 19.55 27.83
CA GLU J 97 -28.24 20.68 28.32
C GLU J 97 -27.55 20.29 29.63
N TYR J 98 -26.25 20.53 29.68
CA TYR J 98 -25.44 20.14 30.83
C TYR J 98 -25.09 21.34 31.69
N TYR J 99 -25.51 21.33 32.94
CA TYR J 99 -25.24 22.43 33.86
C TYR J 99 -24.41 21.98 35.05
N ARG J 100 -23.39 22.78 35.37
CA ARG J 100 -22.62 22.56 36.60
C ARG J 100 -23.36 23.20 37.78
N VAL J 101 -23.98 22.36 38.59
CA VAL J 101 -24.78 22.83 39.72
C VAL J 101 -24.12 22.52 41.06
N THR J 102 -22.79 22.52 41.06
CA THR J 102 -22.02 22.24 42.28
C THR J 102 -22.31 23.26 43.38
N ASP J 103 -22.49 24.52 42.98
CA ASP J 103 -22.72 25.59 43.93
C ASP J 103 -24.00 26.37 43.60
N GLY J 104 -23.91 27.27 42.63
CA GLY J 104 -25.03 28.09 42.23
C GLY J 104 -24.60 29.48 41.79
N PRO J 105 -25.22 30.00 40.72
CA PRO J 105 -26.30 29.35 39.97
C PRO J 105 -25.77 28.35 38.94
N ALA J 106 -26.67 27.79 38.13
CA ALA J 106 -26.30 26.78 37.15
C ALA J 106 -25.47 27.37 36.01
N ARG J 107 -24.32 26.75 35.75
CA ARG J 107 -23.44 27.17 34.68
C ARG J 107 -23.46 26.18 33.53
N LEU J 108 -23.91 26.62 32.37
CA LEU J 108 -23.98 25.76 31.19
C LEU J 108 -22.57 25.40 30.71
N VAL J 109 -22.29 24.11 30.63
CA VAL J 109 -20.96 23.64 30.23
C VAL J 109 -20.99 22.90 28.90
N ALA J 110 -22.14 22.33 28.55
CA ALA J 110 -22.25 21.56 27.31
C ALA J 110 -23.69 21.47 26.82
N ARG J 111 -23.84 20.97 25.60
CA ARG J 111 -25.16 20.85 24.96
C ARG J 111 -25.10 19.83 23.83
N GLY J 112 -26.09 18.96 23.76
CA GLY J 112 -26.10 17.90 22.77
C GLY J 112 -27.48 17.39 22.38
N GLU J 113 -27.50 16.56 21.34
CA GLU J 113 -28.73 15.95 20.84
C GLU J 113 -28.50 14.49 20.50
N GLN J 114 -29.59 13.73 20.41
CA GLN J 114 -29.51 12.35 19.93
C GLN J 114 -30.88 11.89 19.42
N THR J 115 -30.87 10.99 18.45
CA THR J 115 -32.11 10.50 17.87
C THR J 115 -32.24 8.99 18.05
N VAL J 116 -33.35 8.56 18.62
CA VAL J 116 -33.62 7.14 18.81
C VAL J 116 -34.77 6.68 17.93
N ALA J 117 -34.69 5.44 17.44
CA ALA J 117 -35.72 4.88 16.59
C ALA J 117 -36.32 3.63 17.22
N CYS J 118 -37.57 3.36 16.91
CA CYS J 118 -38.27 2.22 17.48
C CYS J 118 -38.47 1.11 16.44
N THR J 119 -37.97 -0.08 16.77
CA THR J 119 -38.07 -1.22 15.86
C THR J 119 -38.66 -2.44 16.55
N LEU J 120 -39.48 -3.20 15.83
CA LEU J 120 -40.08 -4.41 16.35
C LEU J 120 -39.09 -5.56 16.32
N ARG J 121 -38.70 -6.03 17.51
CA ARG J 121 -37.74 -7.12 17.62
C ARG J 121 -38.35 -8.45 17.17
N LEU J 126 -35.97 -4.40 12.93
CA LEU J 126 -35.90 -4.04 11.51
C LEU J 126 -37.24 -3.50 11.03
N THR J 127 -38.25 -3.51 11.91
CA THR J 127 -39.58 -3.02 11.57
C THR J 127 -39.89 -1.74 12.34
N PRO J 128 -39.72 -0.59 11.66
CA PRO J 128 -39.95 0.72 12.28
C PRO J 128 -41.41 0.94 12.67
N VAL J 129 -41.68 0.95 13.97
CA VAL J 129 -43.04 1.16 14.46
C VAL J 129 -43.24 2.63 14.84
N GLU J 130 -44.50 3.04 14.91
CA GLU J 130 -44.83 4.39 15.36
C GLU J 130 -44.62 4.48 16.86
N VAL J 131 -44.19 5.65 17.33
CA VAL J 131 -43.94 5.86 18.75
C VAL J 131 -45.21 5.62 19.57
N PRO J 132 -45.14 4.66 20.51
CA PRO J 132 -46.26 4.26 21.36
C PRO J 132 -46.94 5.45 22.04
N ASP J 133 -48.26 5.34 22.24
CA ASP J 133 -49.04 6.43 22.81
C ASP J 133 -48.57 6.80 24.22
N GLU J 134 -48.13 5.79 24.97
CA GLU J 134 -47.61 6.01 26.32
C GLU J 134 -46.36 6.86 26.29
N LEU J 135 -45.40 6.48 25.44
CA LEU J 135 -44.14 7.20 25.33
C LEU J 135 -44.35 8.59 24.76
N ARG J 136 -45.21 8.70 23.76
CA ARG J 136 -45.50 9.98 23.12
C ARG J 136 -46.12 10.98 24.11
N THR J 137 -47.06 10.49 24.91
CA THR J 137 -47.71 11.32 25.92
C THR J 137 -46.69 11.77 26.97
N ALA J 138 -45.81 10.85 27.37
CA ALA J 138 -44.79 11.15 28.37
C ALA J 138 -43.76 12.14 27.83
N LEU J 139 -43.51 12.09 26.52
CA LEU J 139 -42.53 12.98 25.89
C LEU J 139 -43.08 14.39 25.68
N ASP J 140 -44.38 14.49 25.41
CA ASP J 140 -45.00 15.77 25.12
C ASP J 140 -45.04 16.67 26.35
N ALA J 141 -44.83 16.09 27.54
CA ALA J 141 -44.80 16.85 28.77
C ALA J 141 -43.55 17.74 28.84
N TYR J 142 -42.56 17.41 28.02
CA TYR J 142 -41.30 18.16 28.00
C TYR J 142 -41.06 18.76 26.61
N ALA J 143 -42.14 19.02 25.88
CA ALA J 143 -42.04 19.60 24.55
C ALA J 143 -42.28 21.11 24.59
N PRO J 144 -41.65 21.85 23.67
CA PRO J 144 -41.81 23.30 23.50
C PRO J 144 -43.27 23.75 23.58
N TYR K 7 -23.46 1.52 57.76
CA TYR K 7 -22.88 1.48 56.43
C TYR K 7 -23.11 2.79 55.68
N PHE K 8 -22.22 3.09 54.74
CA PHE K 8 -22.39 4.26 53.87
C PHE K 8 -23.00 3.81 52.56
N GLU K 9 -24.15 4.40 52.21
CA GLU K 9 -24.92 3.94 51.06
C GLU K 9 -24.63 4.72 49.78
N TYR K 10 -24.51 3.99 48.68
CA TYR K 10 -24.46 4.58 47.35
C TYR K 10 -25.54 3.94 46.48
N ARG K 11 -26.58 4.71 46.18
CA ARG K 11 -27.69 4.21 45.38
C ARG K 11 -27.43 4.43 43.90
N HIS K 12 -27.84 3.45 43.08
CA HIS K 12 -27.59 3.51 41.64
C HIS K 12 -28.71 2.83 40.86
N LEU K 13 -29.21 3.52 39.85
CA LEU K 13 -30.18 2.93 38.94
C LEU K 13 -29.47 2.27 37.77
N VAL K 14 -29.67 0.96 37.62
CA VAL K 14 -29.05 0.22 36.53
C VAL K 14 -29.63 0.66 35.19
N THR K 15 -28.76 1.11 34.30
CA THR K 15 -29.18 1.52 32.96
C THR K 15 -28.74 0.49 31.92
N PHE K 16 -29.10 0.73 30.67
CA PHE K 16 -28.84 -0.23 29.60
C PHE K 16 -27.34 -0.41 29.35
N ALA K 17 -26.55 0.61 29.65
CA ALA K 17 -25.11 0.54 29.45
C ALA K 17 -24.46 -0.44 30.42
N ASP K 18 -25.08 -0.64 31.57
CA ASP K 18 -24.57 -1.55 32.58
C ASP K 18 -24.78 -3.01 32.19
N THR K 19 -25.74 -3.25 31.29
CA THR K 19 -26.07 -4.60 30.88
C THR K 19 -25.27 -5.03 29.66
N ASN K 20 -25.22 -6.33 29.42
CA ASN K 20 -24.58 -6.88 28.22
C ASN K 20 -25.53 -7.83 27.50
N LEU K 21 -25.05 -8.50 26.46
CA LEU K 21 -25.90 -9.31 25.59
C LEU K 21 -26.55 -10.48 26.32
N VAL K 22 -25.93 -10.92 27.41
CA VAL K 22 -26.48 -12.02 28.20
C VAL K 22 -27.76 -11.57 28.89
N GLY K 23 -27.82 -10.29 29.25
CA GLY K 23 -29.02 -9.72 29.83
C GLY K 23 -28.83 -9.08 31.19
N ASN K 24 -27.81 -9.54 31.92
CA ASN K 24 -27.55 -9.04 33.27
C ASN K 24 -26.51 -7.93 33.28
N VAL K 25 -26.24 -7.40 34.47
CA VAL K 25 -25.21 -6.37 34.63
C VAL K 25 -23.81 -6.98 34.53
N TYR K 26 -22.98 -6.42 33.67
CA TYR K 26 -21.62 -6.88 33.49
C TYR K 26 -20.85 -6.76 34.81
N PHE K 27 -20.06 -7.79 35.13
CA PHE K 27 -19.41 -7.90 36.43
C PHE K 27 -18.50 -6.70 36.74
N THR K 28 -18.01 -6.05 35.69
CA THR K 28 -17.13 -4.89 35.83
C THR K 28 -17.80 -3.76 36.62
N ASN K 29 -19.07 -3.51 36.32
CA ASN K 29 -19.81 -2.40 36.92
C ASN K 29 -19.93 -2.48 38.44
N TYR K 30 -19.89 -3.69 38.99
CA TYR K 30 -19.97 -3.88 40.43
C TYR K 30 -18.79 -3.23 41.14
N LEU K 31 -17.65 -3.22 40.47
CA LEU K 31 -16.43 -2.65 41.02
C LEU K 31 -16.34 -1.17 40.70
N SER K 32 -17.01 -0.75 39.65
CA SER K 32 -17.11 0.67 39.30
C SER K 32 -17.93 1.38 40.37
N TRP K 33 -18.92 0.67 40.91
CA TRP K 33 -19.77 1.20 41.96
C TRP K 33 -18.99 1.31 43.28
N GLN K 34 -18.00 0.45 43.45
CA GLN K 34 -17.10 0.54 44.60
C GLN K 34 -16.34 1.86 44.55
N GLY K 35 -15.84 2.19 43.37
CA GLY K 35 -15.13 3.45 43.16
C GLY K 35 -16.05 4.64 43.32
N ALA K 36 -17.26 4.52 42.79
CA ALA K 36 -18.25 5.59 42.88
C ALA K 36 -18.70 5.81 44.33
N CYS K 37 -18.75 4.72 45.09
CA CYS K 37 -19.17 4.79 46.49
C CYS K 37 -18.09 5.42 47.37
N ARG K 38 -16.87 4.94 47.22
CA ARG K 38 -15.75 5.39 48.05
C ARG K 38 -15.43 6.85 47.83
N GLU K 39 -15.62 7.33 46.60
CA GLU K 39 -15.27 8.70 46.24
C GLU K 39 -16.40 9.66 46.61
N ARG K 40 -17.63 9.16 46.60
CA ARG K 40 -18.75 9.94 47.10
C ARG K 40 -18.62 10.08 48.61
N PHE K 41 -18.04 9.06 49.24
CA PHE K 41 -17.78 9.07 50.68
C PHE K 41 -16.74 10.13 51.02
N LEU K 42 -15.84 10.40 50.09
CA LEU K 42 -14.82 11.43 50.27
C LEU K 42 -15.38 12.81 49.95
N ALA K 43 -16.44 12.85 49.15
CA ALA K 43 -17.05 14.11 48.74
C ALA K 43 -17.98 14.64 49.82
N GLU K 44 -18.51 13.75 50.64
CA GLU K 44 -19.41 14.13 51.72
C GLU K 44 -18.69 14.14 53.06
N LYS K 45 -17.95 13.07 53.33
CA LYS K 45 -17.17 12.97 54.55
C LYS K 45 -15.70 13.23 54.25
N ALA K 46 -14.99 13.78 55.24
CA ALA K 46 -13.57 14.10 55.11
C ALA K 46 -13.26 14.92 53.86
N PRO K 47 -13.71 16.18 53.83
CA PRO K 47 -13.48 17.03 52.66
C PRO K 47 -12.05 17.58 52.58
N LYS K 48 -11.42 17.79 53.74
CA LYS K 48 -10.06 18.33 53.77
C LYS K 48 -9.04 17.29 53.31
N THR K 49 -9.43 16.02 53.39
CA THR K 49 -8.57 14.93 52.92
C THR K 49 -8.55 14.94 51.39
N VAL K 50 -9.69 15.29 50.79
CA VAL K 50 -9.79 15.47 49.35
C VAL K 50 -8.92 16.63 48.89
N ALA K 51 -8.97 17.72 49.65
CA ALA K 51 -8.19 18.92 49.34
C ALA K 51 -6.70 18.64 49.32
N ARG K 52 -6.24 17.81 50.27
CA ARG K 52 -4.83 17.48 50.36
C ARG K 52 -4.40 16.54 49.25
N HIS K 54 -4.89 16.82 46.28
CA HIS K 54 -4.41 17.63 45.18
C HIS K 54 -3.03 18.19 45.48
N ASP K 55 -2.40 17.66 46.53
CA ASP K 55 -1.09 18.13 46.96
C ASP K 55 -0.19 16.99 47.40
N ASP K 56 -0.11 16.77 48.70
CA ASP K 56 0.85 15.84 49.29
C ASP K 56 0.33 14.42 49.44
N LEU K 57 -0.96 14.22 49.19
CA LEU K 57 -1.58 12.91 49.41
C LEU K 57 -1.97 12.21 48.11
N ALA K 58 -1.91 10.89 48.13
CA ALA K 58 -2.32 10.07 46.99
C ALA K 58 -2.92 8.75 47.49
N LEU K 59 -4.07 8.38 46.95
CA LEU K 59 -4.74 7.14 47.34
C LEU K 59 -4.58 6.06 46.28
N VAL K 60 -3.82 5.02 46.63
CA VAL K 60 -3.54 3.93 45.71
C VAL K 60 -4.38 2.71 46.02
N THR K 61 -5.12 2.23 45.01
CA THR K 61 -5.88 1.00 45.15
C THR K 61 -4.94 -0.19 45.03
N SER K 62 -4.79 -0.94 46.12
CA SER K 62 -3.85 -2.06 46.17
C SER K 62 -4.52 -3.39 45.87
N SER K 63 -5.80 -3.51 46.22
CA SER K 63 -6.53 -4.76 46.05
C SER K 63 -8.04 -4.54 45.97
N CYS K 64 -8.70 -5.37 45.17
CA CYS K 64 -10.16 -5.35 45.08
C CYS K 64 -10.69 -6.72 44.66
N SER K 65 -11.92 -7.02 45.06
CA SER K 65 -12.56 -8.28 44.72
C SER K 65 -14.07 -8.19 44.85
N CYS K 66 -14.78 -9.13 44.25
CA CYS K 66 -16.24 -9.15 44.32
C CYS K 66 -16.79 -10.55 44.02
N GLU K 67 -17.80 -10.95 44.79
CA GLU K 67 -18.46 -12.23 44.57
C GLU K 67 -19.92 -11.99 44.20
N PHE K 68 -20.39 -12.73 43.21
CA PHE K 68 -21.74 -12.50 42.67
C PHE K 68 -22.67 -13.66 42.98
N PHE K 69 -23.72 -13.37 43.76
CA PHE K 69 -24.69 -14.38 44.17
C PHE K 69 -25.85 -14.48 43.18
N SER K 70 -26.45 -13.33 42.90
CA SER K 70 -27.59 -13.28 41.98
C SER K 70 -27.40 -12.18 40.94
N GLU K 71 -28.24 -12.18 39.92
CA GLU K 71 -28.11 -11.24 38.81
C GLU K 71 -28.94 -9.97 38.98
N LEU K 72 -28.38 -8.85 38.53
CA LEU K 72 -29.11 -7.60 38.43
C LEU K 72 -29.48 -7.34 36.97
N TYR K 73 -30.63 -6.73 36.74
CA TYR K 73 -31.09 -6.49 35.38
C TYR K 73 -31.31 -5.01 35.12
N ALA K 74 -31.68 -4.68 33.88
CA ALA K 74 -31.89 -3.29 33.49
C ALA K 74 -32.98 -2.63 34.31
N LEU K 75 -32.78 -1.35 34.61
CA LEU K 75 -33.74 -0.53 35.37
C LEU K 75 -33.97 -1.05 36.79
N ASP K 76 -33.09 -1.91 37.27
CA ASP K 76 -33.08 -2.30 38.68
C ASP K 76 -32.40 -1.22 39.49
N THR K 77 -32.78 -1.09 40.75
CA THR K 77 -32.13 -0.14 41.64
C THR K 77 -31.27 -0.87 42.68
N VAL K 78 -29.96 -0.66 42.60
CA VAL K 78 -29.03 -1.36 43.49
C VAL K 78 -28.57 -0.44 44.62
N SER K 79 -28.48 -1.01 45.82
CA SER K 79 -27.99 -0.28 46.98
C SER K 79 -26.62 -0.78 47.41
N VAL K 80 -25.58 -0.07 47.01
CA VAL K 80 -24.21 -0.42 47.38
C VAL K 80 -23.89 0.11 48.77
N ARG K 81 -23.74 -0.80 49.72
CA ARG K 81 -23.53 -0.43 51.11
C ARG K 81 -22.12 -0.74 51.58
N SER K 83 -18.95 -0.60 54.30
CA SER K 83 -18.60 -0.56 55.72
C SER K 83 -17.10 -0.76 55.89
N LEU K 84 -16.57 -0.34 57.04
CA LEU K 84 -15.15 -0.46 57.31
C LEU K 84 -14.78 -1.85 57.81
N VAL K 85 -13.78 -2.45 57.16
CA VAL K 85 -13.30 -3.77 57.58
C VAL K 85 -12.19 -3.63 58.63
N GLY K 86 -11.19 -2.79 58.34
CA GLY K 86 -10.09 -2.57 59.25
C GLY K 86 -8.98 -1.73 58.66
N ILE K 87 -8.20 -1.09 59.53
CA ILE K 87 -7.09 -0.26 59.10
C ILE K 87 -5.76 -0.79 59.63
N ASP K 88 -4.87 -1.18 58.73
CA ASP K 88 -3.54 -1.65 59.11
C ASP K 88 -2.50 -0.60 58.75
N PHE K 89 -2.26 0.33 59.67
CA PHE K 89 -1.32 1.43 59.48
C PHE K 89 -1.68 2.31 58.29
N HIS K 90 -1.23 1.92 57.10
CA HIS K 90 -1.44 2.74 55.92
C HIS K 90 -2.48 2.16 54.96
N GLN K 91 -2.87 0.91 55.17
CA GLN K 91 -3.86 0.29 54.29
C GLN K 91 -5.27 0.39 54.87
N ILE K 92 -6.24 0.69 54.01
CA ILE K 92 -7.63 0.79 54.42
C ILE K 92 -8.51 -0.19 53.66
N THR K 93 -9.02 -1.20 54.36
CA THR K 93 -9.87 -2.21 53.75
C THR K 93 -11.35 -1.86 53.91
N GLY K 95 -15.45 -2.98 52.99
CA GLY K 95 -16.34 -4.05 52.59
C GLY K 95 -17.57 -3.50 51.88
N PHE K 96 -18.04 -4.23 50.87
CA PHE K 96 -19.18 -3.79 50.09
C PHE K 96 -20.27 -4.86 50.01
N GLU K 97 -21.52 -4.45 50.22
CA GLU K 97 -22.66 -5.35 50.06
C GLU K 97 -23.64 -4.75 49.05
N TYR K 98 -24.02 -5.56 48.07
CA TYR K 98 -24.91 -5.09 47.00
C TYR K 98 -26.33 -5.60 47.22
N TYR K 99 -27.29 -4.67 47.29
CA TYR K 99 -28.69 -5.03 47.52
C TYR K 99 -29.59 -4.55 46.40
N ARG K 100 -30.49 -5.42 45.95
CA ARG K 100 -31.51 -5.02 44.99
C ARG K 100 -32.71 -4.44 45.73
N VAL K 101 -32.87 -3.12 45.64
CA VAL K 101 -33.95 -2.44 46.34
C VAL K 101 -34.96 -1.84 45.37
N THR K 102 -35.13 -2.50 44.22
CA THR K 102 -36.06 -2.03 43.20
C THR K 102 -37.49 -1.95 43.74
N ASP K 103 -37.81 -2.86 44.66
CA ASP K 103 -39.10 -2.86 45.35
C ASP K 103 -39.09 -3.90 46.46
N GLY K 104 -40.00 -3.74 47.42
CA GLY K 104 -40.13 -4.68 48.53
C GLY K 104 -38.91 -4.71 49.42
N PRO K 105 -38.75 -5.80 50.19
CA PRO K 105 -37.59 -5.97 51.08
C PRO K 105 -36.29 -6.11 50.31
N ALA K 106 -35.22 -5.52 50.83
CA ALA K 106 -33.91 -5.54 50.16
C ALA K 106 -33.37 -6.96 50.04
N ARG K 107 -32.73 -7.24 48.91
CA ARG K 107 -32.19 -8.57 48.65
C ARG K 107 -30.71 -8.52 48.30
N LEU K 108 -29.90 -9.27 49.05
CA LEU K 108 -28.47 -9.35 48.79
C LEU K 108 -28.17 -10.10 47.49
N VAL K 109 -27.38 -9.49 46.62
CA VAL K 109 -27.08 -10.08 45.32
C VAL K 109 -25.58 -10.24 45.06
N ALA K 110 -24.77 -9.50 45.79
CA ALA K 110 -23.32 -9.58 45.63
C ALA K 110 -22.58 -9.06 46.87
N ARG K 111 -21.31 -9.43 46.96
CA ARG K 111 -20.47 -9.02 48.09
C ARG K 111 -19.06 -8.71 47.60
N GLY K 112 -18.54 -7.54 47.98
CA GLY K 112 -17.23 -7.11 47.51
C GLY K 112 -16.31 -6.58 48.59
N GLU K 113 -15.04 -6.41 48.23
CA GLU K 113 -14.03 -5.92 49.17
C GLU K 113 -12.96 -5.11 48.43
N GLN K 114 -12.40 -4.12 49.09
CA GLN K 114 -11.38 -3.27 48.48
C GLN K 114 -10.41 -2.69 49.51
N THR K 115 -9.13 -2.66 49.16
CA THR K 115 -8.11 -2.07 50.02
C THR K 115 -7.38 -0.91 49.33
N VAL K 116 -7.39 0.25 49.96
CA VAL K 116 -6.71 1.42 49.42
C VAL K 116 -5.54 1.85 50.31
N ALA K 117 -4.51 2.40 49.69
CA ALA K 117 -3.32 2.82 50.42
C ALA K 117 -3.01 4.28 50.17
N CYS K 118 -2.89 5.05 51.25
CA CYS K 118 -2.56 6.46 51.16
C CYS K 118 -1.05 6.66 51.19
N THR K 119 -0.54 7.38 50.20
CA THR K 119 0.90 7.58 50.08
C THR K 119 1.24 9.07 49.98
N LEU K 120 2.50 9.35 49.68
CA LEU K 120 2.97 10.72 49.55
C LEU K 120 3.09 11.12 48.08
N THR K 127 5.99 6.60 48.65
CA THR K 127 6.26 6.21 50.03
C THR K 127 4.98 6.25 50.87
N PRO K 128 4.75 5.20 51.67
CA PRO K 128 3.55 5.08 52.51
C PRO K 128 3.45 6.16 53.58
N VAL K 129 2.23 6.65 53.80
CA VAL K 129 1.96 7.56 54.90
C VAL K 129 0.85 6.97 55.76
N GLU K 130 0.84 7.32 57.04
CA GLU K 130 -0.21 6.84 57.93
C GLU K 130 -1.53 7.51 57.59
N VAL K 131 -2.63 6.80 57.80
CA VAL K 131 -3.96 7.32 57.49
C VAL K 131 -4.23 8.61 58.25
N PRO K 132 -4.48 9.71 57.51
CA PRO K 132 -4.74 11.03 58.06
C PRO K 132 -5.79 11.05 59.17
N ASP K 133 -5.67 11.99 60.09
CA ASP K 133 -6.56 12.07 61.25
C ASP K 133 -8.02 12.26 60.85
N GLU K 134 -8.26 13.13 59.86
CA GLU K 134 -9.61 13.43 59.43
C GLU K 134 -10.30 12.22 58.81
N LEU K 135 -9.56 11.53 57.93
CA LEU K 135 -10.09 10.36 57.24
C LEU K 135 -10.38 9.22 58.22
N ARG K 136 -9.56 9.12 59.25
CA ARG K 136 -9.73 8.07 60.26
C ARG K 136 -10.99 8.31 61.07
N THR K 137 -11.29 9.58 61.33
CA THR K 137 -12.48 9.94 62.09
C THR K 137 -13.76 9.62 61.31
N ALA K 138 -13.69 9.80 60.00
CA ALA K 138 -14.84 9.54 59.13
C ALA K 138 -15.15 8.05 59.05
N LEU K 139 -14.11 7.24 58.86
CA LEU K 139 -14.28 5.79 58.72
C LEU K 139 -14.65 5.13 60.05
N ASP K 140 -14.42 5.84 61.15
CA ASP K 140 -14.70 5.31 62.48
C ASP K 140 -16.21 5.14 62.72
N ALA K 141 -17.02 5.88 61.98
CA ALA K 141 -18.46 5.85 62.15
C ALA K 141 -19.07 4.60 61.50
N TYR K 142 -18.28 3.91 60.71
CA TYR K 142 -18.77 2.74 59.98
C TYR K 142 -17.97 1.48 60.32
N ALA K 143 -17.50 1.40 61.56
CA ALA K 143 -16.73 0.25 62.01
C ALA K 143 -17.61 -0.98 62.18
N ARG L 5 6.11 -20.89 31.10
CA ARG L 5 4.70 -21.20 31.21
C ARG L 5 3.87 -20.74 30.05
N ALA L 6 2.79 -21.45 29.80
CA ALA L 6 1.88 -21.15 28.71
C ALA L 6 0.80 -20.18 29.17
N TYR L 7 0.37 -19.31 28.26
CA TYR L 7 -0.65 -18.31 28.59
C TYR L 7 -1.37 -17.80 27.34
N PHE L 8 -2.61 -17.36 27.51
CA PHE L 8 -3.30 -16.65 26.45
C PHE L 8 -3.18 -15.15 26.67
N GLU L 9 -2.67 -14.44 25.67
CA GLU L 9 -2.33 -13.03 25.83
C GLU L 9 -3.38 -12.09 25.26
N TYR L 10 -3.68 -11.03 26.00
CA TYR L 10 -4.46 -9.92 25.49
C TYR L 10 -3.65 -8.63 25.64
N ARG L 11 -3.15 -8.12 24.52
CA ARG L 11 -2.35 -6.90 24.53
C ARG L 11 -3.25 -5.68 24.42
N HIS L 12 -3.10 -4.75 25.36
CA HIS L 12 -3.93 -3.55 25.39
C HIS L 12 -3.08 -2.29 25.46
N LEU L 13 -3.33 -1.36 24.55
CA LEU L 13 -2.70 -0.04 24.60
C LEU L 13 -3.53 0.88 25.48
N VAL L 14 -2.92 1.42 26.52
CA VAL L 14 -3.61 2.32 27.42
C VAL L 14 -3.82 3.69 26.78
N THR L 15 -5.09 4.05 26.57
CA THR L 15 -5.42 5.37 26.04
C THR L 15 -5.89 6.28 27.18
N PHE L 16 -6.26 7.51 26.84
CA PHE L 16 -6.59 8.52 27.84
C PHE L 16 -7.80 8.13 28.69
N ALA L 17 -8.75 7.43 28.08
CA ALA L 17 -9.98 7.05 28.77
C ALA L 17 -9.71 6.07 29.91
N ASP L 18 -8.61 5.33 29.80
CA ASP L 18 -8.26 4.33 30.81
C ASP L 18 -7.74 4.98 32.09
N THR L 19 -7.33 6.24 31.99
CA THR L 19 -6.73 6.95 33.11
C THR L 19 -7.72 7.80 33.88
N ASN L 20 -7.27 8.34 35.01
CA ASN L 20 -8.05 9.30 35.78
C ASN L 20 -7.20 10.52 36.11
N LEU L 21 -7.75 11.44 36.90
CA LEU L 21 -7.08 12.71 37.18
C LEU L 21 -5.72 12.53 37.86
N VAL L 22 -5.55 11.43 38.57
CA VAL L 22 -4.29 11.15 39.24
C VAL L 22 -3.21 10.87 38.20
N GLY L 23 -3.62 10.34 37.04
CA GLY L 23 -2.71 10.10 35.94
C GLY L 23 -2.52 8.63 35.64
N ASN L 24 -2.87 7.79 36.61
CA ASN L 24 -2.74 6.35 36.46
C ASN L 24 -4.01 5.71 35.91
N VAL L 25 -3.91 4.44 35.53
CA VAL L 25 -5.05 3.68 35.06
C VAL L 25 -6.00 3.37 36.22
N TYR L 26 -7.26 3.77 36.08
CA TYR L 26 -8.26 3.50 37.09
C TYR L 26 -8.40 2.00 37.29
N PHE L 27 -8.58 1.58 38.55
CA PHE L 27 -8.46 0.17 38.92
C PHE L 27 -9.48 -0.75 38.25
N THR L 28 -10.64 -0.21 37.88
CA THR L 28 -11.69 -1.02 37.28
C THR L 28 -11.29 -1.57 35.91
N ASN L 29 -10.41 -0.86 35.21
CA ASN L 29 -9.97 -1.25 33.88
C ASN L 29 -9.21 -2.57 33.89
N TYR L 30 -8.54 -2.86 35.00
CA TYR L 30 -7.83 -4.12 35.16
C TYR L 30 -8.80 -5.30 35.14
N LEU L 31 -10.02 -5.05 35.59
CA LEU L 31 -11.06 -6.07 35.60
C LEU L 31 -11.72 -6.18 34.24
N SER L 32 -11.88 -5.05 33.56
CA SER L 32 -12.43 -5.02 32.21
C SER L 32 -11.55 -5.79 31.25
N TRP L 33 -10.25 -5.75 31.49
CA TRP L 33 -9.28 -6.43 30.65
C TRP L 33 -9.40 -7.95 30.79
N GLN L 34 -9.79 -8.39 31.98
CA GLN L 34 -10.05 -9.81 32.21
C GLN L 34 -11.20 -10.28 31.34
N GLY L 35 -12.23 -9.44 31.23
CA GLY L 35 -13.38 -9.75 30.40
C GLY L 35 -13.01 -9.74 28.93
N ALA L 36 -12.24 -8.74 28.53
CA ALA L 36 -11.80 -8.63 27.14
C ALA L 36 -10.88 -9.78 26.76
N CYS L 37 -10.09 -10.23 27.74
CA CYS L 37 -9.15 -11.33 27.51
C CYS L 37 -9.87 -12.66 27.39
N ARG L 38 -10.83 -12.90 28.26
CA ARG L 38 -11.55 -14.18 28.30
C ARG L 38 -12.48 -14.34 27.10
N GLU L 39 -12.95 -13.22 26.57
CA GLU L 39 -13.91 -13.24 25.46
C GLU L 39 -13.20 -13.24 24.11
N ARG L 40 -11.96 -12.76 24.09
CA ARG L 40 -11.11 -12.91 22.92
C ARG L 40 -10.72 -14.36 22.78
N PHE L 41 -10.53 -15.02 23.92
CA PHE L 41 -10.20 -16.44 23.97
C PHE L 41 -11.31 -17.28 23.36
N LEU L 42 -12.55 -16.94 23.71
CA LEU L 42 -13.71 -17.65 23.18
C LEU L 42 -13.85 -17.44 21.68
N ALA L 43 -13.55 -16.23 21.23
CA ALA L 43 -13.68 -15.89 19.81
C ALA L 43 -12.65 -16.61 18.95
N GLU L 44 -11.51 -16.95 19.55
CA GLU L 44 -10.43 -17.58 18.80
C GLU L 44 -10.38 -19.10 18.97
N LYS L 45 -10.66 -19.58 20.17
CA LYS L 45 -10.40 -20.97 20.50
C LYS L 45 -11.64 -21.83 20.69
N ALA L 46 -12.79 -21.21 20.94
CA ALA L 46 -14.01 -21.98 21.19
C ALA L 46 -15.23 -21.44 20.44
N PRO L 47 -15.29 -21.67 19.11
CA PRO L 47 -16.43 -21.23 18.31
C PRO L 47 -17.73 -22.00 18.62
N LYS L 48 -17.64 -23.30 18.84
CA LYS L 48 -18.84 -24.10 19.14
C LYS L 48 -19.49 -23.64 20.44
N THR L 49 -18.66 -23.30 21.42
CA THR L 49 -19.16 -22.83 22.71
C THR L 49 -19.88 -21.49 22.55
N VAL L 50 -19.30 -20.62 21.73
CA VAL L 50 -19.90 -19.32 21.43
C VAL L 50 -21.26 -19.48 20.75
N ALA L 51 -21.33 -20.41 19.80
CA ALA L 51 -22.56 -20.67 19.06
C ALA L 51 -23.66 -21.21 19.98
N ARG L 52 -23.26 -21.82 21.08
CA ARG L 52 -24.21 -22.37 22.04
C ARG L 52 -24.71 -21.29 22.99
N HIS L 54 -25.59 -18.27 22.07
CA HIS L 54 -26.73 -17.64 21.40
C HIS L 54 -27.98 -18.48 21.57
N ASP L 55 -27.81 -19.70 22.06
CA ASP L 55 -28.91 -20.63 22.26
C ASP L 55 -29.34 -20.67 23.72
N ASP L 56 -28.74 -21.57 24.49
CA ASP L 56 -29.16 -21.80 25.88
C ASP L 56 -28.01 -21.69 26.88
N LEU L 57 -26.78 -21.71 26.38
CA LEU L 57 -25.60 -21.69 27.24
C LEU L 57 -25.32 -20.28 27.76
N ALA L 58 -24.93 -20.20 29.03
CA ALA L 58 -24.59 -18.92 29.64
C ALA L 58 -23.37 -19.05 30.54
N LEU L 59 -22.40 -18.15 30.35
CA LEU L 59 -21.22 -18.11 31.20
C LEU L 59 -21.33 -16.97 32.21
N VAL L 60 -21.69 -17.31 33.44
CA VAL L 60 -21.92 -16.32 34.48
C VAL L 60 -20.70 -16.16 35.40
N THR L 61 -20.26 -14.92 35.58
CA THR L 61 -19.15 -14.62 36.47
C THR L 61 -19.60 -14.74 37.93
N SER L 62 -18.98 -15.64 38.67
CA SER L 62 -19.35 -15.89 40.06
C SER L 62 -18.44 -15.15 41.03
N SER L 63 -17.21 -14.88 40.59
CA SER L 63 -16.23 -14.20 41.44
C SER L 63 -15.11 -13.59 40.61
N CYS L 64 -14.48 -12.54 41.13
CA CYS L 64 -13.34 -11.92 40.49
C CYS L 64 -12.51 -11.13 41.50
N SER L 65 -11.22 -10.99 41.22
CA SER L 65 -10.32 -10.26 42.10
C SER L 65 -9.09 -9.75 41.35
N CYS L 66 -8.36 -8.83 41.96
CA CYS L 66 -7.16 -8.28 41.36
C CYS L 66 -6.25 -7.57 42.38
N GLU L 67 -4.97 -7.88 42.32
CA GLU L 67 -3.99 -7.19 43.16
C GLU L 67 -3.10 -6.30 42.32
N PHE L 68 -2.91 -5.05 42.78
CA PHE L 68 -2.12 -4.07 42.03
C PHE L 68 -0.80 -3.80 42.73
N PHE L 69 0.31 -3.98 42.01
CA PHE L 69 1.64 -3.77 42.57
C PHE L 69 2.25 -2.46 42.07
N SER L 70 2.19 -2.25 40.77
CA SER L 70 2.78 -1.06 40.15
C SER L 70 1.74 -0.29 39.34
N GLU L 71 2.17 0.87 38.83
CA GLU L 71 1.26 1.77 38.12
C GLU L 71 1.38 1.68 36.60
N LEU L 72 0.24 1.80 35.92
CA LEU L 72 0.21 1.89 34.47
C LEU L 72 -0.22 3.29 34.06
N TYR L 73 0.32 3.79 32.95
CA TYR L 73 -0.01 5.14 32.49
C TYR L 73 -0.46 5.15 31.05
N ALA L 74 -0.85 6.33 30.57
CA ALA L 74 -1.29 6.49 29.19
C ALA L 74 -0.20 6.08 28.21
N LEU L 75 -0.61 5.49 27.10
CA LEU L 75 0.30 5.07 26.02
C LEU L 75 1.24 3.94 26.44
N ASP L 76 1.00 3.36 27.61
CA ASP L 76 1.66 2.12 27.99
C ASP L 76 0.98 0.97 27.28
N THR L 77 1.71 -0.11 27.03
CA THR L 77 1.12 -1.32 26.49
C THR L 77 1.19 -2.41 27.55
N VAL L 78 0.02 -2.91 27.95
CA VAL L 78 -0.03 -3.93 28.98
C VAL L 78 -0.34 -5.30 28.38
N SER L 79 0.44 -6.30 28.75
CA SER L 79 0.21 -7.67 28.31
C SER L 79 -0.58 -8.44 29.36
N VAL L 80 -1.85 -8.69 29.08
CA VAL L 80 -2.71 -9.44 29.98
C VAL L 80 -2.65 -10.92 29.65
N ARG L 81 -2.01 -11.69 30.53
CA ARG L 81 -1.76 -13.10 30.25
C ARG L 81 -2.63 -14.03 31.09
N SER L 83 -4.15 -17.68 32.29
CA SER L 83 -3.83 -19.09 32.44
C SER L 83 -4.96 -19.80 33.16
N LEU L 84 -4.99 -21.13 33.06
CA LEU L 84 -6.03 -21.93 33.70
C LEU L 84 -5.60 -22.38 35.09
N VAL L 85 -6.41 -22.02 36.10
CA VAL L 85 -6.14 -22.40 37.47
C VAL L 85 -6.77 -23.76 37.80
N GLY L 86 -8.01 -23.95 37.37
CA GLY L 86 -8.69 -25.20 37.59
C GLY L 86 -10.11 -25.26 37.05
N ILE L 87 -10.55 -26.46 36.67
CA ILE L 87 -11.91 -26.67 36.21
C ILE L 87 -12.65 -27.64 37.15
N ASP L 88 -13.74 -27.17 37.73
CA ASP L 88 -14.54 -28.00 38.63
C ASP L 88 -15.95 -28.20 38.08
N PHE L 89 -16.13 -29.28 37.32
CA PHE L 89 -17.41 -29.62 36.69
C PHE L 89 -17.93 -28.50 35.79
N HIS L 90 -18.52 -27.47 36.40
CA HIS L 90 -19.11 -26.38 35.64
C HIS L 90 -18.43 -25.05 35.92
N GLN L 91 -17.50 -25.04 36.87
CA GLN L 91 -16.82 -23.80 37.25
C GLN L 91 -15.41 -23.74 36.65
N ILE L 92 -15.10 -22.60 36.05
CA ILE L 92 -13.79 -22.37 35.46
C ILE L 92 -13.07 -21.23 36.19
N THR L 93 -11.89 -21.53 36.72
CA THR L 93 -11.09 -20.51 37.40
C THR L 93 -9.89 -20.10 36.55
N GLY L 95 -6.52 -17.48 35.98
CA GLY L 95 -5.54 -16.59 36.57
C GLY L 95 -5.08 -15.55 35.57
N PHE L 96 -4.78 -14.36 36.04
CA PHE L 96 -4.35 -13.28 35.16
C PHE L 96 -3.07 -12.62 35.65
N GLU L 97 -2.13 -12.40 34.72
CA GLU L 97 -0.92 -11.66 35.03
C GLU L 97 -0.78 -10.45 34.12
N TYR L 98 -0.55 -9.30 34.72
CA TYR L 98 -0.46 -8.04 33.98
C TYR L 98 0.99 -7.58 33.86
N TYR L 99 1.49 -7.53 32.64
CA TYR L 99 2.87 -7.09 32.40
C TYR L 99 2.94 -5.79 31.61
N ARG L 100 3.81 -4.89 32.04
CA ARG L 100 4.10 -3.70 31.26
C ARG L 100 5.16 -4.04 30.22
N VAL L 101 4.79 -3.93 28.95
CA VAL L 101 5.69 -4.29 27.86
C VAL L 101 5.87 -3.10 26.91
N THR L 102 5.85 -1.90 27.47
CA THR L 102 5.90 -0.67 26.68
C THR L 102 7.16 -0.54 25.83
N ASP L 103 8.33 -0.80 26.43
CA ASP L 103 9.59 -0.60 25.73
C ASP L 103 10.21 -1.89 25.23
N GLY L 104 9.47 -3.00 25.38
CA GLY L 104 9.97 -4.30 24.95
C GLY L 104 9.96 -5.34 26.05
N PRO L 105 10.90 -5.22 27.00
CA PRO L 105 10.96 -6.13 28.16
C PRO L 105 9.68 -6.08 29.00
N ALA L 106 9.44 -7.15 29.76
CA ALA L 106 8.19 -7.26 30.52
C ALA L 106 8.42 -7.09 32.03
N ARG L 107 7.52 -6.35 32.65
CA ARG L 107 7.55 -6.15 34.10
C ARG L 107 6.16 -6.31 34.69
N LEU L 108 6.04 -7.16 35.71
CA LEU L 108 4.76 -7.43 36.34
C LEU L 108 4.27 -6.22 37.13
N VAL L 109 3.01 -5.84 36.88
CA VAL L 109 2.43 -4.68 37.56
C VAL L 109 1.19 -5.06 38.36
N ALA L 110 0.59 -6.21 38.03
CA ALA L 110 -0.63 -6.66 38.71
C ALA L 110 -0.91 -8.14 38.46
N ARG L 111 -1.70 -8.73 39.36
CA ARG L 111 -2.16 -10.11 39.20
C ARG L 111 -3.64 -10.21 39.57
N GLY L 112 -4.39 -10.98 38.81
CA GLY L 112 -5.81 -11.12 39.04
C GLY L 112 -6.32 -12.54 38.93
N GLU L 113 -7.61 -12.72 39.23
CA GLU L 113 -8.25 -14.03 39.19
C GLU L 113 -9.77 -13.87 39.14
N GLN L 114 -10.44 -14.73 38.37
CA GLN L 114 -11.89 -14.75 38.35
C GLN L 114 -12.43 -16.14 38.05
N THR L 115 -13.65 -16.42 38.50
CA THR L 115 -14.29 -17.71 38.27
C THR L 115 -15.63 -17.53 37.56
N VAL L 116 -15.82 -18.26 36.46
CA VAL L 116 -17.09 -18.25 35.76
C VAL L 116 -17.78 -19.60 35.90
N ALA L 117 -19.08 -19.64 35.64
CA ALA L 117 -19.85 -20.87 35.78
C ALA L 117 -20.71 -21.11 34.54
N CYS L 118 -20.56 -22.29 33.94
CA CYS L 118 -21.35 -22.67 32.78
C CYS L 118 -22.75 -23.12 33.21
N THR L 119 -23.76 -22.28 32.92
CA THR L 119 -25.13 -22.59 33.31
C THR L 119 -26.09 -22.48 32.13
N LEU L 120 -27.21 -23.19 32.22
CA LEU L 120 -28.22 -23.17 31.17
C LEU L 120 -29.38 -22.25 31.53
N ARG L 121 -29.87 -21.50 30.55
CA ARG L 121 -30.99 -20.60 30.76
C ARG L 121 -32.32 -21.29 30.48
N ALA L 122 -33.08 -21.56 31.52
CA ALA L 122 -34.37 -22.23 31.39
C ALA L 122 -35.31 -21.84 32.53
N GLY L 125 -35.23 -21.28 36.05
CA GLY L 125 -34.08 -20.40 36.22
C GLY L 125 -32.81 -20.99 35.64
N LEU L 126 -31.67 -20.48 36.11
CA LEU L 126 -30.37 -20.95 35.63
C LEU L 126 -30.03 -22.32 36.23
N THR L 127 -29.35 -23.14 35.44
CA THR L 127 -28.99 -24.49 35.88
C THR L 127 -27.59 -24.85 35.40
N PRO L 128 -26.73 -25.26 36.35
CA PRO L 128 -25.34 -25.65 36.07
C PRO L 128 -25.24 -26.75 35.03
N VAL L 129 -24.22 -26.68 34.18
CA VAL L 129 -23.97 -27.69 33.17
C VAL L 129 -22.46 -27.87 33.00
N GLU L 130 -22.02 -29.12 32.83
CA GLU L 130 -20.59 -29.42 32.69
C GLU L 130 -19.96 -28.64 31.54
N VAL L 131 -18.74 -28.16 31.77
CA VAL L 131 -18.01 -27.39 30.77
C VAL L 131 -17.87 -28.18 29.48
N PRO L 132 -18.34 -27.60 28.36
CA PRO L 132 -18.29 -28.22 27.02
C PRO L 132 -16.91 -28.77 26.69
N ASP L 133 -16.87 -29.91 26.02
CA ASP L 133 -15.62 -30.59 25.70
C ASP L 133 -14.65 -29.70 24.93
N GLU L 134 -15.18 -28.85 24.06
CA GLU L 134 -14.37 -27.93 23.28
C GLU L 134 -13.69 -26.90 24.18
N LEU L 135 -14.42 -26.40 25.16
CA LEU L 135 -13.92 -25.34 26.04
C LEU L 135 -12.88 -25.88 27.03
N ARG L 136 -13.08 -27.11 27.49
CA ARG L 136 -12.16 -27.71 28.45
C ARG L 136 -10.80 -27.98 27.82
N THR L 137 -10.78 -28.58 26.64
CA THR L 137 -9.54 -28.90 25.95
C THR L 137 -8.79 -27.65 25.50
N ALA L 138 -9.54 -26.59 25.22
CA ALA L 138 -8.95 -25.34 24.78
C ALA L 138 -8.22 -24.65 25.93
N LEU L 139 -8.79 -24.77 27.13
CA LEU L 139 -8.22 -24.16 28.33
C LEU L 139 -7.03 -24.95 28.85
N ASP L 140 -7.01 -26.25 28.58
CA ASP L 140 -5.95 -27.14 29.07
C ASP L 140 -4.58 -26.78 28.50
N ALA L 141 -4.57 -26.09 27.36
CA ALA L 141 -3.32 -25.69 26.73
C ALA L 141 -2.61 -24.61 27.54
N TYR L 142 -3.34 -23.99 28.47
CA TYR L 142 -2.78 -22.92 29.30
C TYR L 142 -2.86 -23.27 30.77
N ALA L 143 -2.54 -24.52 31.11
CA ALA L 143 -2.54 -24.95 32.50
C ALA L 143 -1.18 -25.51 32.90
N PRO L 144 -0.24 -24.62 33.24
CA PRO L 144 1.11 -25.03 33.65
C PRO L 144 1.13 -25.91 34.89
#